data_2XP9
# 
_entry.id   2XP9 
# 
_audit_conform.dict_name       mmcif_pdbx.dic 
_audit_conform.dict_version    5.383 
_audit_conform.dict_location   http://mmcif.pdb.org/dictionaries/ascii/mmcif_pdbx.dic 
# 
loop_
_database_2.database_id 
_database_2.database_code 
_database_2.pdbx_database_accession 
_database_2.pdbx_DOI 
PDB   2XP9         pdb_00002xp9 10.2210/pdb2xp9/pdb 
PDBE  EBI-45163    ?            ?                   
WWPDB D_1290045163 ?            ?                   
# 
loop_
_pdbx_database_related.db_name 
_pdbx_database_related.db_id 
_pdbx_database_related.content_type 
_pdbx_database_related.details 
PDB 1F8A unspecified 'STRUCTURAL BASIS FOR THE PHOSPHOSERINE-PROLINE RECOGNITIONBY GROUP IV WW DOMAINS'                 
PDB 1I8G unspecified 'SOLUTION STRUCTURE OF PIN1 WW DOMAIN COMPLEXED WITH CDC25PHOSPHOTHREONINE PEPTIDE'                
PDB 1PIN unspecified 'PIN1 PEPTIDYL-PROLYL CIS-TRANS ISOMERASE FROM HOMO SAPIENS'                                       
PDB 2XPB unspecified 'DISCOVERY OF CELL-ACTIVE PHENYL-IMIDAZOLE PIN1 INHIBITORS BY STRUCTURE-GUIDED FRAGMENT EVOLUTION' 
PDB 2XP3 unspecified 'DISCOVERY OF CELL-ACTIVE PHENYL-IMIDAZOLE PIN1 INHIBITORS BY STRUCTURE-GUIDED FRAGMENT EVOLUTION' 
PDB 2XP5 unspecified 'DISCOVERY OF CELL-ACTIVE PHENYL-IMIDAZOLE PIN1 INHIBITORS BY STRUCTURE-GUIDED FRAGMENT EVOLUTION' 
PDB 1NMW unspecified 'SOLUTION STRUCTURE OF THE PPIASE DOMAIN OF HUMAN PIN1'                                            
PDB 1ZCN unspecified 'HUMAN PIN1 NG MUTANT'                                                                             
PDB 2XP4 unspecified 'DISCOVERY OF CELL-ACTIVE PHENYL-IMIDAZOLE PIN1 INHIBITORS BY STRUCTURE-GUIDED FRAGMENT EVOLUTION' 
PDB 2F21 unspecified 'HUMAN PIN1 FIP MUTANT'                                                                            
PDB 2XP6 unspecified 'DISCOVERY OF CELL-ACTIVE PHENYL-IMIDAZOLE PIN1 INHIBITORS BY STRUCTURE-GUIDED FRAGMENT EVOLUTION' 
PDB 2XP8 unspecified 'DISCOVERY OF CELL-ACTIVE PHENYL-IMIDAZOLE PIN1 INHIBITORS BY STRUCTURE-GUIDED FRAGMENT EVOLUTION' 
PDB 1NMV unspecified 'SOLUTION STRUCTURE OF HUMAN PIN1'                                                                 
PDB 2XP7 unspecified 'DISCOVERY OF CELL-ACTIVE PHENYL-IMIDAZOLE PIN1 INHIBITORS BY STRUCTURE-GUIDED FRAGMENT EVOLUTION' 
PDB 1I8H unspecified 'SOLUTION STRUCTURE OF PIN1 WW DOMAIN COMPLEXED WITH HUMANTAU PHOSPHOTHREONINE PEPTIDE'            
PDB 2XPA unspecified 'DISCOVERY OF CELL-ACTIVE PHENYL-IMIDAZOLE PIN1 INHIBITORS BY STRUCTURE-GUIDED FRAGMENT EVOLUTION' 
PDB 1I6C unspecified 'SOLUTION STRUCTURE OF PIN1 WW DOMAIN'                                                             
# 
_pdbx_database_status.status_code                     REL 
_pdbx_database_status.entry_id                        2XP9 
_pdbx_database_status.deposit_site                    PDBE 
_pdbx_database_status.process_site                    PDBE 
_pdbx_database_status.SG_entry                        . 
_pdbx_database_status.recvd_initial_deposition_date   2010-08-25 
_pdbx_database_status.pdb_format_compatible           Y 
_pdbx_database_status.status_code_sf                  REL 
_pdbx_database_status.status_code_mr                  ? 
_pdbx_database_status.status_code_cs                  ? 
_pdbx_database_status.methods_development_category    ? 
_pdbx_database_status.status_code_nmr_data            ? 
# 
loop_
_audit_author.name 
_audit_author.pdbx_ordinal 
'Potter, A.'       1  
'Oldfield, V.'     2  
'Nunns, C.'        3  
'Fromont, C.'      4  
'Ray, S.'          5  
'Northfield, C.J.' 6  
'Bryant, C.J.'     7  
'Scrace, S.F.'     8  
'Robinson, D.'     9  
'Matossova, N.'    10 
'Baker, L.'        11 
'Dokurno, P.'      12 
'Surgenor, A.E.'   13 
'Davis, B.E.'      14 
'Richardson, C.M.' 15 
'Murray, J.B.'     16 
'Moore, J.D.'      17 
# 
_citation.id                        primary 
_citation.title                     
'Discovery of Cell-Active Phenyl-Imidazole Pin1 Inhibitors by Structure-Guided Fragment Evolution.' 
_citation.journal_abbrev            Bioorg.Med.Chem.Lett. 
_citation.journal_volume            20 
_citation.page_first                6483 
_citation.page_last                 ? 
_citation.year                      2010 
_citation.journal_id_ASTM           BMCLE8 
_citation.country                   UK 
_citation.journal_id_ISSN           0960-894X 
_citation.journal_id_CSD            1127 
_citation.book_publisher            ? 
_citation.pdbx_database_id_PubMed   20932746 
_citation.pdbx_database_id_DOI      10.1016/J.BMCL.2010.09.063 
# 
loop_
_citation_author.citation_id 
_citation_author.name 
_citation_author.ordinal 
_citation_author.identifier_ORCID 
primary 'Potter, A.'       1  ? 
primary 'Oldfield, V.'     2  ? 
primary 'Nunns, C.'        3  ? 
primary 'Fromont, C.'      4  ? 
primary 'Ray, S.'          5  ? 
primary 'Northfield, C.J.' 6  ? 
primary 'Bryant, C.J.'     7  ? 
primary 'Scrace, S.F.'     8  ? 
primary 'Robinson, D.'     9  ? 
primary 'Matossova, N.'    10 ? 
primary 'Baker, L.'        11 ? 
primary 'Dokurno, P.'      12 ? 
primary 'Surgenor, A.E.'   13 ? 
primary 'Davis, B.'        14 ? 
primary 'Richardson, C.M.' 15 ? 
primary 'Murray, J.B.'     16 ? 
primary 'Moore, J.D.'      17 ? 
# 
_cell.entry_id           2XP9 
_cell.length_a           68.280 
_cell.length_b           68.280 
_cell.length_c           79.538 
_cell.angle_alpha        90.00 
_cell.angle_beta         90.00 
_cell.angle_gamma        120.00 
_cell.Z_PDB              6 
_cell.pdbx_unique_axis   ? 
# 
_symmetry.entry_id                         2XP9 
_symmetry.space_group_name_H-M             'P 31 2 1' 
_symmetry.pdbx_full_space_group_name_H-M   ? 
_symmetry.cell_setting                     ? 
_symmetry.Int_Tables_number                152 
# 
loop_
_entity.id 
_entity.type 
_entity.src_method 
_entity.pdbx_description 
_entity.formula_weight 
_entity.pdbx_number_of_molecules 
_entity.pdbx_ec 
_entity.pdbx_mutation 
_entity.pdbx_fragment 
_entity.details 
1 polymer     man 'PEPTIDYL-PROLYL CIS-TRANS ISOMERASE NIMA-INTERACTING 1'                     18524.525 1   5.2.1.8 YES ? ? 
2 non-polymer syn 'DODECAETHYLENE GLYCOL'                                                      546.646   1   ?       ?   ? ? 
3 non-polymer syn '4-[BENZYL(CARBOXYMETHYL)CARBAMOYL]-2-PHENYL-1H-IMIDAZOLE-5-CARBOXYLIC ACID' 379.366   1   ?       ?   ? ? 
4 water       nat water                                                                        18.015    145 ?       ?   ? ? 
# 
_entity_name_com.entity_id   1 
_entity_name_com.name        'PIN1, PEPTIDYL-PROLYL CIS-TRANS ISOMERASE PIN1, PPIASE PIN1, ROTAMASE PIN1' 
# 
_entity_poly.entity_id                      1 
_entity_poly.type                           'polypeptide(L)' 
_entity_poly.nstd_linkage                   no 
_entity_poly.nstd_monomer                   no 
_entity_poly.pdbx_seq_one_letter_code       
;GSHGMADEEKLPPGWEKAMSRSSGRVYYFNHITNASQWERPSGNSSSGGKNGQGEPARVRCSHLLVKHSQSRRPSSWRQE
KITRTKEEALELINGYIQKIKSGEEDFESLASQFSDCSSAKARGDLGAFSRGQMQKPFEDASFALRTGEMSGPVFTDSGI
HIILRTE
;
_entity_poly.pdbx_seq_one_letter_code_can   
;GSHGMADEEKLPPGWEKAMSRSSGRVYYFNHITNASQWERPSGNSSSGGKNGQGEPARVRCSHLLVKHSQSRRPSSWRQE
KITRTKEEALELINGYIQKIKSGEEDFESLASQFSDCSSAKARGDLGAFSRGQMQKPFEDASFALRTGEMSGPVFTDSGI
HIILRTE
;
_entity_poly.pdbx_strand_id                 A 
_entity_poly.pdbx_target_identifier         ? 
# 
loop_
_entity_poly_seq.entity_id 
_entity_poly_seq.num 
_entity_poly_seq.mon_id 
_entity_poly_seq.hetero 
1 1   GLY n 
1 2   SER n 
1 3   HIS n 
1 4   GLY n 
1 5   MET n 
1 6   ALA n 
1 7   ASP n 
1 8   GLU n 
1 9   GLU n 
1 10  LYS n 
1 11  LEU n 
1 12  PRO n 
1 13  PRO n 
1 14  GLY n 
1 15  TRP n 
1 16  GLU n 
1 17  LYS n 
1 18  ALA n 
1 19  MET n 
1 20  SER n 
1 21  ARG n 
1 22  SER n 
1 23  SER n 
1 24  GLY n 
1 25  ARG n 
1 26  VAL n 
1 27  TYR n 
1 28  TYR n 
1 29  PHE n 
1 30  ASN n 
1 31  HIS n 
1 32  ILE n 
1 33  THR n 
1 34  ASN n 
1 35  ALA n 
1 36  SER n 
1 37  GLN n 
1 38  TRP n 
1 39  GLU n 
1 40  ARG n 
1 41  PRO n 
1 42  SER n 
1 43  GLY n 
1 44  ASN n 
1 45  SER n 
1 46  SER n 
1 47  SER n 
1 48  GLY n 
1 49  GLY n 
1 50  LYS n 
1 51  ASN n 
1 52  GLY n 
1 53  GLN n 
1 54  GLY n 
1 55  GLU n 
1 56  PRO n 
1 57  ALA n 
1 58  ARG n 
1 59  VAL n 
1 60  ARG n 
1 61  CYS n 
1 62  SER n 
1 63  HIS n 
1 64  LEU n 
1 65  LEU n 
1 66  VAL n 
1 67  LYS n 
1 68  HIS n 
1 69  SER n 
1 70  GLN n 
1 71  SER n 
1 72  ARG n 
1 73  ARG n 
1 74  PRO n 
1 75  SER n 
1 76  SER n 
1 77  TRP n 
1 78  ARG n 
1 79  GLN n 
1 80  GLU n 
1 81  LYS n 
1 82  ILE n 
1 83  THR n 
1 84  ARG n 
1 85  THR n 
1 86  LYS n 
1 87  GLU n 
1 88  GLU n 
1 89  ALA n 
1 90  LEU n 
1 91  GLU n 
1 92  LEU n 
1 93  ILE n 
1 94  ASN n 
1 95  GLY n 
1 96  TYR n 
1 97  ILE n 
1 98  GLN n 
1 99  LYS n 
1 100 ILE n 
1 101 LYS n 
1 102 SER n 
1 103 GLY n 
1 104 GLU n 
1 105 GLU n 
1 106 ASP n 
1 107 PHE n 
1 108 GLU n 
1 109 SER n 
1 110 LEU n 
1 111 ALA n 
1 112 SER n 
1 113 GLN n 
1 114 PHE n 
1 115 SER n 
1 116 ASP n 
1 117 CYS n 
1 118 SER n 
1 119 SER n 
1 120 ALA n 
1 121 LYS n 
1 122 ALA n 
1 123 ARG n 
1 124 GLY n 
1 125 ASP n 
1 126 LEU n 
1 127 GLY n 
1 128 ALA n 
1 129 PHE n 
1 130 SER n 
1 131 ARG n 
1 132 GLY n 
1 133 GLN n 
1 134 MET n 
1 135 GLN n 
1 136 LYS n 
1 137 PRO n 
1 138 PHE n 
1 139 GLU n 
1 140 ASP n 
1 141 ALA n 
1 142 SER n 
1 143 PHE n 
1 144 ALA n 
1 145 LEU n 
1 146 ARG n 
1 147 THR n 
1 148 GLY n 
1 149 GLU n 
1 150 MET n 
1 151 SER n 
1 152 GLY n 
1 153 PRO n 
1 154 VAL n 
1 155 PHE n 
1 156 THR n 
1 157 ASP n 
1 158 SER n 
1 159 GLY n 
1 160 ILE n 
1 161 HIS n 
1 162 ILE n 
1 163 ILE n 
1 164 LEU n 
1 165 ARG n 
1 166 THR n 
1 167 GLU n 
# 
_entity_src_gen.entity_id                          1 
_entity_src_gen.pdbx_src_id                        1 
_entity_src_gen.pdbx_alt_source_flag               sample 
_entity_src_gen.pdbx_seq_type                      ? 
_entity_src_gen.pdbx_beg_seq_num                   ? 
_entity_src_gen.pdbx_end_seq_num                   ? 
_entity_src_gen.gene_src_common_name               HUMAN 
_entity_src_gen.gene_src_genus                     ? 
_entity_src_gen.pdbx_gene_src_gene                 ? 
_entity_src_gen.gene_src_species                   ? 
_entity_src_gen.gene_src_strain                    ? 
_entity_src_gen.gene_src_tissue                    ? 
_entity_src_gen.gene_src_tissue_fraction           ? 
_entity_src_gen.gene_src_details                   ? 
_entity_src_gen.pdbx_gene_src_fragment             ? 
_entity_src_gen.pdbx_gene_src_scientific_name      'HOMO SAPIENS' 
_entity_src_gen.pdbx_gene_src_ncbi_taxonomy_id     9606 
_entity_src_gen.pdbx_gene_src_variant              ? 
_entity_src_gen.pdbx_gene_src_cell_line            ? 
_entity_src_gen.pdbx_gene_src_atcc                 ? 
_entity_src_gen.pdbx_gene_src_organ                ? 
_entity_src_gen.pdbx_gene_src_organelle            ? 
_entity_src_gen.pdbx_gene_src_cell                 ? 
_entity_src_gen.pdbx_gene_src_cellular_location    ? 
_entity_src_gen.host_org_common_name               ? 
_entity_src_gen.pdbx_host_org_scientific_name      'ESCHERICHIA COLI' 
_entity_src_gen.pdbx_host_org_ncbi_taxonomy_id     469008 
_entity_src_gen.host_org_genus                     ? 
_entity_src_gen.pdbx_host_org_gene                 ? 
_entity_src_gen.pdbx_host_org_organ                ? 
_entity_src_gen.host_org_species                   ? 
_entity_src_gen.pdbx_host_org_tissue               ? 
_entity_src_gen.pdbx_host_org_tissue_fraction      ? 
_entity_src_gen.pdbx_host_org_strain               'BL21(DE3)' 
_entity_src_gen.pdbx_host_org_variant              ? 
_entity_src_gen.pdbx_host_org_cell_line            ? 
_entity_src_gen.pdbx_host_org_atcc                 ? 
_entity_src_gen.pdbx_host_org_culture_collection   ? 
_entity_src_gen.pdbx_host_org_cell                 ? 
_entity_src_gen.pdbx_host_org_organelle            ? 
_entity_src_gen.pdbx_host_org_cellular_location    ? 
_entity_src_gen.pdbx_host_org_vector_type          PLASMID 
_entity_src_gen.pdbx_host_org_vector               ? 
_entity_src_gen.host_org_details                   ? 
_entity_src_gen.expression_system_id               ? 
_entity_src_gen.plasmid_name                       PET28A 
_entity_src_gen.plasmid_details                    ? 
_entity_src_gen.pdbx_description                   ? 
# 
_struct_ref.id                         1 
_struct_ref.db_name                    UNP 
_struct_ref.db_code                    PIN1_HUMAN 
_struct_ref.entity_id                  1 
_struct_ref.pdbx_seq_one_letter_code   ? 
_struct_ref.pdbx_align_begin           ? 
_struct_ref.pdbx_db_accession          Q13526 
_struct_ref.pdbx_db_isoform            ? 
# 
_struct_ref_seq.align_id                      1 
_struct_ref_seq.ref_id                        1 
_struct_ref_seq.pdbx_PDB_id_code              2XP9 
_struct_ref_seq.pdbx_strand_id                A 
_struct_ref_seq.seq_align_beg                 5 
_struct_ref_seq.pdbx_seq_align_beg_ins_code   ? 
_struct_ref_seq.seq_align_end                 167 
_struct_ref_seq.pdbx_seq_align_end_ins_code   ? 
_struct_ref_seq.pdbx_db_accession             Q13526 
_struct_ref_seq.db_align_beg                  1 
_struct_ref_seq.pdbx_db_align_beg_ins_code    ? 
_struct_ref_seq.db_align_end                  163 
_struct_ref_seq.pdbx_db_align_end_ins_code    ? 
_struct_ref_seq.pdbx_auth_seq_align_beg       1 
_struct_ref_seq.pdbx_auth_seq_align_end       163 
# 
loop_
_struct_ref_seq_dif.align_id 
_struct_ref_seq_dif.pdbx_pdb_id_code 
_struct_ref_seq_dif.mon_id 
_struct_ref_seq_dif.pdbx_pdb_strand_id 
_struct_ref_seq_dif.seq_num 
_struct_ref_seq_dif.pdbx_pdb_ins_code 
_struct_ref_seq_dif.pdbx_seq_db_name 
_struct_ref_seq_dif.pdbx_seq_db_accession_code 
_struct_ref_seq_dif.db_mon_id 
_struct_ref_seq_dif.pdbx_seq_db_seq_num 
_struct_ref_seq_dif.details 
_struct_ref_seq_dif.pdbx_auth_seq_num 
_struct_ref_seq_dif.pdbx_ordinal 
1 2XP9 GLY A 1  ? UNP Q13526 ?   ?  'expression tag'      -3 1 
1 2XP9 SER A 2  ? UNP Q13526 ?   ?  'expression tag'      -2 2 
1 2XP9 HIS A 3  ? UNP Q13526 ?   ?  'expression tag'      -1 3 
1 2XP9 GLY A 4  ? UNP Q13526 ?   ?  'expression tag'      0  4 
1 2XP9 ALA A 18 ? UNP Q13526 ARG 14 'engineered mutation' 14 5 
# 
loop_
_chem_comp.id 
_chem_comp.type 
_chem_comp.mon_nstd_flag 
_chem_comp.name 
_chem_comp.pdbx_synonyms 
_chem_comp.formula 
_chem_comp.formula_weight 
12P non-polymer         . 'DODECAETHYLENE GLYCOL'                                                      
'POLYETHYLENE GLYCOL PEG400' 'C24 H50 O13'    546.646 
4G8 non-polymer         . '4-[BENZYL(CARBOXYMETHYL)CARBAMOYL]-2-PHENYL-1H-IMIDAZOLE-5-CARBOXYLIC ACID' ? 'C20 H17 N3 O5'  379.366 
ALA 'L-peptide linking' y ALANINE                                                                      ? 'C3 H7 N O2'     89.093  
ARG 'L-peptide linking' y ARGININE                                                                     ? 'C6 H15 N4 O2 1' 175.209 
ASN 'L-peptide linking' y ASPARAGINE                                                                   ? 'C4 H8 N2 O3'    132.118 
ASP 'L-peptide linking' y 'ASPARTIC ACID'                                                              ? 'C4 H7 N O4'     133.103 
CYS 'L-peptide linking' y CYSTEINE                                                                     ? 'C3 H7 N O2 S'   121.158 
GLN 'L-peptide linking' y GLUTAMINE                                                                    ? 'C5 H10 N2 O3'   146.144 
GLU 'L-peptide linking' y 'GLUTAMIC ACID'                                                              ? 'C5 H9 N O4'     147.129 
GLY 'peptide linking'   y GLYCINE                                                                      ? 'C2 H5 N O2'     75.067  
HIS 'L-peptide linking' y HISTIDINE                                                                    ? 'C6 H10 N3 O2 1' 156.162 
HOH non-polymer         . WATER                                                                        ? 'H2 O'           18.015  
ILE 'L-peptide linking' y ISOLEUCINE                                                                   ? 'C6 H13 N O2'    131.173 
LEU 'L-peptide linking' y LEUCINE                                                                      ? 'C6 H13 N O2'    131.173 
LYS 'L-peptide linking' y LYSINE                                                                       ? 'C6 H15 N2 O2 1' 147.195 
MET 'L-peptide linking' y METHIONINE                                                                   ? 'C5 H11 N O2 S'  149.211 
PHE 'L-peptide linking' y PHENYLALANINE                                                                ? 'C9 H11 N O2'    165.189 
PRO 'L-peptide linking' y PROLINE                                                                      ? 'C5 H9 N O2'     115.130 
SER 'L-peptide linking' y SERINE                                                                       ? 'C3 H7 N O3'     105.093 
THR 'L-peptide linking' y THREONINE                                                                    ? 'C4 H9 N O3'     119.119 
TRP 'L-peptide linking' y TRYPTOPHAN                                                                   ? 'C11 H12 N2 O2'  204.225 
TYR 'L-peptide linking' y TYROSINE                                                                     ? 'C9 H11 N O3'    181.189 
VAL 'L-peptide linking' y VALINE                                                                       ? 'C5 H11 N O2'    117.146 
# 
_exptl.entry_id          2XP9 
_exptl.method            'X-RAY DIFFRACTION' 
_exptl.crystals_number   1 
# 
_exptl_crystal.id                    1 
_exptl_crystal.density_meas          ? 
_exptl_crystal.density_Matthews      2.87 
_exptl_crystal.density_percent_sol   57 
_exptl_crystal.description           NONE 
_exptl_crystal.preparation           ? 
# 
_exptl_crystal_grow.crystal_id      1 
_exptl_crystal_grow.method          'VAPOR DIFFUSION, HANGING DROP' 
_exptl_crystal_grow.temp            277 
_exptl_crystal_grow.temp_details    ? 
_exptl_crystal_grow.pH              7.5 
_exptl_crystal_grow.pdbx_pH_range   ? 
_exptl_crystal_grow.pdbx_details    
'2.2M AMMONIUM SULPHATE, 0.1M HEPES BUFFER, 1% PEG 400, 5MM DTT, PH 7.5, VAPOR DIFFUSION, HANGING DROP, TEMPERATURE 277.0K' 
# 
_diffrn.id                               1 
_diffrn.ambient_temp                     277.0 
_diffrn.ambient_temp_details             ? 
_diffrn.crystal_id                       1 
_diffrn.pdbx_serial_crystal_experiment   ? 
# 
_diffrn_detector.diffrn_id              1 
_diffrn_detector.detector               'IMAGE PLATE' 
_diffrn_detector.type                   'RIGAKU IMAGE PLATE' 
_diffrn_detector.pdbx_collection_date   ? 
_diffrn_detector.details                MIRRORS 
# 
_diffrn_radiation.diffrn_id                        1 
_diffrn_radiation.wavelength_id                    1 
_diffrn_radiation.pdbx_monochromatic_or_laue_m_l   M 
_diffrn_radiation.monochromator                    'CU FILTER' 
_diffrn_radiation.pdbx_diffrn_protocol             'SINGLE WAVELENGTH' 
_diffrn_radiation.pdbx_scattering_type             x-ray 
# 
_diffrn_radiation_wavelength.id           1 
_diffrn_radiation_wavelength.wavelength   1.5418 
_diffrn_radiation_wavelength.wt           1.0 
# 
_diffrn_source.diffrn_id                   1 
_diffrn_source.source                      'ROTATING ANODE' 
_diffrn_source.type                        'RIGAKU RUH3R' 
_diffrn_source.pdbx_synchrotron_site       ? 
_diffrn_source.pdbx_synchrotron_beamline   ? 
_diffrn_source.pdbx_wavelength             1.5418 
_diffrn_source.pdbx_wavelength_list        ? 
# 
_reflns.pdbx_diffrn_id               1 
_reflns.pdbx_ordinal                 1 
_reflns.entry_id                     2XP9 
_reflns.observed_criterion_sigma_I   2.0 
_reflns.observed_criterion_sigma_F   ? 
_reflns.d_resolution_low             30.00 
_reflns.d_resolution_high            1.90 
_reflns.number_obs                   17294 
_reflns.number_all                   ? 
_reflns.percent_possible_obs         99.6 
_reflns.pdbx_Rmerge_I_obs            0.05 
_reflns.pdbx_Rsym_value              ? 
_reflns.pdbx_netI_over_sigmaI        13.00 
_reflns.B_iso_Wilson_estimate        ? 
_reflns.pdbx_redundancy              3.45 
# 
_reflns_shell.pdbx_diffrn_id         1 
_reflns_shell.pdbx_ordinal           1 
_reflns_shell.d_res_high             1.90 
_reflns_shell.d_res_low              ? 
_reflns_shell.percent_possible_all   96.3 
_reflns_shell.Rmerge_I_obs           0.32 
_reflns_shell.pdbx_Rsym_value        ? 
_reflns_shell.meanI_over_sigI_obs    3.20 
_reflns_shell.pdbx_redundancy        3.45 
# 
_refine.pdbx_refine_id                           'X-RAY DIFFRACTION' 
_refine.entry_id                                 2XP9 
_refine.pdbx_diffrn_id                           1 
_refine.pdbx_TLS_residual_ADP_flag               ? 
_refine.ls_number_reflns_obs                     16415 
_refine.ls_number_reflns_all                     ? 
_refine.pdbx_ls_sigma_I                          ? 
_refine.pdbx_ls_sigma_F                          . 
_refine.pdbx_data_cutoff_high_absF               ? 
_refine.pdbx_data_cutoff_low_absF                ? 
_refine.pdbx_data_cutoff_high_rms_absF           ? 
_refine.ls_d_res_low                             59.13 
_refine.ls_d_res_high                            1.90 
_refine.ls_percent_reflns_obs                    99.56 
_refine.ls_R_factor_obs                          0.19735 
_refine.ls_R_factor_all                          ? 
_refine.ls_R_factor_R_work                       0.19509 
_refine.ls_R_factor_R_free                       0.24023 
_refine.ls_R_factor_R_free_error                 ? 
_refine.ls_R_factor_R_free_error_details         ? 
_refine.ls_percent_reflns_R_free                 5.1 
_refine.ls_number_reflns_R_free                  877 
_refine.ls_number_parameters                     ? 
_refine.ls_number_restraints                     ? 
_refine.occupancy_min                            ? 
_refine.occupancy_max                            ? 
_refine.correlation_coeff_Fo_to_Fc               0.959 
_refine.correlation_coeff_Fo_to_Fc_free          0.930 
_refine.B_iso_mean                               30.027 
_refine.aniso_B[1][1]                            0.95 
_refine.aniso_B[2][2]                            0.95 
_refine.aniso_B[3][3]                            -1.42 
_refine.aniso_B[1][2]                            0.47 
_refine.aniso_B[1][3]                            0.00 
_refine.aniso_B[2][3]                            0.00 
_refine.solvent_model_details                    MASK 
_refine.solvent_model_param_ksol                 ? 
_refine.solvent_model_param_bsol                 ? 
_refine.pdbx_solvent_vdw_probe_radii             1.40 
_refine.pdbx_solvent_ion_probe_radii             0.80 
_refine.pdbx_solvent_shrinkage_radii             0.80 
_refine.pdbx_ls_cross_valid_method               THROUGHOUT 
_refine.details                                  'HYDROGENS HAVE BEEN ADDED IN THE RIDING POSITIONS.' 
_refine.pdbx_starting_model                      'PDB ENTRY 3KCE' 
_refine.pdbx_method_to_determine_struct          'MOLECULAR REPLACEMENT' 
_refine.pdbx_isotropic_thermal_model             ? 
_refine.pdbx_stereochemistry_target_values       'MAXIMUM LIKELIHOOD' 
_refine.pdbx_stereochem_target_val_spec_case     ? 
_refine.pdbx_R_Free_selection_details            RANDOM 
_refine.pdbx_overall_ESU_R                       0.132 
_refine.pdbx_overall_ESU_R_Free                  0.133 
_refine.overall_SU_ML                            0.094 
_refine.pdbx_overall_phase_error                 ? 
_refine.overall_SU_B                             3.254 
_refine.overall_SU_R_Cruickshank_DPI             ? 
_refine.pdbx_overall_SU_R_free_Cruickshank_DPI   ? 
_refine.pdbx_overall_SU_R_Blow_DPI               ? 
_refine.pdbx_overall_SU_R_free_Blow_DPI          ? 
# 
_refine_hist.pdbx_refine_id                   'X-RAY DIFFRACTION' 
_refine_hist.cycle_id                         LAST 
_refine_hist.pdbx_number_atoms_protein        1147 
_refine_hist.pdbx_number_atoms_nucleic_acid   0 
_refine_hist.pdbx_number_atoms_ligand         45 
_refine_hist.number_atoms_solvent             145 
_refine_hist.number_atoms_total               1337 
_refine_hist.d_res_high                       1.90 
_refine_hist.d_res_low                        59.13 
# 
loop_
_refine_ls_restr.type 
_refine_ls_restr.dev_ideal 
_refine_ls_restr.dev_ideal_target 
_refine_ls_restr.weight 
_refine_ls_restr.number 
_refine_ls_restr.pdbx_refine_id 
_refine_ls_restr.pdbx_restraint_function 
r_bond_refined_d             0.025  0.021  ? 1227 'X-RAY DIFFRACTION' ? 
r_bond_other_d               ?      ?      ? ?    'X-RAY DIFFRACTION' ? 
r_angle_refined_deg          2.096  1.977  ? 1643 'X-RAY DIFFRACTION' ? 
r_angle_other_deg            ?      ?      ? ?    'X-RAY DIFFRACTION' ? 
r_dihedral_angle_1_deg       6.677  5.000  ? 144  'X-RAY DIFFRACTION' ? 
r_dihedral_angle_2_deg       33.225 22.241 ? 58   'X-RAY DIFFRACTION' ? 
r_dihedral_angle_3_deg       16.680 15.000 ? 212  'X-RAY DIFFRACTION' ? 
r_dihedral_angle_4_deg       19.442 15.000 ? 14   'X-RAY DIFFRACTION' ? 
r_chiral_restr               0.140  0.200  ? 162  'X-RAY DIFFRACTION' ? 
r_gen_planes_refined         0.011  0.021  ? 945  'X-RAY DIFFRACTION' ? 
r_gen_planes_other           ?      ?      ? ?    'X-RAY DIFFRACTION' ? 
r_nbd_refined                ?      ?      ? ?    'X-RAY DIFFRACTION' ? 
r_nbd_other                  ?      ?      ? ?    'X-RAY DIFFRACTION' ? 
r_nbtor_refined              ?      ?      ? ?    'X-RAY DIFFRACTION' ? 
r_nbtor_other                ?      ?      ? ?    'X-RAY DIFFRACTION' ? 
r_xyhbond_nbd_refined        ?      ?      ? ?    'X-RAY DIFFRACTION' ? 
r_xyhbond_nbd_other          ?      ?      ? ?    'X-RAY DIFFRACTION' ? 
r_metal_ion_refined          ?      ?      ? ?    'X-RAY DIFFRACTION' ? 
r_metal_ion_other            ?      ?      ? ?    'X-RAY DIFFRACTION' ? 
r_symmetry_vdw_refined       ?      ?      ? ?    'X-RAY DIFFRACTION' ? 
r_symmetry_vdw_other         ?      ?      ? ?    'X-RAY DIFFRACTION' ? 
r_symmetry_hbond_refined     ?      ?      ? ?    'X-RAY DIFFRACTION' ? 
r_symmetry_hbond_other       ?      ?      ? ?    'X-RAY DIFFRACTION' ? 
r_symmetry_metal_ion_refined ?      ?      ? ?    'X-RAY DIFFRACTION' ? 
r_symmetry_metal_ion_other   ?      ?      ? ?    'X-RAY DIFFRACTION' ? 
r_mcbond_it                  1.323  1.500  ? 719  'X-RAY DIFFRACTION' ? 
r_mcbond_other               ?      ?      ? ?    'X-RAY DIFFRACTION' ? 
r_mcangle_it                 2.245  2.000  ? 1153 'X-RAY DIFFRACTION' ? 
r_mcangle_other              ?      ?      ? ?    'X-RAY DIFFRACTION' ? 
r_scbond_it                  3.527  3.000  ? 508  'X-RAY DIFFRACTION' ? 
r_scbond_other               ?      ?      ? ?    'X-RAY DIFFRACTION' ? 
r_scangle_it                 5.550  4.500  ? 489  'X-RAY DIFFRACTION' ? 
r_scangle_other              ?      ?      ? ?    'X-RAY DIFFRACTION' ? 
r_long_range_B_refined       ?      ?      ? ?    'X-RAY DIFFRACTION' ? 
r_long_range_B_other         ?      ?      ? ?    'X-RAY DIFFRACTION' ? 
r_rigid_bond_restr           ?      ?      ? ?    'X-RAY DIFFRACTION' ? 
r_sphericity_free            ?      ?      ? ?    'X-RAY DIFFRACTION' ? 
r_sphericity_bonded          ?      ?      ? ?    'X-RAY DIFFRACTION' ? 
# 
_refine_ls_shell.pdbx_refine_id                   'X-RAY DIFFRACTION' 
_refine_ls_shell.pdbx_total_number_of_bins_used   20 
_refine_ls_shell.d_res_high                       1.899 
_refine_ls_shell.d_res_low                        1.949 
_refine_ls_shell.number_reflns_R_work             1140 
_refine_ls_shell.R_factor_R_work                  0.316 
_refine_ls_shell.percent_reflns_obs               95.00 
_refine_ls_shell.R_factor_R_free                  0.373 
_refine_ls_shell.R_factor_R_free_error            ? 
_refine_ls_shell.percent_reflns_R_free            ? 
_refine_ls_shell.number_reflns_R_free             58 
_refine_ls_shell.number_reflns_all                ? 
_refine_ls_shell.R_factor_all                     ? 
# 
_struct.entry_id                  2XP9 
_struct.title                     
'DISCOVERY OF CELL-ACTIVE PHENYL-IMIDAZOLE PIN1 INHIBITORS BY STRUCTURE-GUIDED FRAGMENT EVOLUTION' 
_struct.pdbx_model_details        ? 
_struct.pdbx_CASP_flag            ? 
_struct.pdbx_model_type_details   ? 
# 
_struct_keywords.entry_id        2XP9 
_struct_keywords.pdbx_keywords   ISOMERASE 
_struct_keywords.text            'ISOMERASE, PROLINE DIRECTED KINASE, CELL CYCLE, ONCOGENIC TRANSFORMATION' 
# 
loop_
_struct_asym.id 
_struct_asym.pdbx_blank_PDB_chainid_flag 
_struct_asym.pdbx_modified 
_struct_asym.entity_id 
_struct_asym.details 
A N N 1 ? 
B N N 2 ? 
C N N 3 ? 
D N N 4 ? 
# 
loop_
_struct_conf.conf_type_id 
_struct_conf.id 
_struct_conf.pdbx_PDB_helix_id 
_struct_conf.beg_label_comp_id 
_struct_conf.beg_label_asym_id 
_struct_conf.beg_label_seq_id 
_struct_conf.pdbx_beg_PDB_ins_code 
_struct_conf.end_label_comp_id 
_struct_conf.end_label_asym_id 
_struct_conf.end_label_seq_id 
_struct_conf.pdbx_end_PDB_ins_code 
_struct_conf.beg_auth_comp_id 
_struct_conf.beg_auth_asym_id 
_struct_conf.beg_auth_seq_id 
_struct_conf.end_auth_comp_id 
_struct_conf.end_auth_asym_id 
_struct_conf.end_auth_seq_id 
_struct_conf.pdbx_PDB_helix_class 
_struct_conf.details 
_struct_conf.pdbx_PDB_helix_length 
HELX_P HELX_P1 1 THR A 85  ? SER A 102 ? THR A 81  SER A 98  1 ? 18 
HELX_P HELX_P2 2 ASP A 106 ? SER A 115 ? ASP A 102 SER A 111 1 ? 10 
HELX_P HELX_P3 3 CYS A 117 ? ARG A 123 ? CYS A 113 ARG A 119 5 ? 7  
HELX_P HELX_P4 4 GLN A 135 ? LEU A 145 ? GLN A 131 LEU A 141 1 ? 11 
# 
_struct_conf_type.id          HELX_P 
_struct_conf_type.criteria    ? 
_struct_conf_type.reference   ? 
# 
loop_
_struct_sheet.id 
_struct_sheet.type 
_struct_sheet.number_strands 
_struct_sheet.details 
AA ? 3 ? 
AB ? 4 ? 
# 
loop_
_struct_sheet_order.sheet_id 
_struct_sheet_order.range_id_1 
_struct_sheet_order.range_id_2 
_struct_sheet_order.offset 
_struct_sheet_order.sense 
AA 1 2 ? anti-parallel 
AA 2 3 ? anti-parallel 
AB 1 2 ? anti-parallel 
AB 2 3 ? anti-parallel 
AB 3 4 ? anti-parallel 
# 
loop_
_struct_sheet_range.sheet_id 
_struct_sheet_range.id 
_struct_sheet_range.beg_label_comp_id 
_struct_sheet_range.beg_label_asym_id 
_struct_sheet_range.beg_label_seq_id 
_struct_sheet_range.pdbx_beg_PDB_ins_code 
_struct_sheet_range.end_label_comp_id 
_struct_sheet_range.end_label_asym_id 
_struct_sheet_range.end_label_seq_id 
_struct_sheet_range.pdbx_end_PDB_ins_code 
_struct_sheet_range.beg_auth_comp_id 
_struct_sheet_range.beg_auth_asym_id 
_struct_sheet_range.beg_auth_seq_id 
_struct_sheet_range.end_auth_comp_id 
_struct_sheet_range.end_auth_asym_id 
_struct_sheet_range.end_auth_seq_id 
AA 1 TRP A 15  ? MET A 19  ? TRP A 11  MET A 15  
AA 2 VAL A 26  ? ASN A 30  ? VAL A 22  ASN A 26  
AA 3 SER A 36  ? GLN A 37  ? SER A 32  GLN A 33  
AB 1 ASP A 125 ? SER A 130 ? ASP A 121 SER A 126 
AB 2 ARG A 58  ? VAL A 66  ? ARG A 54  VAL A 62  
AB 3 GLY A 159 ? GLU A 167 ? GLY A 155 GLU A 163 
AB 4 VAL A 154 ? THR A 156 ? VAL A 150 THR A 152 
# 
loop_
_pdbx_struct_sheet_hbond.sheet_id 
_pdbx_struct_sheet_hbond.range_id_1 
_pdbx_struct_sheet_hbond.range_id_2 
_pdbx_struct_sheet_hbond.range_1_label_atom_id 
_pdbx_struct_sheet_hbond.range_1_label_comp_id 
_pdbx_struct_sheet_hbond.range_1_label_asym_id 
_pdbx_struct_sheet_hbond.range_1_label_seq_id 
_pdbx_struct_sheet_hbond.range_1_PDB_ins_code 
_pdbx_struct_sheet_hbond.range_1_auth_atom_id 
_pdbx_struct_sheet_hbond.range_1_auth_comp_id 
_pdbx_struct_sheet_hbond.range_1_auth_asym_id 
_pdbx_struct_sheet_hbond.range_1_auth_seq_id 
_pdbx_struct_sheet_hbond.range_2_label_atom_id 
_pdbx_struct_sheet_hbond.range_2_label_comp_id 
_pdbx_struct_sheet_hbond.range_2_label_asym_id 
_pdbx_struct_sheet_hbond.range_2_label_seq_id 
_pdbx_struct_sheet_hbond.range_2_PDB_ins_code 
_pdbx_struct_sheet_hbond.range_2_auth_atom_id 
_pdbx_struct_sheet_hbond.range_2_auth_comp_id 
_pdbx_struct_sheet_hbond.range_2_auth_asym_id 
_pdbx_struct_sheet_hbond.range_2_auth_seq_id 
AA 1 2 N ALA A 18  ? N ALA A 14  O TYR A 27  ? O TYR A 23  
AA 2 3 N TYR A 28  ? N TYR A 24  O GLN A 37  ? O GLN A 33  
AB 1 2 N PHE A 129 ? N PHE A 125 O VAL A 59  ? O VAL A 55  
AB 2 3 N VAL A 66  ? N VAL A 62  O ILE A 160 ? O ILE A 156 
AB 3 4 N HIS A 161 ? N HIS A 157 O VAL A 154 ? O VAL A 150 
# 
loop_
_struct_site.id 
_struct_site.pdbx_evidence_code 
_struct_site.pdbx_auth_asym_id 
_struct_site.pdbx_auth_comp_id 
_struct_site.pdbx_auth_seq_id 
_struct_site.pdbx_auth_ins_code 
_struct_site.pdbx_num_residues 
_struct_site.details 
AC1 Software A 12P 1164 ? 13 'BINDING SITE FOR RESIDUE 12P A 1164' 
AC2 Software A 4G8 1165 ? 12 'BINDING SITE FOR RESIDUE 4G8 A 1165' 
# 
loop_
_struct_site_gen.id 
_struct_site_gen.site_id 
_struct_site_gen.pdbx_num_res 
_struct_site_gen.label_comp_id 
_struct_site_gen.label_asym_id 
_struct_site_gen.label_seq_id 
_struct_site_gen.pdbx_auth_ins_code 
_struct_site_gen.auth_comp_id 
_struct_site_gen.auth_asym_id 
_struct_site_gen.auth_seq_id 
_struct_site_gen.label_atom_id 
_struct_site_gen.label_alt_id 
_struct_site_gen.symmetry 
_struct_site_gen.details 
1  AC1 13 TYR A 27  ? TYR A 23   . ? 1_555 ? 
2  AC1 13 ALA A 35  ? ALA A 31   . ? 1_555 ? 
3  AC1 13 SER A 36  ? SER A 32   . ? 1_555 ? 
4  AC1 13 TRP A 38  ? TRP A 34   . ? 1_555 ? 
5  AC1 13 ILE A 97  ? ILE A 93   . ? 1_555 ? 
6  AC1 13 LYS A 101 ? LYS A 97   . ? 6_555 ? 
7  AC1 13 LYS A 101 ? LYS A 97   . ? 1_555 ? 
8  AC1 13 SER A 102 ? SER A 98   . ? 6_555 ? 
9  AC1 13 GLY A 152 ? GLY A 148  . ? 1_555 ? 
10 AC1 13 HOH D .   ? HOH A 2012 . ? 1_555 ? 
11 AC1 13 HOH D .   ? HOH A 2032 . ? 1_555 ? 
12 AC1 13 HOH D .   ? HOH A 2134 . ? 1_555 ? 
13 AC1 13 HOH D .   ? HOH A 2143 . ? 1_555 ? 
14 AC2 12 HIS A 63  ? HIS A 59   . ? 1_555 ? 
15 AC2 12 LYS A 67  ? LYS A 63   . ? 1_555 ? 
16 AC2 12 ARG A 72  ? ARG A 68   . ? 1_555 ? 
17 AC2 12 ARG A 73  ? ARG A 69   . ? 1_555 ? 
18 AC2 12 CYS A 117 ? CYS A 113  . ? 1_555 ? 
19 AC2 12 SER A 118 ? SER A 114  . ? 1_555 ? 
20 AC2 12 LEU A 126 ? LEU A 122  . ? 1_555 ? 
21 AC2 12 GLN A 135 ? GLN A 131  . ? 1_555 ? 
22 AC2 12 SER A 158 ? SER A 154  . ? 1_555 ? 
23 AC2 12 HIS A 161 ? HIS A 157  . ? 1_555 ? 
24 AC2 12 HOH D .   ? HOH A 2144 . ? 1_555 ? 
25 AC2 12 HOH D .   ? HOH A 2145 . ? 1_555 ? 
# 
_atom_sites.entry_id                    2XP9 
_atom_sites.fract_transf_matrix[1][1]   0.01455828 
_atom_sites.fract_transf_matrix[1][2]   0.00848411 
_atom_sites.fract_transf_matrix[1][3]   0.00144416 
_atom_sites.fract_transf_matrix[2][1]   0.00559762 
_atom_sites.fract_transf_matrix[2][2]   0.00943981 
_atom_sites.fract_transf_matrix[2][3]   -0.01286617 
_atom_sites.fract_transf_matrix[3][1]   -0.00623327 
_atom_sites.fract_transf_matrix[3][2]   0.00991882 
_atom_sites.fract_transf_matrix[3][3]   0.00456549 
_atom_sites.fract_transf_vector[1]      0.242429 
_atom_sites.fract_transf_vector[2]      -0.390748 
_atom_sites.fract_transf_vector[3]      0.183889 
# 
loop_
_atom_type.symbol 
C 
N 
O 
S 
# 
loop_
_atom_site.group_PDB 
_atom_site.id 
_atom_site.type_symbol 
_atom_site.label_atom_id 
_atom_site.label_alt_id 
_atom_site.label_comp_id 
_atom_site.label_asym_id 
_atom_site.label_entity_id 
_atom_site.label_seq_id 
_atom_site.pdbx_PDB_ins_code 
_atom_site.Cartn_x 
_atom_site.Cartn_y 
_atom_site.Cartn_z 
_atom_site.occupancy 
_atom_site.B_iso_or_equiv 
_atom_site.pdbx_formal_charge 
_atom_site.auth_seq_id 
_atom_site.auth_comp_id 
_atom_site.auth_asym_id 
_atom_site.auth_atom_id 
_atom_site.pdbx_PDB_model_num 
ATOM   1    N N   . LEU A 1 11  ? -11.024 -4.608  18.907  1.00 43.66 ? 7    LEU A N   1 
ATOM   2    C CA  . LEU A 1 11  ? -10.525 -5.094  17.565  1.00 44.39 ? 7    LEU A CA  1 
ATOM   3    C C   . LEU A 1 11  ? -9.034  -4.804  17.505  1.00 44.49 ? 7    LEU A C   1 
ATOM   4    O O   . LEU A 1 11  ? -8.548  -3.912  18.205  1.00 45.39 ? 7    LEU A O   1 
ATOM   5    C CB  . LEU A 1 11  ? -11.250 -4.390  16.401  1.00 44.97 ? 7    LEU A CB  1 
ATOM   6    C CG  . LEU A 1 11  ? -12.763 -4.175  16.511  1.00 45.90 ? 7    LEU A CG  1 
ATOM   7    C CD1 . LEU A 1 11  ? -13.157 -2.705  16.716  1.00 46.94 ? 7    LEU A CD1 1 
ATOM   8    C CD2 . LEU A 1 11  ? -13.475 -4.756  15.332  1.00 46.37 ? 7    LEU A CD2 1 
ATOM   9    N N   . PRO A 1 12  ? -8.282  -5.539  16.679  1.00 44.34 ? 8    PRO A N   1 
ATOM   10   C CA  . PRO A 1 12  ? -6.820  -5.290  16.659  1.00 44.05 ? 8    PRO A CA  1 
ATOM   11   C C   . PRO A 1 12  ? -6.350  -3.825  16.308  1.00 43.84 ? 8    PRO A C   1 
ATOM   12   O O   . PRO A 1 12  ? -7.177  -2.952  15.881  1.00 42.63 ? 8    PRO A O   1 
ATOM   13   C CB  . PRO A 1 12  ? -6.296  -6.309  15.637  1.00 44.29 ? 8    PRO A CB  1 
ATOM   14   C CG  . PRO A 1 12  ? -7.508  -7.224  15.292  1.00 44.61 ? 8    PRO A CG  1 
ATOM   15   C CD  . PRO A 1 12  ? -8.712  -6.395  15.564  1.00 44.14 ? 8    PRO A CD  1 
ATOM   16   N N   . PRO A 1 13  ? -5.031  -3.548  16.489  1.00 42.79 ? 9    PRO A N   1 
ATOM   17   C CA  . PRO A 1 13  ? -4.529  -2.149  16.374  1.00 41.80 ? 9    PRO A CA  1 
ATOM   18   C C   . PRO A 1 13  ? -4.979  -1.422  15.088  1.00 40.63 ? 9    PRO A C   1 
ATOM   19   O O   . PRO A 1 13  ? -4.681  -1.912  13.954  1.00 37.99 ? 9    PRO A O   1 
ATOM   20   C CB  . PRO A 1 13  ? -2.973  -2.309  16.384  1.00 41.31 ? 9    PRO A CB  1 
ATOM   21   C CG  . PRO A 1 13  ? -2.749  -3.583  17.216  1.00 43.42 ? 9    PRO A CG  1 
ATOM   22   C CD  . PRO A 1 13  ? -3.936  -4.504  16.784  1.00 43.27 ? 9    PRO A CD  1 
ATOM   23   N N   . GLY A 1 14  ? -5.679  -0.281  15.288  1.00 39.41 ? 10   GLY A N   1 
ATOM   24   C CA  . GLY A 1 14  ? -6.080  0.617   14.198  1.00 37.86 ? 10   GLY A CA  1 
ATOM   25   C C   . GLY A 1 14  ? -7.488  0.462   13.639  1.00 36.22 ? 10   GLY A C   1 
ATOM   26   O O   . GLY A 1 14  ? -7.890  1.211   12.739  1.00 33.65 ? 10   GLY A O   1 
ATOM   27   N N   . TRP A 1 15  ? -8.234  -0.497  14.168  1.00 36.88 ? 11   TRP A N   1 
ATOM   28   C CA  . TRP A 1 15  ? -9.492  -0.906  13.538  1.00 36.90 ? 11   TRP A CA  1 
ATOM   29   C C   . TRP A 1 15  ? -10.671 -0.233  14.198  1.00 38.55 ? 11   TRP A C   1 
ATOM   30   O O   . TRP A 1 15  ? -10.805 -0.221  15.440  1.00 39.46 ? 11   TRP A O   1 
ATOM   31   C CB  . TRP A 1 15  ? -9.665  -2.452  13.578  1.00 37.01 ? 11   TRP A CB  1 
ATOM   32   C CG  . TRP A 1 15  ? -8.912  -3.223  12.541  1.00 32.08 ? 11   TRP A CG  1 
ATOM   33   C CD1 . TRP A 1 15  ? -7.800  -4.034  12.747  1.00 32.59 ? 11   TRP A CD1 1 
ATOM   34   C CD2 . TRP A 1 15  ? -9.198  -3.300  11.135  1.00 31.34 ? 11   TRP A CD2 1 
ATOM   35   N NE1 . TRP A 1 15  ? -7.367  -4.560  11.547  1.00 33.75 ? 11   TRP A NE1 1 
ATOM   36   C CE2 . TRP A 1 15  ? -8.216  -4.163  10.548  1.00 31.39 ? 11   TRP A CE2 1 
ATOM   37   C CE3 . TRP A 1 15  ? -10.167 -2.715  10.302  1.00 26.07 ? 11   TRP A CE3 1 
ATOM   38   C CZ2 . TRP A 1 15  ? -8.194  -4.454  9.169   1.00 28.00 ? 11   TRP A CZ2 1 
ATOM   39   C CZ3 . TRP A 1 15  ? -10.163 -3.037  8.932   1.00 24.23 ? 11   TRP A CZ3 1 
ATOM   40   C CH2 . TRP A 1 15  ? -9.176  -3.888  8.379   1.00 26.71 ? 11   TRP A CH2 1 
ATOM   41   N N   . GLU A 1 16  ? -11.552 0.309   13.374  1.00 38.31 ? 12   GLU A N   1 
ATOM   42   C CA  . GLU A 1 16  ? -12.779 0.881   13.863  1.00 39.77 ? 12   GLU A CA  1 
ATOM   43   C C   . GLU A 1 16  ? -13.968 0.389   13.006  1.00 39.58 ? 12   GLU A C   1 
ATOM   44   O O   . GLU A 1 16  ? -13.844 0.145   11.797  1.00 37.65 ? 12   GLU A O   1 
ATOM   45   C CB  . GLU A 1 16  ? -12.740 2.419   13.769  1.00 40.46 ? 12   GLU A CB  1 
ATOM   46   C CG  . GLU A 1 16  ? -13.500 2.934   12.477  1.00 46.32 ? 12   GLU A CG  1 
ATOM   47   C CD  . GLU A 1 16  ? -13.154 4.340   11.945  1.00 53.01 ? 12   GLU A CD  1 
ATOM   48   O OE1 . GLU A 1 16  ? -13.974 4.837   11.115  1.00 59.24 ? 12   GLU A OE1 1 
ATOM   49   O OE2 . GLU A 1 16  ? -12.095 4.934   12.305  1.00 53.86 ? 12   GLU A OE2 1 
ATOM   50   N N   . LYS A 1 17  ? -15.128 0.327   13.652  1.00 39.70 ? 13   LYS A N   1 
ATOM   51   C CA  . LYS A 1 17  ? -16.395 -0.008  13.005  1.00 41.95 ? 13   LYS A CA  1 
ATOM   52   C C   . LYS A 1 17  ? -16.981 1.226   12.327  1.00 41.55 ? 13   LYS A C   1 
ATOM   53   O O   . LYS A 1 17  ? -16.938 2.340   12.870  1.00 42.76 ? 13   LYS A O   1 
ATOM   54   C CB  . LYS A 1 17  ? -17.357 -0.611  14.058  1.00 43.06 ? 13   LYS A CB  1 
ATOM   55   C CG  . LYS A 1 17  ? -18.644 -1.225  13.471  1.00 46.34 ? 13   LYS A CG  1 
ATOM   56   C CD  . LYS A 1 17  ? -19.569 -1.799  14.563  1.00 53.87 ? 13   LYS A CD  1 
ATOM   57   C CE  . LYS A 1 17  ? -19.557 -3.317  14.601  1.00 56.72 ? 13   LYS A CE  1 
ATOM   58   N NZ  . LYS A 1 17  ? -20.079 -3.785  15.940  1.00 60.02 ? 13   LYS A NZ  1 
ATOM   59   N N   . ALA A 1 18  ? -17.500 1.056   11.130  1.00 41.23 ? 14   ALA A N   1 
ATOM   60   C CA  . ALA A 1 18  ? -18.021 2.167   10.362  1.00 42.26 ? 14   ALA A CA  1 
ATOM   61   C C   . ALA A 1 18  ? -19.262 1.700   9.620   1.00 43.77 ? 14   ALA A C   1 
ATOM   62   O O   . ALA A 1 18  ? -19.595 0.504   9.608   1.00 42.93 ? 14   ALA A O   1 
ATOM   63   C CB  . ALA A 1 18  ? -16.971 2.669   9.325   1.00 40.97 ? 14   ALA A CB  1 
ATOM   64   N N   . MET A 1 19  ? -19.904 2.644   8.950   1.00 45.47 ? 15   MET A N   1 
ATOM   65   C CA  . MET A 1 19  ? -21.106 2.343   8.226   1.00 47.64 ? 15   MET A CA  1 
ATOM   66   C C   . MET A 1 19  ? -20.963 2.734   6.784   1.00 46.39 ? 15   MET A C   1 
ATOM   67   O O   . MET A 1 19  ? -20.520 3.846   6.488   1.00 45.43 ? 15   MET A O   1 
ATOM   68   C CB  . MET A 1 19  ? -22.301 3.071   8.853   1.00 49.16 ? 15   MET A CB  1 
ATOM   69   C CG  . MET A 1 19  ? -23.633 2.702   8.184   1.00 56.06 ? 15   MET A CG  1 
ATOM   70   S SD  . MET A 1 19  ? -25.028 3.160   9.251   1.00 71.57 ? 15   MET A SD  1 
ATOM   71   C CE  . MET A 1 19  ? -25.045 4.985   9.147   1.00 69.66 ? 15   MET A CE  1 
ATOM   72   N N   . SER A 1 20  ? -21.353 1.830   5.893   1.00 45.25 ? 16   SER A N   1 
ATOM   73   C CA  . SER A 1 20  ? -21.209 2.070   4.463   1.00 46.52 ? 16   SER A CA  1 
ATOM   74   C C   . SER A 1 20  ? -22.161 3.166   3.916   1.00 47.19 ? 16   SER A C   1 
ATOM   75   O O   . SER A 1 20  ? -23.339 3.171   4.255   1.00 45.24 ? 16   SER A O   1 
ATOM   76   C CB  . SER A 1 20  ? -21.492 0.787   3.718   1.00 45.77 ? 16   SER A CB  1 
ATOM   77   O OG  . SER A 1 20  ? -21.654 1.099   2.355   1.00 48.09 ? 16   SER A OG  1 
ATOM   78   N N   . ARG A 1 21  ? -21.631 4.044   3.059   1.00 49.42 ? 17   ARG A N   1 
ATOM   79   C CA  . ARG A 1 21  ? -22.385 5.155   2.423   1.00 51.71 ? 17   ARG A CA  1 
ATOM   80   C C   . ARG A 1 21  ? -23.465 4.678   1.476   1.00 52.85 ? 17   ARG A C   1 
ATOM   81   O O   . ARG A 1 21  ? -24.486 5.350   1.352   1.00 52.92 ? 17   ARG A O   1 
ATOM   82   C CB  . ARG A 1 21  ? -21.487 6.036   1.542   1.00 51.93 ? 17   ARG A CB  1 
ATOM   83   C CG  . ARG A 1 21  ? -20.976 7.335   2.081   1.00 52.05 ? 17   ARG A CG  1 
ATOM   84   C CD  . ARG A 1 21  ? -21.888 8.043   3.025   1.00 53.72 ? 17   ARG A CD  1 
ATOM   85   N NE  . ARG A 1 21  ? -21.066 8.340   4.197   1.00 56.40 ? 17   ARG A NE  1 
ATOM   86   C CZ  . ARG A 1 21  ? -20.199 9.351   4.303   1.00 53.57 ? 17   ARG A CZ  1 
ATOM   87   N NH1 . ARG A 1 21  ? -20.051 10.256  3.324   1.00 50.91 ? 17   ARG A NH1 1 
ATOM   88   N NH2 . ARG A 1 21  ? -19.499 9.453   5.425   1.00 52.79 ? 17   ARG A NH2 1 
ATOM   89   N N   . SER A 1 22  ? -23.218 3.574   0.747   1.00 53.67 ? 18   SER A N   1 
ATOM   90   C CA  . SER A 1 22  ? -24.201 3.084   -0.245  1.00 53.55 ? 18   SER A CA  1 
ATOM   91   C C   . SER A 1 22  ? -25.234 2.187   0.372   1.00 53.15 ? 18   SER A C   1 
ATOM   92   O O   . SER A 1 22  ? -26.440 2.309   0.093   1.00 53.97 ? 18   SER A O   1 
ATOM   93   C CB  . SER A 1 22  ? -23.541 2.306   -1.374  1.00 54.51 ? 18   SER A CB  1 
ATOM   94   O OG  . SER A 1 22  ? -22.307 2.890   -1.778  1.00 56.12 ? 18   SER A OG  1 
ATOM   95   N N   . SER A 1 23  ? -24.768 1.269   1.211   1.00 51.68 ? 19   SER A N   1 
ATOM   96   C CA  . SER A 1 23  ? -25.568 0.137   1.549   1.00 50.11 ? 19   SER A CA  1 
ATOM   97   C C   . SER A 1 23  ? -26.146 0.296   2.923   1.00 48.70 ? 19   SER A C   1 
ATOM   98   O O   . SER A 1 23  ? -27.184 -0.288  3.211   1.00 48.41 ? 19   SER A O   1 
ATOM   99   C CB  . SER A 1 23  ? -24.726 -1.144  1.452   1.00 51.12 ? 19   SER A CB  1 
ATOM   100  O OG  . SER A 1 23  ? -23.648 -1.137  2.375   1.00 52.32 ? 19   SER A OG  1 
ATOM   101  N N   . GLY A 1 24  ? -25.475 1.083   3.775   1.00 46.32 ? 20   GLY A N   1 
ATOM   102  C CA  . GLY A 1 24  ? -25.827 1.136   5.209   1.00 43.70 ? 20   GLY A CA  1 
ATOM   103  C C   . GLY A 1 24  ? -25.269 -0.037  6.017   1.00 42.86 ? 20   GLY A C   1 
ATOM   104  O O   . GLY A 1 24  ? -25.455 -0.112  7.252   1.00 42.51 ? 20   GLY A O   1 
ATOM   105  N N   . ARG A 1 25  ? -24.586 -0.980  5.353   1.00 40.85 ? 21   ARG A N   1 
ATOM   106  C CA  . ARG A 1 25  ? -24.005 -2.110  6.092   1.00 40.06 ? 21   ARG A CA  1 
ATOM   107  C C   . ARG A 1 25  ? -22.728 -1.730  6.881   1.00 38.41 ? 21   ARG A C   1 
ATOM   108  O O   . ARG A 1 25  ? -21.947 -0.911  6.441   1.00 37.97 ? 21   ARG A O   1 
ATOM   109  C CB  . ARG A 1 25  ? -23.699 -3.285  5.133   1.00 40.78 ? 21   ARG A CB  1 
ATOM   110  C CG  . ARG A 1 25  ? -24.612 -4.503  5.346   1.00 42.92 ? 21   ARG A CG  1 
ATOM   111  C CD  . ARG A 1 25  ? -24.091 -5.717  4.518   1.00 43.76 ? 21   ARG A CD  1 
ATOM   112  N NE  . ARG A 1 25  ? -23.842 -5.272  3.142   1.00 42.44 ? 21   ARG A NE  1 
ATOM   113  C CZ  . ARG A 1 25  ? -22.722 -5.431  2.437   1.00 40.77 ? 21   ARG A CZ  1 
ATOM   114  N NH1 . ARG A 1 25  ? -21.679 -6.143  2.896   1.00 33.57 ? 21   ARG A NH1 1 
ATOM   115  N NH2 . ARG A 1 25  ? -22.696 -4.925  1.190   1.00 40.69 ? 21   ARG A NH2 1 
ATOM   116  N N   . VAL A 1 26  ? -22.551 -2.324  8.051   1.00 37.06 ? 22   VAL A N   1 
ATOM   117  C CA  . VAL A 1 26  ? -21.301 -2.220  8.830   1.00 36.77 ? 22   VAL A CA  1 
ATOM   118  C C   . VAL A 1 26  ? -20.047 -2.724  8.013   1.00 35.55 ? 22   VAL A C   1 
ATOM   119  O O   . VAL A 1 26  ? -20.120 -3.722  7.294   1.00 33.53 ? 22   VAL A O   1 
ATOM   120  C CB  . VAL A 1 26  ? -21.430 -3.057  10.168  1.00 36.39 ? 22   VAL A CB  1 
ATOM   121  C CG1 . VAL A 1 26  ? -20.118 -3.148  10.898  1.00 39.14 ? 22   VAL A CG1 1 
ATOM   122  C CG2 . VAL A 1 26  ? -22.530 -2.463  11.097  1.00 39.31 ? 22   VAL A CG2 1 
ATOM   123  N N   . TYR A 1 27  ? -18.915 -2.025  8.142   1.00 33.11 ? 23   TYR A N   1 
ATOM   124  C CA  . TYR A 1 27  ? -17.677 -2.530  7.609   1.00 30.60 ? 23   TYR A CA  1 
ATOM   125  C C   . TYR A 1 27  ? -16.624 -2.038  8.581   1.00 29.88 ? 23   TYR A C   1 
ATOM   126  O O   . TYR A 1 27  ? -16.971 -1.382  9.597   1.00 29.69 ? 23   TYR A O   1 
ATOM   127  C CB  . TYR A 1 27  ? -17.433 -2.042  6.182   1.00 30.61 ? 23   TYR A CB  1 
ATOM   128  C CG  . TYR A 1 27  ? -17.072 -0.593  6.063   1.00 32.14 ? 23   TYR A CG  1 
ATOM   129  C CD1 . TYR A 1 27  ? -15.734 -0.200  5.864   1.00 36.30 ? 23   TYR A CD1 1 
ATOM   130  C CD2 . TYR A 1 27  ? -18.067 0.405   6.119   1.00 35.79 ? 23   TYR A CD2 1 
ATOM   131  C CE1 . TYR A 1 27  ? -15.378 1.175   5.754   1.00 35.35 ? 23   TYR A CE1 1 
ATOM   132  C CE2 . TYR A 1 27  ? -17.743 1.751   6.007   1.00 34.88 ? 23   TYR A CE2 1 
ATOM   133  C CZ  . TYR A 1 27  ? -16.412 2.132   5.826   1.00 34.66 ? 23   TYR A CZ  1 
ATOM   134  O OH  . TYR A 1 27  ? -16.116 3.471   5.707   1.00 37.41 ? 23   TYR A OH  1 
ATOM   135  N N   . TYR A 1 28  ? -15.364 -2.342  8.289   1.00 27.44 ? 24   TYR A N   1 
ATOM   136  C CA  . TYR A 1 28  ? -14.303 -2.083  9.220   1.00 26.52 ? 24   TYR A CA  1 
ATOM   137  C C   . TYR A 1 28  ? -13.205 -1.323  8.476   1.00 26.61 ? 24   TYR A C   1 
ATOM   138  O O   . TYR A 1 28  ? -12.907 -1.660  7.326   1.00 26.28 ? 24   TYR A O   1 
ATOM   139  C CB  . TYR A 1 28  ? -13.832 -3.415  9.867   1.00 28.05 ? 24   TYR A CB  1 
ATOM   140  C CG  . TYR A 1 28  ? -14.957 -4.058  10.673  1.00 29.14 ? 24   TYR A CG  1 
ATOM   141  C CD1 . TYR A 1 28  ? -15.885 -4.932  10.059  1.00 35.40 ? 24   TYR A CD1 1 
ATOM   142  C CD2 . TYR A 1 28  ? -15.145 -3.739  12.026  1.00 36.69 ? 24   TYR A CD2 1 
ATOM   143  C CE1 . TYR A 1 28  ? -16.971 -5.524  10.812  1.00 38.75 ? 24   TYR A CE1 1 
ATOM   144  C CE2 . TYR A 1 28  ? -16.225 -4.296  12.794  1.00 36.22 ? 24   TYR A CE2 1 
ATOM   145  C CZ  . TYR A 1 28  ? -17.104 -5.204  12.189  1.00 40.27 ? 24   TYR A CZ  1 
ATOM   146  O OH  . TYR A 1 28  ? -18.164 -5.731  12.960  1.00 41.43 ? 24   TYR A OH  1 
ATOM   147  N N   . PHE A 1 29  ? -12.609 -0.318  9.140   1.00 24.04 ? 25   PHE A N   1 
ATOM   148  C CA  . PHE A 1 29  ? -11.649 0.592   8.527   1.00 25.40 ? 25   PHE A CA  1 
ATOM   149  C C   . PHE A 1 29  ? -10.460 0.603   9.471   1.00 24.83 ? 25   PHE A C   1 
ATOM   150  O O   . PHE A 1 29  ? -10.620 0.649   10.716  1.00 24.44 ? 25   PHE A O   1 
ATOM   151  C CB  . PHE A 1 29  ? -12.207 2.028   8.420   1.00 26.93 ? 25   PHE A CB  1 
ATOM   152  C CG  . PHE A 1 29  ? -11.207 3.006   7.965   1.00 29.77 ? 25   PHE A CG  1 
ATOM   153  C CD1 . PHE A 1 29  ? -10.745 4.037   8.825   1.00 31.93 ? 25   PHE A CD1 1 
ATOM   154  C CD2 . PHE A 1 29  ? -10.667 2.906   6.647   1.00 31.25 ? 25   PHE A CD2 1 
ATOM   155  C CE1 . PHE A 1 29  ? -9.772  4.977   8.348   1.00 31.36 ? 25   PHE A CE1 1 
ATOM   156  C CE2 . PHE A 1 29  ? -9.666  3.831   6.208   1.00 31.59 ? 25   PHE A CE2 1 
ATOM   157  C CZ  . PHE A 1 29  ? -9.237  4.848   7.040   1.00 33.97 ? 25   PHE A CZ  1 
ATOM   158  N N   . ASN A 1 30  ? -9.275  0.516   8.887   1.00 23.44 ? 26   ASN A N   1 
ATOM   159  C CA  . ASN A 1 30  ? -8.070  0.586   9.692   1.00 23.11 ? 26   ASN A CA  1 
ATOM   160  C C   . ASN A 1 30  ? -7.398  1.917   9.410   1.00 22.18 ? 26   ASN A C   1 
ATOM   161  O O   . ASN A 1 30  ? -6.970  2.179   8.289   1.00 21.95 ? 26   ASN A O   1 
ATOM   162  C CB  . ASN A 1 30  ? -7.099  -0.651  9.443   1.00 23.35 ? 26   ASN A CB  1 
ATOM   163  C CG  . ASN A 1 30  ? -5.966  -0.663  10.439  1.00 24.42 ? 26   ASN A CG  1 
ATOM   164  O OD1 . ASN A 1 30  ? -5.230  0.296   10.528  1.00 24.78 ? 26   ASN A OD1 1 
ATOM   165  N ND2 . ASN A 1 30  ? -5.882  -1.684  11.232  1.00 25.43 ? 26   ASN A ND2 1 
ATOM   166  N N   . HIS A 1 31  ? -7.312  2.822   10.395  1.00 22.33 ? 27   HIS A N   1 
ATOM   167  C CA  . HIS A 1 31  ? -6.762  4.128   10.077  1.00 20.93 ? 27   HIS A CA  1 
ATOM   168  C C   . HIS A 1 31  ? -5.229  4.155   10.049  1.00 21.66 ? 27   HIS A C   1 
ATOM   169  O O   . HIS A 1 31  ? -4.657  5.205   9.743   1.00 22.69 ? 27   HIS A O   1 
ATOM   170  C CB  . HIS A 1 31  ? -7.299  5.194   11.102  1.00 20.65 ? 27   HIS A CB  1 
ATOM   171  C CG  . HIS A 1 31  ? -6.904  4.878   12.534  1.00 22.17 ? 27   HIS A CG  1 
ATOM   172  N ND1 . HIS A 1 31  ? -5.701  5.283   13.088  1.00 26.08 ? 27   HIS A ND1 1 
ATOM   173  C CD2 . HIS A 1 31  ? -7.540  4.172   13.496  1.00 23.40 ? 27   HIS A CD2 1 
ATOM   174  C CE1 . HIS A 1 31  ? -5.616  4.837   14.332  1.00 24.38 ? 27   HIS A CE1 1 
ATOM   175  N NE2 . HIS A 1 31  ? -6.712  4.148   14.597  1.00 27.49 ? 27   HIS A NE2 1 
ATOM   176  N N   . ILE A 1 32  ? -4.577  3.033   10.325  1.00 21.39 ? 28   ILE A N   1 
ATOM   177  C CA  . ILE A 1 32  ? -3.120  2.947   10.285  1.00 22.39 ? 28   ILE A CA  1 
ATOM   178  C C   . ILE A 1 32  ? -2.748  2.395   8.871   1.00 22.89 ? 28   ILE A C   1 
ATOM   179  O O   . ILE A 1 32  ? -1.857  2.940   8.261   1.00 22.62 ? 28   ILE A O   1 
ATOM   180  C CB  . ILE A 1 32  ? -2.489  2.087   11.409  1.00 24.68 ? 28   ILE A CB  1 
ATOM   181  C CG1 . ILE A 1 32  ? -2.961  2.524   12.834  1.00 25.31 ? 28   ILE A CG1 1 
ATOM   182  C CG2 . ILE A 1 32  ? -0.916  2.063   11.211  1.00 22.02 ? 28   ILE A CG2 1 
ATOM   183  C CD1 . ILE A 1 32  ? -2.681  1.490   13.942  1.00 29.97 ? 28   ILE A CD1 1 
ATOM   184  N N   . THR A 1 33  ? -3.484  1.417   8.326   1.00 21.50 ? 29   THR A N   1 
ATOM   185  C CA  . THR A 1 33  ? -3.128  0.851   6.975   1.00 20.59 ? 29   THR A CA  1 
ATOM   186  C C   . THR A 1 33  ? -3.973  1.418   5.843   1.00 21.23 ? 29   THR A C   1 
ATOM   187  O O   . THR A 1 33  ? -3.641  1.206   4.640   1.00 19.57 ? 29   THR A O   1 
ATOM   188  C CB  . THR A 1 33  ? -3.339  -0.659  6.975   1.00 19.50 ? 29   THR A CB  1 
ATOM   189  O OG1 . THR A 1 33  ? -4.696  -0.923  7.341   1.00 18.45 ? 29   THR A OG1 1 
ATOM   190  C CG2 . THR A 1 33  ? -2.491  -1.297  8.068   1.00 20.83 ? 29   THR A CG2 1 
ATOM   191  N N   . ASN A 1 34  ? -5.074  2.103   6.240   1.00 19.93 ? 30   ASN A N   1 
ATOM   192  C CA  . ASN A 1 34  ? -6.106  2.549   5.292   1.00 18.90 ? 30   ASN A CA  1 
ATOM   193  C C   . ASN A 1 34  ? -6.818  1.345   4.638   1.00 19.42 ? 30   ASN A C   1 
ATOM   194  O O   . ASN A 1 34  ? -7.485  1.504   3.607   1.00 20.30 ? 30   ASN A O   1 
ATOM   195  C CB  . ASN A 1 34  ? -5.515  3.492   4.256   1.00 19.88 ? 30   ASN A CB  1 
ATOM   196  C CG  . ASN A 1 34  ? -5.280  4.947   4.856   1.00 23.46 ? 30   ASN A CG  1 
ATOM   197  O OD1 . ASN A 1 34  ? -4.312  5.642   4.528   1.00 22.66 ? 30   ASN A OD1 1 
ATOM   198  N ND2 . ASN A 1 34  ? -6.157  5.328   5.775   1.00 19.16 ? 30   ASN A ND2 1 
ATOM   199  N N   . ALA A 1 35  ? -6.681  0.149   5.232   1.00 19.69 ? 31   ALA A N   1 
ATOM   200  C CA  . ALA A 1 35  ? -7.454  -0.997  4.687   1.00 20.51 ? 31   ALA A CA  1 
ATOM   201  C C   . ALA A 1 35  ? -8.953  -0.849  5.086   1.00 22.69 ? 31   ALA A C   1 
ATOM   202  O O   . ALA A 1 35  ? -9.291  -0.230  6.111   1.00 21.50 ? 31   ALA A O   1 
ATOM   203  C CB  . ALA A 1 35  ? -6.885  -2.364  5.216   1.00 20.80 ? 31   ALA A CB  1 
ATOM   204  N N   . SER A 1 36  ? -9.852  -1.348  4.229   1.00 22.47 ? 32   SER A N   1 
ATOM   205  C CA  . SER A 1 36  ? -11.231 -1.501  4.603   1.00 26.03 ? 32   SER A CA  1 
ATOM   206  C C   . SER A 1 36  ? -11.734 -2.854  4.115   1.00 27.35 ? 32   SER A C   1 
ATOM   207  O O   . SER A 1 36  ? -11.313 -3.325  3.054   1.00 26.51 ? 32   SER A O   1 
ATOM   208  C CB  . SER A 1 36  ? -12.098 -0.349  4.007   1.00 24.50 ? 32   SER A CB  1 
ATOM   209  O OG  . SER A 1 36  ? -11.707 -0.133  2.681   1.00 29.52 ? 32   SER A OG  1 
ATOM   210  N N   . GLN A 1 37  ? -12.598 -3.476  4.914   1.00 28.35 ? 33   GLN A N   1 
ATOM   211  C CA  . GLN A 1 37  ? -13.096 -4.846  4.663   1.00 29.09 ? 33   GLN A CA  1 
ATOM   212  C C   . GLN A 1 37  ? -14.504 -4.998  5.325   1.00 30.50 ? 33   GLN A C   1 
ATOM   213  O O   . GLN A 1 37  ? -14.828 -4.316  6.336   1.00 30.78 ? 33   GLN A O   1 
ATOM   214  C CB  . GLN A 1 37  ? -12.099 -5.870  5.213   1.00 28.44 ? 33   GLN A CB  1 
ATOM   215  C CG  . GLN A 1 37  ? -12.089 -6.014  6.732   1.00 29.20 ? 33   GLN A CG  1 
ATOM   216  C CD  . GLN A 1 37  ? -11.071 -7.056  7.206   1.00 34.25 ? 33   GLN A CD  1 
ATOM   217  O OE1 . GLN A 1 37  ? -9.893  -6.963  6.893   1.00 33.25 ? 33   GLN A OE1 1 
ATOM   218  N NE2 . GLN A 1 37  ? -11.519 -8.020  8.002   1.00 32.29 ? 33   GLN A NE2 1 
ATOM   219  N N   . TRP A 1 38  ? -15.351 -5.851  4.731   1.00 31.19 ? 34   TRP A N   1 
ATOM   220  C CA  . TRP A 1 38  ? -16.655 -6.208  5.311   1.00 31.64 ? 34   TRP A CA  1 
ATOM   221  C C   . TRP A 1 38  ? -16.597 -7.018  6.625   1.00 33.06 ? 34   TRP A C   1 
ATOM   222  O O   . TRP A 1 38  ? -17.320 -6.721  7.599   1.00 31.26 ? 34   TRP A O   1 
ATOM   223  C CB  . TRP A 1 38  ? -17.558 -6.866  4.211   1.00 30.65 ? 34   TRP A CB  1 
ATOM   224  C CG  . TRP A 1 38  ? -17.877 -5.937  3.077   1.00 29.00 ? 34   TRP A CG  1 
ATOM   225  C CD1 . TRP A 1 38  ? -17.471 -6.036  1.747   1.00 28.12 ? 34   TRP A CD1 1 
ATOM   226  C CD2 . TRP A 1 38  ? -18.696 -4.757  3.152   1.00 31.02 ? 34   TRP A CD2 1 
ATOM   227  N NE1 . TRP A 1 38  ? -17.997 -4.989  1.004   1.00 31.79 ? 34   TRP A NE1 1 
ATOM   228  C CE2 . TRP A 1 38  ? -18.739 -4.185  1.841   1.00 32.22 ? 34   TRP A CE2 1 
ATOM   229  C CE3 . TRP A 1 38  ? -19.444 -4.157  4.191   1.00 32.38 ? 34   TRP A CE3 1 
ATOM   230  C CZ2 . TRP A 1 38  ? -19.458 -3.015  1.560   1.00 32.47 ? 34   TRP A CZ2 1 
ATOM   231  C CZ3 . TRP A 1 38  ? -20.153 -3.018  3.919   1.00 30.30 ? 34   TRP A CZ3 1 
ATOM   232  C CH2 . TRP A 1 38  ? -20.145 -2.432  2.618   1.00 34.23 ? 34   TRP A CH2 1 
ATOM   233  N N   . GLU A 1 39  ? -15.752 -8.041  6.709   1.00 34.88 ? 35   GLU A N   1 
ATOM   234  C CA  . GLU A 1 39  ? -15.799 -8.894  7.910   1.00 38.15 ? 35   GLU A CA  1 
ATOM   235  C C   . GLU A 1 39  ? -15.040 -8.342  9.137   1.00 40.24 ? 35   GLU A C   1 
ATOM   236  O O   . GLU A 1 39  ? -14.098 -7.538  8.955   1.00 39.53 ? 35   GLU A O   1 
ATOM   237  C CB  . GLU A 1 39  ? -15.341 -10.308 7.560   1.00 38.69 ? 35   GLU A CB  1 
ATOM   238  C CG  . GLU A 1 39  ? -14.491 -10.264 6.354   1.00 43.71 ? 35   GLU A CG  1 
ATOM   239  C CD  . GLU A 1 39  ? -14.832 -11.351 5.393   1.00 48.96 ? 35   GLU A CD  1 
ATOM   240  O OE1 . GLU A 1 39  ? -14.948 -12.528 5.797   1.00 51.90 ? 35   GLU A OE1 1 
ATOM   241  O OE2 . GLU A 1 39  ? -14.978 -10.987 4.099   1.00 45.33 ? 35   GLU A OE2 1 
ATOM   242  N N   . ARG A 1 40  ? -15.483 -8.700  10.357  1.00 42.05 ? 36   ARG A N   1 
ATOM   243  C CA  . ARG A 1 40  ? -14.809 -8.207  11.555  1.00 46.56 ? 36   ARG A CA  1 
ATOM   244  C C   . ARG A 1 40  ? -13.354 -8.739  11.562  1.00 47.81 ? 36   ARG A C   1 
ATOM   245  O O   . ARG A 1 40  ? -13.131 -9.938  11.363  1.00 48.08 ? 36   ARG A O   1 
ATOM   246  C CB  . ARG A 1 40  ? -15.574 -8.525  12.873  1.00 47.54 ? 36   ARG A CB  1 
ATOM   247  C CG  . ARG A 1 40  ? -14.714 -8.429  14.178  1.00 50.44 ? 36   ARG A CG  1 
ATOM   248  C CD  . ARG A 1 40  ? -15.518 -8.612  15.515  1.00 56.87 ? 36   ARG A CD  1 
ATOM   249  N NE  . ARG A 1 40  ? -16.547 -7.575  15.644  1.00 60.80 ? 36   ARG A NE  1 
ATOM   250  C CZ  . ARG A 1 40  ? -16.530 -6.571  16.522  1.00 61.85 ? 36   ARG A CZ  1 
ATOM   251  N NH1 . ARG A 1 40  ? -15.548 -6.460  17.420  1.00 61.87 ? 36   ARG A NH1 1 
ATOM   252  N NH2 . ARG A 1 40  ? -17.517 -5.678  16.500  1.00 61.05 ? 36   ARG A NH2 1 
ATOM   253  N N   . PRO A 1 41  ? -12.366 -7.835  11.694  1.00 48.36 ? 37   PRO A N   1 
ATOM   254  C CA  . PRO A 1 41  ? -10.935 -8.202  11.732  1.00 49.05 ? 37   PRO A CA  1 
ATOM   255  C C   . PRO A 1 41  ? -10.628 -9.220  12.848  1.00 49.43 ? 37   PRO A C   1 
ATOM   256  O O   . PRO A 1 41  ? -11.038 -8.989  14.011  1.00 50.08 ? 37   PRO A O   1 
ATOM   257  C CB  . PRO A 1 41  ? -10.255 -6.868  12.072  1.00 49.11 ? 37   PRO A CB  1 
ATOM   258  C CG  . PRO A 1 41  ? -11.232 -5.849  11.698  1.00 49.39 ? 37   PRO A CG  1 
ATOM   259  C CD  . PRO A 1 41  ? -12.578 -6.389  11.878  1.00 48.40 ? 37   PRO A CD  1 
ATOM   260  N N   . GLU A 1 55  ? 2.208   -7.888  18.200  1.00 56.59 ? 51   GLU A N   1 
ATOM   261  C CA  . GLU A 1 55  ? 3.176   -7.344  17.226  1.00 55.34 ? 51   GLU A CA  1 
ATOM   262  C C   . GLU A 1 55  ? 4.520   -8.110  17.162  1.00 55.01 ? 51   GLU A C   1 
ATOM   263  O O   . GLU A 1 55  ? 5.213   -8.212  18.188  1.00 55.45 ? 51   GLU A O   1 
ATOM   264  C CB  . GLU A 1 55  ? 3.450   -5.843  17.464  1.00 55.12 ? 51   GLU A CB  1 
ATOM   265  C CG  . GLU A 1 55  ? 4.417   -5.287  16.424  1.00 52.14 ? 51   GLU A CG  1 
ATOM   266  C CD  . GLU A 1 55  ? 4.645   -3.812  16.522  1.00 48.41 ? 51   GLU A CD  1 
ATOM   267  O OE1 . GLU A 1 55  ? 5.827   -3.419  16.623  1.00 45.74 ? 51   GLU A OE1 1 
ATOM   268  O OE2 . GLU A 1 55  ? 3.661   -3.043  16.458  1.00 46.77 ? 51   GLU A OE2 1 
ATOM   269  N N   . PRO A 1 56  ? 4.907   -8.613  15.940  1.00 53.73 ? 52   PRO A N   1 
ATOM   270  C CA  . PRO A 1 56  ? 6.208   -9.357  15.724  1.00 51.45 ? 52   PRO A CA  1 
ATOM   271  C C   . PRO A 1 56  ? 7.413   -8.411  15.706  1.00 49.19 ? 52   PRO A C   1 
ATOM   272  O O   . PRO A 1 56  ? 7.236   -7.199  15.450  1.00 49.90 ? 52   PRO A O   1 
ATOM   273  C CB  . PRO A 1 56  ? 6.041   -9.981  14.329  1.00 52.21 ? 52   PRO A CB  1 
ATOM   274  C CG  . PRO A 1 56  ? 5.004   -9.045  13.612  1.00 52.69 ? 52   PRO A CG  1 
ATOM   275  C CD  . PRO A 1 56  ? 4.132   -8.419  14.683  1.00 53.64 ? 52   PRO A CD  1 
ATOM   276  N N   . ALA A 1 57  ? 8.604   -8.947  15.954  1.00 45.11 ? 53   ALA A N   1 
ATOM   277  C CA  . ALA A 1 57  ? 9.831   -8.166  15.905  1.00 42.49 ? 53   ALA A CA  1 
ATOM   278  C C   . ALA A 1 57  ? 10.142  -7.704  14.468  1.00 39.73 ? 53   ALA A C   1 
ATOM   279  O O   . ALA A 1 57  ? 10.754  -6.622  14.221  1.00 39.51 ? 53   ALA A O   1 
ATOM   280  C CB  . ALA A 1 57  ? 10.995  -9.017  16.447  1.00 43.11 ? 53   ALA A CB  1 
ATOM   281  N N   . ARG A 1 58  ? 9.768   -8.562  13.517  1.00 36.10 ? 54   ARG A N   1 
ATOM   282  C CA  . ARG A 1 58  ? 10.112  -8.343  12.129  1.00 33.46 ? 54   ARG A CA  1 
ATOM   283  C C   . ARG A 1 58  ? 8.960   -8.691  11.215  1.00 29.70 ? 54   ARG A C   1 
ATOM   284  O O   . ARG A 1 58  ? 8.184   -9.611  11.502  1.00 28.02 ? 54   ARG A O   1 
ATOM   285  C CB  . ARG A 1 58  ? 11.321  -9.204  11.760  1.00 35.69 ? 54   ARG A CB  1 
ATOM   286  C CG  . ARG A 1 58  ? 12.624  -8.532  12.076  1.00 40.32 ? 54   ARG A CG  1 
ATOM   287  C CD  . ARG A 1 58  ? 13.783  -9.495  11.945  1.00 43.37 ? 54   ARG A CD  1 
ATOM   288  N NE  . ARG A 1 58  ? 14.432  -9.410  10.635  1.00 45.89 ? 54   ARG A NE  1 
ATOM   289  C CZ  . ARG A 1 58  ? 15.177  -8.380  10.198  1.00 49.65 ? 54   ARG A CZ  1 
ATOM   290  N NH1 . ARG A 1 58  ? 15.346  -7.264  10.919  1.00 47.38 ? 54   ARG A NH1 1 
ATOM   291  N NH2 . ARG A 1 58  ? 15.751  -8.462  8.993   1.00 50.16 ? 54   ARG A NH2 1 
ATOM   292  N N   . VAL A 1 59  ? 8.818   -7.952  10.106  1.00 27.30 ? 55   VAL A N   1 
ATOM   293  C CA  . VAL A 1 59  ? 7.813   -8.352  9.106   1.00 23.40 ? 55   VAL A CA  1 
ATOM   294  C C   . VAL A 1 59  ? 8.487   -8.326  7.740   1.00 22.27 ? 55   VAL A C   1 
ATOM   295  O O   . VAL A 1 59  ? 9.467   -7.649  7.560   1.00 24.02 ? 55   VAL A O   1 
ATOM   296  C CB  . VAL A 1 59  ? 6.557   -7.405  9.065   1.00 24.39 ? 55   VAL A CB  1 
ATOM   297  C CG1 . VAL A 1 59  ? 5.822   -7.457  10.395  1.00 22.53 ? 55   VAL A CG1 1 
ATOM   298  C CG2 . VAL A 1 59  ? 6.980   -5.961  8.627   1.00 20.17 ? 55   VAL A CG2 1 
ATOM   299  N N   . ARG A 1 60  ? 7.913   -9.035  6.782   1.00 21.18 ? 56   ARG A N   1 
ATOM   300  C CA  . ARG A 1 60  ? 8.382   -8.924  5.409   1.00 21.14 ? 56   ARG A CA  1 
ATOM   301  C C   . ARG A 1 60  ? 7.220   -8.360  4.571   1.00 20.39 ? 56   ARG A C   1 
ATOM   302  O O   . ARG A 1 60  ? 6.085   -8.828  4.692   1.00 20.94 ? 56   ARG A O   1 
ATOM   303  C CB  . ARG A 1 60  ? 8.687   -10.326 4.864   1.00 20.06 ? 56   ARG A CB  1 
ATOM   304  C CG  . ARG A 1 60  ? 9.382   -10.321 3.487   1.00 18.77 ? 56   ARG A CG  1 
ATOM   305  C CD  . ARG A 1 60  ? 9.726   -11.773 3.004   1.00 25.12 ? 56   ARG A CD  1 
ATOM   306  N NE  . ARG A 1 60  ? 10.435  -11.683 1.706   1.00 26.27 ? 56   ARG A NE  1 
ATOM   307  C CZ  . ARG A 1 60  ? 10.826  -12.739 0.989   1.00 34.28 ? 56   ARG A CZ  1 
ATOM   308  N NH1 . ARG A 1 60  ? 10.643  -13.970 1.470   1.00 34.55 ? 56   ARG A NH1 1 
ATOM   309  N NH2 . ARG A 1 60  ? 11.453  -12.571 -0.171  1.00 26.39 ? 56   ARG A NH2 1 
ATOM   310  N N   . CYS A 1 61  ? 7.519   -7.384  3.720   1.00 17.47 ? 57   CYS A N   1 
ATOM   311  C CA  . CYS A 1 61  ? 6.479   -6.753  2.875   1.00 18.11 ? 57   CYS A CA  1 
ATOM   312  C C   . CYS A 1 61  ? 6.991   -6.560  1.469   1.00 16.95 ? 57   CYS A C   1 
ATOM   313  O O   . CYS A 1 61  ? 8.213   -6.492  1.273   1.00 20.20 ? 57   CYS A O   1 
ATOM   314  C CB  . CYS A 1 61  ? 6.045   -5.341  3.430   1.00 17.07 ? 57   CYS A CB  1 
ATOM   315  S SG  . CYS A 1 61  ? 5.256   -5.502  5.047   1.00 21.80 ? 57   CYS A SG  1 
ATOM   316  N N   . SER A 1 62  ? 6.036   -6.495  0.508   1.00 18.38 ? 58   SER A N   1 
ATOM   317  C CA  . SER A 1 62  ? 6.248   -5.948  -0.800  1.00 18.34 ? 58   SER A CA  1 
ATOM   318  C C   . SER A 1 62  ? 5.419   -4.682  -0.896  1.00 18.66 ? 58   SER A C   1 
ATOM   319  O O   . SER A 1 62  ? 4.459   -4.482  -0.090  1.00 17.28 ? 58   SER A O   1 
ATOM   320  C CB  . SER A 1 62  ? 5.759   -6.913  -1.887  1.00 19.57 ? 58   SER A CB  1 
ATOM   321  O OG  . SER A 1 62  ? 6.428   -8.139  -1.696  1.00 21.17 ? 58   SER A OG  1 
ATOM   322  N N   . HIS A 1 63  ? 5.761   -3.834  -1.858  1.00 17.83 ? 59   HIS A N   1 
ATOM   323  C CA  . HIS A 1 63  ? 4.906   -2.656  -2.085  1.00 17.46 ? 59   HIS A CA  1 
ATOM   324  C C   . HIS A 1 63  ? 4.899   -2.290  -3.537  1.00 17.93 ? 59   HIS A C   1 
ATOM   325  O O   . HIS A 1 63  ? 5.734   -2.753  -4.387  1.00 18.24 ? 59   HIS A O   1 
ATOM   326  C CB  . HIS A 1 63  ? 5.377   -1.472  -1.154  1.00 16.00 ? 59   HIS A CB  1 
ATOM   327  C CG  . HIS A 1 63  ? 6.592   -0.753  -1.632  1.00 18.76 ? 59   HIS A CG  1 
ATOM   328  N ND1 . HIS A 1 63  ? 6.728   0.624   -1.552  1.00 19.26 ? 59   HIS A ND1 1 
ATOM   329  C CD2 . HIS A 1 63  ? 7.720   -1.211  -2.254  1.00 20.18 ? 59   HIS A CD2 1 
ATOM   330  C CE1 . HIS A 1 63  ? 7.907   0.973   -2.047  1.00 20.70 ? 59   HIS A CE1 1 
ATOM   331  N NE2 . HIS A 1 63  ? 8.512   -0.120  -2.514  1.00 18.60 ? 59   HIS A NE2 1 
ATOM   332  N N   . LEU A 1 64  ? 3.957   -1.436  -3.872  1.00 17.75 ? 60   LEU A N   1 
ATOM   333  C CA  . LEU A 1 64  ? 3.890   -0.871  -5.185  1.00 18.07 ? 60   LEU A CA  1 
ATOM   334  C C   . LEU A 1 64  ? 3.826   0.618   -4.868  1.00 18.62 ? 60   LEU A C   1 
ATOM   335  O O   . LEU A 1 64  ? 2.911   1.056   -4.140  1.00 19.63 ? 60   LEU A O   1 
ATOM   336  C CB  . LEU A 1 64  ? 2.567   -1.326  -5.850  1.00 16.56 ? 60   LEU A CB  1 
ATOM   337  C CG  . LEU A 1 64  ? 2.307   -0.927  -7.330  1.00 19.93 ? 60   LEU A CG  1 
ATOM   338  C CD1 . LEU A 1 64  ? 1.154   -1.783  -8.001  1.00 20.02 ? 60   LEU A CD1 1 
ATOM   339  C CD2 . LEU A 1 64  ? 1.884   0.549   -7.517  1.00 17.73 ? 60   LEU A CD2 1 
ATOM   340  N N   . LEU A 1 65  ? 4.742   1.374   -5.437  1.00 20.13 ? 61   LEU A N   1 
ATOM   341  C CA  . LEU A 1 65  ? 4.867   2.814   -5.185  1.00 19.74 ? 61   LEU A CA  1 
ATOM   342  C C   . LEU A 1 65  ? 4.464   3.583   -6.416  1.00 19.12 ? 61   LEU A C   1 
ATOM   343  O O   . LEU A 1 65  ? 4.863   3.236   -7.520  1.00 19.72 ? 61   LEU A O   1 
ATOM   344  C CB  . LEU A 1 65  ? 6.319   3.168   -4.828  1.00 19.79 ? 61   LEU A CB  1 
ATOM   345  C CG  . LEU A 1 65  ? 6.691   4.651   -4.774  1.00 18.38 ? 61   LEU A CG  1 
ATOM   346  C CD1 . LEU A 1 65  ? 6.029   5.359   -3.529  1.00 18.46 ? 61   LEU A CD1 1 
ATOM   347  C CD2 . LEU A 1 65  ? 8.253   4.729   -4.613  1.00 23.02 ? 61   LEU A CD2 1 
ATOM   348  N N   . VAL A 1 66  ? 3.613   4.582   -6.241  1.00 17.94 ? 62   VAL A N   1 
ATOM   349  C CA  . VAL A 1 66  ? 3.292   5.485   -7.342  1.00 19.06 ? 62   VAL A CA  1 
ATOM   350  C C   . VAL A 1 66  ? 3.754   6.868   -6.909  1.00 20.67 ? 62   VAL A C   1 
ATOM   351  O O   . VAL A 1 66  ? 3.274   7.393   -5.882  1.00 20.55 ? 62   VAL A O   1 
ATOM   352  C CB  . VAL A 1 66  ? 1.788   5.473   -7.741  1.00 19.04 ? 62   VAL A CB  1 
ATOM   353  C CG1 . VAL A 1 66  ? 1.484   6.508   -8.929  1.00 16.21 ? 62   VAL A CG1 1 
ATOM   354  C CG2 . VAL A 1 66  ? 1.368   4.091   -8.223  1.00 18.33 ? 62   VAL A CG2 1 
ATOM   355  N N   . LYS A 1 67  ? 4.762   7.388   -7.609  1.00 20.60 ? 63   LYS A N   1 
ATOM   356  C CA  . LYS A 1 67  ? 5.329   8.708   -7.250  1.00 22.64 ? 63   LYS A CA  1 
ATOM   357  C C   . LYS A 1 67  ? 4.484   9.832   -7.850  1.00 23.42 ? 63   LYS A C   1 
ATOM   358  O O   . LYS A 1 67  ? 3.675   9.606   -8.750  1.00 24.86 ? 63   LYS A O   1 
ATOM   359  C CB  . LYS A 1 67  ? 6.783   8.816   -7.691  1.00 21.49 ? 63   LYS A CB  1 
ATOM   360  C CG  . LYS A 1 67  ? 7.783   7.964   -6.822  1.00 20.66 ? 63   LYS A CG  1 
ATOM   361  C CD  . LYS A 1 67  ? 9.276   8.188   -7.354  1.00 22.20 ? 63   LYS A CD  1 
ATOM   362  C CE  . LYS A 1 67  ? 10.213  7.247   -6.606  1.00 24.35 ? 63   LYS A CE  1 
ATOM   363  N NZ  . LYS A 1 67  ? 11.612  7.762   -6.668  1.00 23.26 ? 63   LYS A NZ  1 
ATOM   364  N N   . HIS A 1 68  ? 4.677   11.058  -7.393  1.00 24.65 ? 64   HIS A N   1 
ATOM   365  C CA  . HIS A 1 68  ? 3.947   12.146  -8.032  1.00 24.70 ? 64   HIS A CA  1 
ATOM   366  C C   . HIS A 1 68  ? 4.880   13.372  -8.008  1.00 26.48 ? 64   HIS A C   1 
ATOM   367  O O   . HIS A 1 68  ? 6.035   13.307  -7.487  1.00 26.54 ? 64   HIS A O   1 
ATOM   368  C CB  . HIS A 1 68  ? 2.584   12.402  -7.297  1.00 23.20 ? 64   HIS A CB  1 
ATOM   369  C CG  . HIS A 1 68  ? 2.741   12.544  -5.824  1.00 22.45 ? 64   HIS A CG  1 
ATOM   370  N ND1 . HIS A 1 68  ? 3.335   13.640  -5.247  1.00 24.95 ? 64   HIS A ND1 1 
ATOM   371  C CD2 . HIS A 1 68  ? 2.469   11.682  -4.805  1.00 20.12 ? 64   HIS A CD2 1 
ATOM   372  C CE1 . HIS A 1 68  ? 3.404   13.469  -3.938  1.00 22.74 ? 64   HIS A CE1 1 
ATOM   373  N NE2 . HIS A 1 68  ? 2.904   12.280  -3.643  1.00 25.05 ? 64   HIS A NE2 1 
ATOM   374  N N   . SER A 1 69  ? 4.374   14.522  -8.476  1.00 28.62 ? 65   SER A N   1 
ATOM   375  C CA  . SER A 1 69  ? 5.294   15.705  -8.660  1.00 29.49 ? 65   SER A CA  1 
ATOM   376  C C   . SER A 1 69  ? 5.774   16.263  -7.326  1.00 29.74 ? 65   SER A C   1 
ATOM   377  O O   . SER A 1 69  ? 6.815   16.961  -7.236  1.00 30.56 ? 65   SER A O   1 
ATOM   378  C CB  . SER A 1 69  ? 4.632   16.787  -9.531  1.00 30.35 ? 65   SER A CB  1 
ATOM   379  O OG  . SER A 1 69  ? 3.534   17.303  -8.790  1.00 33.42 ? 65   SER A OG  1 
ATOM   380  N N   . GLN A 1 70  ? 5.042   15.979  -6.256  1.00 27.72 ? 66   GLN A N   1 
ATOM   381  C CA  . GLN A 1 70  ? 5.525   16.415  -4.971  1.00 28.77 ? 66   GLN A CA  1 
ATOM   382  C C   . GLN A 1 70  ? 6.328   15.377  -4.191  1.00 28.51 ? 66   GLN A C   1 
ATOM   383  O O   . GLN A 1 70  ? 6.737   15.653  -3.026  1.00 30.21 ? 66   GLN A O   1 
ATOM   384  C CB  . GLN A 1 70  ? 4.361   16.913  -4.123  1.00 29.48 ? 66   GLN A CB  1 
ATOM   385  C CG  . GLN A 1 70  ? 3.972   18.329  -4.375  1.00 33.53 ? 66   GLN A CG  1 
ATOM   386  C CD  . GLN A 1 70  ? 3.176   18.846  -3.124  1.00 43.52 ? 66   GLN A CD  1 
ATOM   387  O OE1 . GLN A 1 70  ? 3.779   19.242  -2.018  1.00 34.56 ? 66   GLN A OE1 1 
ATOM   388  N NE2 . GLN A 1 70  ? 1.823   18.709  -3.243  1.00 42.55 ? 66   GLN A NE2 1 
ATOM   389  N N   . SER A 1 71  ? 6.587   14.184  -4.786  1.00 26.18 ? 67   SER A N   1 
ATOM   390  C CA  . SER A 1 71  ? 7.550   13.242  -4.155  1.00 26.40 ? 67   SER A CA  1 
ATOM   391  C C   . SER A 1 71  ? 8.946   13.843  -3.894  1.00 27.07 ? 67   SER A C   1 
ATOM   392  O O   . SER A 1 71  ? 9.392   14.643  -4.656  1.00 27.56 ? 67   SER A O   1 
ATOM   393  C CB  . SER A 1 71  ? 7.689   11.894  -4.959  1.00 23.56 ? 67   SER A CB  1 
ATOM   394  O OG  . SER A 1 71  ? 6.387   11.260  -5.139  1.00 25.39 ? 67   SER A OG  1 
ATOM   395  N N   . ARG A 1 72  ? 9.643   13.321  -2.891  1.00 28.96 ? 68   ARG A N   1 
ATOM   396  C CA  . ARG A 1 72  ? 11.030  13.659  -2.587  1.00 30.94 ? 68   ARG A CA  1 
ATOM   397  C C   . ARG A 1 72  ? 11.916  13.509  -3.825  1.00 31.49 ? 68   ARG A C   1 
ATOM   398  O O   . ARG A 1 72  ? 12.677  14.408  -4.188  1.00 30.23 ? 68   ARG A O   1 
ATOM   399  C CB  . ARG A 1 72  ? 11.509  12.748  -1.467  1.00 31.88 ? 68   ARG A CB  1 
ATOM   400  C CG  . ARG A 1 72  ? 12.948  13.015  -0.865  1.00 40.69 ? 68   ARG A CG  1 
ATOM   401  C CD  . ARG A 1 72  ? 13.229  14.481  -0.427  1.00 48.30 ? 68   ARG A CD  1 
ATOM   402  N NE  . ARG A 1 72  ? 12.053  15.090  0.190   1.00 57.39 ? 68   ARG A NE  1 
ATOM   403  C CZ  . ARG A 1 72  ? 11.649  14.835  1.436   1.00 61.49 ? 68   ARG A CZ  1 
ATOM   404  N NH1 . ARG A 1 72  ? 12.346  13.981  2.201   1.00 60.68 ? 68   ARG A NH1 1 
ATOM   405  N NH2 . ARG A 1 72  ? 10.553  15.441  1.918   1.00 64.85 ? 68   ARG A NH2 1 
ATOM   406  N N   . ARG A 1 73  ? 11.763  12.412  -4.544  1.00 29.81 ? 69   ARG A N   1 
ATOM   407  C CA  . ARG A 1 73  ? 12.595  12.190  -5.725  1.00 30.78 ? 69   ARG A CA  1 
ATOM   408  C C   . ARG A 1 73  ? 11.664  11.814  -6.874  1.00 30.37 ? 69   ARG A C   1 
ATOM   409  O O   . ARG A 1 73  ? 11.403  10.603  -7.082  1.00 31.25 ? 69   ARG A O   1 
ATOM   410  C CB  . ARG A 1 73  ? 13.600  11.055  -5.397  1.00 30.19 ? 69   ARG A CB  1 
ATOM   411  C CG  . ARG A 1 73  ? 14.611  10.806  -6.449  1.00 33.85 ? 69   ARG A CG  1 
ATOM   412  C CD  . ARG A 1 73  ? 15.644  9.727   -6.014  1.00 38.03 ? 69   ARG A CD  1 
ATOM   413  N NE  . ARG A 1 73  ? 15.204  8.353   -6.322  1.00 40.35 ? 69   ARG A NE  1 
ATOM   414  C CZ  . ARG A 1 73  ? 15.170  7.786   -7.549  1.00 39.47 ? 69   ARG A CZ  1 
ATOM   415  N NH1 . ARG A 1 73  ? 15.510  8.468   -8.628  1.00 35.89 ? 69   ARG A NH1 1 
ATOM   416  N NH2 . ARG A 1 73  ? 14.749  6.513   -7.706  1.00 35.64 ? 69   ARG A NH2 1 
ATOM   417  N N   . PRO A 1 74  ? 11.118  12.815  -7.606  1.00 29.52 ? 70   PRO A N   1 
ATOM   418  C CA  . PRO A 1 74  ? 10.130  12.602  -8.665  1.00 29.19 ? 70   PRO A CA  1 
ATOM   419  C C   . PRO A 1 74  ? 10.732  11.984  -9.956  1.00 28.69 ? 70   PRO A C   1 
ATOM   420  O O   . PRO A 1 74  ? 10.582  12.545  -11.051 1.00 27.65 ? 70   PRO A O   1 
ATOM   421  C CB  . PRO A 1 74  ? 9.536   14.010  -8.911  1.00 29.96 ? 70   PRO A CB  1 
ATOM   422  C CG  . PRO A 1 74  ? 10.620  14.976  -8.458  1.00 30.51 ? 70   PRO A CG  1 
ATOM   423  C CD  . PRO A 1 74  ? 11.468  14.252  -7.438  1.00 31.77 ? 70   PRO A CD  1 
ATOM   424  N N   . SER A 1 75  ? 11.347  10.797  -9.823  1.00 27.29 ? 71   SER A N   1 
ATOM   425  C CA  . SER A 1 75  ? 12.034  10.175  -10.954 1.00 27.44 ? 71   SER A CA  1 
ATOM   426  C C   . SER A 1 75  ? 12.019  8.682   -10.661 1.00 27.24 ? 71   SER A C   1 
ATOM   427  O O   . SER A 1 75  ? 12.044  8.312   -9.484  1.00 27.19 ? 71   SER A O   1 
ATOM   428  C CB  . SER A 1 75  ? 13.512  10.598  -10.907 1.00 27.28 ? 71   SER A CB  1 
ATOM   429  O OG  . SER A 1 75  ? 14.192  10.053  -12.037 1.00 28.16 ? 71   SER A OG  1 
ATOM   430  N N   . SER A 1 76  ? 11.956  7.836   -11.690 1.00 27.75 ? 72   SER A N   1 
ATOM   431  C CA  . SER A 1 76  ? 12.115  6.391   -11.443 1.00 27.45 ? 72   SER A CA  1 
ATOM   432  C C   . SER A 1 76  ? 12.626  5.677   -12.662 1.00 28.58 ? 72   SER A C   1 
ATOM   433  O O   . SER A 1 76  ? 12.709  6.278   -13.717 1.00 28.15 ? 72   SER A O   1 
ATOM   434  C CB  . SER A 1 76  ? 10.780  5.778   -11.035 1.00 25.61 ? 72   SER A CB  1 
ATOM   435  O OG  . SER A 1 76  ? 9.895   5.663   -12.159 1.00 24.47 ? 72   SER A OG  1 
ATOM   436  N N   . TRP A 1 77  ? 12.871  4.355   -12.537 1.00 29.36 ? 73   TRP A N   1 
ATOM   437  C CA  . TRP A 1 77  ? 13.204  3.541   -13.707 1.00 29.08 ? 73   TRP A CA  1 
ATOM   438  C C   . TRP A 1 77  ? 12.136  3.671   -14.811 1.00 30.87 ? 73   TRP A C   1 
ATOM   439  O O   . TRP A 1 77  ? 12.447  3.539   -15.994 1.00 30.40 ? 73   TRP A O   1 
ATOM   440  C CB  . TRP A 1 77  ? 13.431  2.067   -13.300 1.00 28.58 ? 73   TRP A CB  1 
ATOM   441  C CG  . TRP A 1 77  ? 12.143  1.372   -12.788 1.00 27.10 ? 73   TRP A CG  1 
ATOM   442  C CD1 . TRP A 1 77  ? 11.665  1.327   -11.493 1.00 25.30 ? 73   TRP A CD1 1 
ATOM   443  C CD2 . TRP A 1 77  ? 11.232  0.618   -13.591 1.00 25.87 ? 73   TRP A CD2 1 
ATOM   444  N NE1 . TRP A 1 77  ? 10.457  0.600   -11.476 1.00 25.42 ? 73   TRP A NE1 1 
ATOM   445  C CE2 . TRP A 1 77  ? 10.183  0.169   -12.751 1.00 24.61 ? 73   TRP A CE2 1 
ATOM   446  C CE3 . TRP A 1 77  ? 11.205  0.263   -14.968 1.00 29.37 ? 73   TRP A CE3 1 
ATOM   447  C CZ2 . TRP A 1 77  ? 9.128   -0.601  -13.232 1.00 27.84 ? 73   TRP A CZ2 1 
ATOM   448  C CZ3 . TRP A 1 77  ? 10.119  -0.505  -15.447 1.00 27.25 ? 73   TRP A CZ3 1 
ATOM   449  C CH2 . TRP A 1 77  ? 9.091   -0.894  -14.584 1.00 28.65 ? 73   TRP A CH2 1 
ATOM   450  N N   . ARG A 1 78  ? 10.879  3.935   -14.438 1.00 30.68 ? 74   ARG A N   1 
ATOM   451  C CA  . ARG A 1 78  ? 9.784   4.019   -15.436 1.00 31.55 ? 74   ARG A CA  1 
ATOM   452  C C   . ARG A 1 78  ? 9.777   5.343   -16.190 1.00 31.89 ? 74   ARG A C   1 
ATOM   453  O O   . ARG A 1 78  ? 9.376   5.382   -17.332 1.00 32.29 ? 74   ARG A O   1 
ATOM   454  C CB  . ARG A 1 78  ? 8.354   3.870   -14.811 1.00 30.61 ? 74   ARG A CB  1 
ATOM   455  C CG  . ARG A 1 78  ? 8.152   2.742   -13.862 1.00 32.72 ? 74   ARG A CG  1 
ATOM   456  C CD  . ARG A 1 78  ? 6.654   2.411   -13.587 1.00 30.15 ? 74   ARG A CD  1 
ATOM   457  N NE  . ARG A 1 78  ? 5.926   2.160   -14.837 1.00 28.79 ? 74   ARG A NE  1 
ATOM   458  C CZ  . ARG A 1 78  ? 4.802   2.768   -15.212 1.00 29.00 ? 74   ARG A CZ  1 
ATOM   459  N NH1 . ARG A 1 78  ? 4.157   3.601   -14.380 1.00 33.19 ? 74   ARG A NH1 1 
ATOM   460  N NH2 . ARG A 1 78  ? 4.287   2.483   -16.400 1.00 34.27 ? 74   ARG A NH2 1 
ATOM   461  N N   . GLN A 1 79  ? 10.178  6.420   -15.535 1.00 31.71 ? 75   GLN A N   1 
ATOM   462  C CA  . GLN A 1 79  ? 9.946   7.724   -16.104 1.00 33.77 ? 75   GLN A CA  1 
ATOM   463  C C   . GLN A 1 79  ? 10.970  8.657   -15.513 1.00 32.44 ? 75   GLN A C   1 
ATOM   464  O O   . GLN A 1 79  ? 11.115  8.751   -14.285 1.00 31.76 ? 75   GLN A O   1 
ATOM   465  C CB  . GLN A 1 79  ? 8.538   8.164   -15.691 1.00 34.81 ? 75   GLN A CB  1 
ATOM   466  C CG  . GLN A 1 79  ? 8.084   9.415   -16.316 1.00 38.91 ? 75   GLN A CG  1 
ATOM   467  C CD  . GLN A 1 79  ? 6.573   9.544   -16.201 1.00 44.22 ? 75   GLN A CD  1 
ATOM   468  O OE1 . GLN A 1 79  ? 5.968   9.187   -15.168 1.00 42.47 ? 75   GLN A OE1 1 
ATOM   469  N NE2 . GLN A 1 79  ? 5.953   10.020  -17.261 1.00 46.55 ? 75   GLN A NE2 1 
ATOM   470  N N   . GLU A 1 80  ? 11.738  9.312   -16.376 1.00 31.29 ? 76   GLU A N   1 
ATOM   471  C CA  . GLU A 1 80  ? 12.826  10.168  -15.881 1.00 31.29 ? 76   GLU A CA  1 
ATOM   472  C C   . GLU A 1 80  ? 12.318  11.374  -15.061 1.00 30.88 ? 76   GLU A C   1 
ATOM   473  O O   . GLU A 1 80  ? 12.920  11.755  -14.034 1.00 31.71 ? 76   GLU A O   1 
ATOM   474  C CB  . GLU A 1 80  ? 13.701  10.647  -17.037 1.00 30.86 ? 76   GLU A CB  1 
ATOM   475  C CG  . GLU A 1 80  ? 14.932  11.403  -16.556 1.00 31.62 ? 76   GLU A CG  1 
ATOM   476  C CD  . GLU A 1 80  ? 15.971  11.548  -17.674 1.00 35.40 ? 76   GLU A CD  1 
ATOM   477  O OE1 . GLU A 1 80  ? 17.105  11.945  -17.340 1.00 38.11 ? 76   GLU A OE1 1 
ATOM   478  O OE2 . GLU A 1 80  ? 15.621  11.275  -18.852 1.00 31.62 ? 76   GLU A OE2 1 
ATOM   479  N N   . LYS A 1 81  ? 11.230  11.946  -15.539 1.00 32.00 ? 77   LYS A N   1 
ATOM   480  C CA  . LYS A 1 81  ? 10.571  13.093  -14.878 1.00 33.24 ? 77   LYS A CA  1 
ATOM   481  C C   . LYS A 1 81  ? 9.137   12.720  -14.570 1.00 30.89 ? 77   LYS A C   1 
ATOM   482  O O   . LYS A 1 81  ? 8.289   12.665  -15.482 1.00 31.98 ? 77   LYS A O   1 
ATOM   483  C CB  . LYS A 1 81  ? 10.562  14.314  -15.782 1.00 34.73 ? 77   LYS A CB  1 
ATOM   484  C CG  . LYS A 1 81  ? 10.746  15.545  -14.926 1.00 41.58 ? 77   LYS A CG  1 
ATOM   485  C CD  . LYS A 1 81  ? 9.847   16.731  -15.234 1.00 46.18 ? 77   LYS A CD  1 
ATOM   486  C CE  . LYS A 1 81  ? 9.967   17.583  -13.937 1.00 46.57 ? 77   LYS A CE  1 
ATOM   487  N NZ  . LYS A 1 81  ? 10.019  18.995  -14.238 1.00 48.54 ? 77   LYS A NZ  1 
ATOM   488  N N   . ILE A 1 82  ? 8.835   12.531  -13.297 1.00 30.24 ? 78   ILE A N   1 
ATOM   489  C CA  . ILE A 1 82  ? 7.446   12.171  -12.959 1.00 28.69 ? 78   ILE A CA  1 
ATOM   490  C C   . ILE A 1 82  ? 6.648   13.466  -12.727 1.00 29.37 ? 78   ILE A C   1 
ATOM   491  O O   . ILE A 1 82  ? 7.017   14.300  -11.878 1.00 29.58 ? 78   ILE A O   1 
ATOM   492  C CB  . ILE A 1 82  ? 7.382   11.204  -11.773 1.00 30.25 ? 78   ILE A CB  1 
ATOM   493  C CG1 . ILE A 1 82  ? 7.882   9.798   -12.267 1.00 28.57 ? 78   ILE A CG1 1 
ATOM   494  C CG2 . ILE A 1 82  ? 5.905   11.185  -11.166 1.00 26.73 ? 78   ILE A CG2 1 
ATOM   495  C CD1 . ILE A 1 82  ? 8.210   8.928   -11.222 1.00 29.95 ? 78   ILE A CD1 1 
ATOM   496  N N   . THR A 1 83  ? 5.567   13.619  -13.478 1.00 29.33 ? 79   THR A N   1 
ATOM   497  C CA  . THR A 1 83  ? 4.831   14.876  -13.449 1.00 32.35 ? 79   THR A CA  1 
ATOM   498  C C   . THR A 1 83  ? 3.372   14.740  -12.978 1.00 31.97 ? 79   THR A C   1 
ATOM   499  O O   . THR A 1 83  ? 2.647   15.760  -12.844 1.00 31.97 ? 79   THR A O   1 
ATOM   500  C CB  . THR A 1 83  ? 4.846   15.507  -14.857 1.00 30.80 ? 79   THR A CB  1 
ATOM   501  O OG1 . THR A 1 83  ? 4.342   14.553  -15.765 1.00 34.74 ? 79   THR A OG1 1 
ATOM   502  C CG2 . THR A 1 83  ? 6.261   15.855  -15.267 1.00 35.21 ? 79   THR A CG2 1 
ATOM   503  N N   . ARG A 1 84  ? 2.913   13.502  -12.772 1.00 30.49 ? 80   ARG A N   1 
ATOM   504  C CA  . ARG A 1 84  ? 1.522   13.319  -12.367 1.00 29.14 ? 80   ARG A CA  1 
ATOM   505  C C   . ARG A 1 84  ? 1.324   14.029  -11.037 1.00 27.16 ? 80   ARG A C   1 
ATOM   506  O O   . ARG A 1 84  ? 2.232   14.152  -10.255 1.00 26.89 ? 80   ARG A O   1 
ATOM   507  C CB  . ARG A 1 84  ? 1.148   11.846  -12.271 1.00 27.82 ? 80   ARG A CB  1 
ATOM   508  C CG  . ARG A 1 84  ? 1.965   11.075  -11.169 1.00 27.92 ? 80   ARG A CG  1 
ATOM   509  C CD  . ARG A 1 84  ? 1.382   9.664   -11.099 1.00 26.29 ? 80   ARG A CD  1 
ATOM   510  N NE  . ARG A 1 84  ? 1.820   8.823   -12.244 1.00 23.43 ? 80   ARG A NE  1 
ATOM   511  C CZ  . ARG A 1 84  ? 2.947   8.101   -12.268 1.00 20.39 ? 80   ARG A CZ  1 
ATOM   512  N NH1 . ARG A 1 84  ? 3.783   8.121   -11.239 1.00 21.55 ? 80   ARG A NH1 1 
ATOM   513  N NH2 . ARG A 1 84  ? 3.232   7.350   -13.326 1.00 24.92 ? 80   ARG A NH2 1 
ATOM   514  N N   . THR A 1 85  ? 0.127   14.545  -10.804 1.00 27.45 ? 81   THR A N   1 
ATOM   515  C CA  . THR A 1 85  ? -0.171  15.119  -9.512  1.00 26.02 ? 81   THR A CA  1 
ATOM   516  C C   . THR A 1 85  ? -0.372  14.029  -8.445  1.00 25.90 ? 81   THR A C   1 
ATOM   517  O O   . THR A 1 85  ? -0.629  12.894  -8.771  1.00 24.70 ? 81   THR A O   1 
ATOM   518  C CB  . THR A 1 85  ? -1.459  16.005  -9.595  1.00 25.42 ? 81   THR A CB  1 
ATOM   519  O OG1 . THR A 1 85  ? -2.596  15.185  -9.933  1.00 25.62 ? 81   THR A OG1 1 
ATOM   520  C CG2 . THR A 1 85  ? -1.277  17.055  -10.733 1.00 26.90 ? 81   THR A CG2 1 
ATOM   521  N N   . LYS A 1 86  ? -0.273  14.401  -7.182  1.00 25.04 ? 82   LYS A N   1 
ATOM   522  C CA  . LYS A 1 86  ? -0.696  13.530  -6.113  1.00 26.03 ? 82   LYS A CA  1 
ATOM   523  C C   . LYS A 1 86  ? -2.120  12.960  -6.315  1.00 25.26 ? 82   LYS A C   1 
ATOM   524  O O   . LYS A 1 86  ? -2.350  11.788  -6.070  1.00 24.78 ? 82   LYS A O   1 
ATOM   525  C CB  . LYS A 1 86  ? -0.585  14.271  -4.790  1.00 26.65 ? 82   LYS A CB  1 
ATOM   526  C CG  . LYS A 1 86  ? -0.868  13.359  -3.597  1.00 27.96 ? 82   LYS A CG  1 
ATOM   527  C CD  . LYS A 1 86  ? -0.881  14.156  -2.291  1.00 33.69 ? 82   LYS A CD  1 
ATOM   528  C CE  . LYS A 1 86  ? 0.311   15.007  -2.173  1.00 40.00 ? 82   LYS A CE  1 
ATOM   529  N NZ  . LYS A 1 86  ? 0.216   15.828  -0.940  1.00 42.43 ? 82   LYS A NZ  1 
ATOM   530  N N   . GLU A 1 87  ? -3.090  13.785  -6.752  1.00 24.76 ? 83   GLU A N   1 
ATOM   531  C CA  . GLU A 1 87  ? -4.432  13.249  -6.976  1.00 25.29 ? 83   GLU A CA  1 
ATOM   532  C C   . GLU A 1 87  ? -4.453  12.179  -8.086  1.00 22.67 ? 83   GLU A C   1 
ATOM   533  O O   . GLU A 1 87  ? -5.199  11.199  -7.996  1.00 21.91 ? 83   GLU A O   1 
ATOM   534  C CB  . GLU A 1 87  ? -5.447  14.387  -7.352  1.00 26.81 ? 83   GLU A CB  1 
ATOM   535  C CG  . GLU A 1 87  ? -6.720  13.874  -8.062  1.00 33.57 ? 83   GLU A CG  1 
ATOM   536  C CD  . GLU A 1 87  ? -7.764  15.008  -8.294  1.00 47.10 ? 83   GLU A CD  1 
ATOM   537  O OE1 . GLU A 1 87  ? -7.553  15.850  -9.201  1.00 47.44 ? 83   GLU A OE1 1 
ATOM   538  O OE2 . GLU A 1 87  ? -8.784  15.056  -7.561  1.00 48.66 ? 83   GLU A OE2 1 
ATOM   539  N N   . GLU A 1 88  ? -3.690  12.381  -9.151  1.00 22.70 ? 84   GLU A N   1 
ATOM   540  C CA  . GLU A 1 88  ? -3.617  11.406  -10.247 1.00 22.10 ? 84   GLU A CA  1 
ATOM   541  C C   . GLU A 1 88  ? -2.916  10.132  -9.762  1.00 20.03 ? 84   GLU A C   1 
ATOM   542  O O   . GLU A 1 88  ? -3.293  9.025   -10.128 1.00 21.80 ? 84   GLU A O   1 
ATOM   543  C CB  . GLU A 1 88  ? -2.824  11.990  -11.416 1.00 22.71 ? 84   GLU A CB  1 
ATOM   544  C CG  . GLU A 1 88  ? -3.652  12.970  -12.184 1.00 30.08 ? 84   GLU A CG  1 
ATOM   545  C CD  . GLU A 1 88  ? -2.845  13.750  -13.205 1.00 33.23 ? 84   GLU A CD  1 
ATOM   546  O OE1 . GLU A 1 88  ? -3.487  14.163  -14.179 1.00 38.93 ? 84   GLU A OE1 1 
ATOM   547  O OE2 . GLU A 1 88  ? -1.624  13.951  -13.048 1.00 29.84 ? 84   GLU A OE2 1 
ATOM   548  N N   . ALA A 1 89  ? -1.893  10.289  -8.955  1.00 19.32 ? 85   ALA A N   1 
ATOM   549  C CA  . ALA A 1 89  ? -1.268  9.078   -8.329  1.00 20.66 ? 85   ALA A CA  1 
ATOM   550  C C   . ALA A 1 89  ? -2.277  8.292   -7.464  1.00 21.69 ? 85   ALA A C   1 
ATOM   551  O O   . ALA A 1 89  ? -2.300  7.053   -7.470  1.00 20.79 ? 85   ALA A O   1 
ATOM   552  C CB  . ALA A 1 89  ? -0.072  9.523   -7.474  1.00 19.41 ? 85   ALA A CB  1 
ATOM   553  N N   . LEU A 1 90  ? -3.127  9.006   -6.721  1.00 19.53 ? 86   LEU A N   1 
ATOM   554  C CA  . LEU A 1 90  ? -4.013  8.308   -5.826  1.00 19.70 ? 86   LEU A CA  1 
ATOM   555  C C   . LEU A 1 90  ? -5.047  7.570   -6.648  1.00 19.77 ? 86   LEU A C   1 
ATOM   556  O O   . LEU A 1 90  ? -5.438  6.451   -6.306  1.00 20.26 ? 86   LEU A O   1 
ATOM   557  C CB  . LEU A 1 90  ? -4.668  9.285   -4.839  1.00 20.46 ? 86   LEU A CB  1 
ATOM   558  C CG  . LEU A 1 90  ? -5.720  8.671   -3.867  1.00 23.95 ? 86   LEU A CG  1 
ATOM   559  C CD1 . LEU A 1 90  ? -5.118  7.578   -3.007  1.00 22.02 ? 86   LEU A CD1 1 
ATOM   560  C CD2 . LEU A 1 90  ? -6.278  9.809   -2.972  1.00 24.80 ? 86   LEU A CD2 1 
ATOM   561  N N   . GLU A 1 91  ? -5.492  8.202   -7.735  1.00 20.03 ? 87   GLU A N   1 
ATOM   562  C CA  . GLU A 1 91  ? -6.409  7.546   -8.661  1.00 20.89 ? 87   GLU A CA  1 
ATOM   563  C C   . GLU A 1 91  ? -5.789  6.228   -9.261  1.00 21.53 ? 87   GLU A C   1 
ATOM   564  O O   . GLU A 1 91  ? -6.479  5.165   -9.351  1.00 20.12 ? 87   GLU A O   1 
ATOM   565  C CB  . GLU A 1 91  ? -6.884  8.588   -9.728  1.00 21.74 ? 87   GLU A CB  1 
ATOM   566  C CG  . GLU A 1 91  ? -7.549  8.018   -10.925 1.00 27.97 ? 87   GLU A CG  1 
ATOM   567  N N   . LEU A 1 92  ? -4.513  6.290   -9.668  1.00 20.02 ? 88   LEU A N   1 
ATOM   568  C CA  . LEU A 1 92  ? -3.808  5.087   -10.146 1.00 20.43 ? 88   LEU A CA  1 
ATOM   569  C C   . LEU A 1 92  ? -3.777  3.996   -9.079  1.00 19.60 ? 88   LEU A C   1 
ATOM   570  O O   . LEU A 1 92  ? -4.123  2.807   -9.359  1.00 20.80 ? 88   LEU A O   1 
ATOM   571  C CB  . LEU A 1 92  ? -2.390  5.465   -10.595 1.00 18.62 ? 88   LEU A CB  1 
ATOM   572  C CG  . LEU A 1 92  ? -2.364  6.197   -11.960 1.00 23.38 ? 88   LEU A CG  1 
ATOM   573  C CD1 . LEU A 1 92  ? -1.059  6.990   -12.134 1.00 23.43 ? 88   LEU A CD1 1 
ATOM   574  C CD2 . LEU A 1 92  ? -2.699  5.295   -13.250 1.00 23.21 ? 88   LEU A CD2 1 
ATOM   575  N N   . ILE A 1 93  ? -3.308  4.368   -7.884  1.00 20.06 ? 89   ILE A N   1 
ATOM   576  C CA  . ILE A 1 93  ? -3.287  3.467   -6.704  1.00 19.36 ? 89   ILE A CA  1 
ATOM   577  C C   . ILE A 1 93  ? -4.663  2.797   -6.468  1.00 20.53 ? 89   ILE A C   1 
ATOM   578  O O   . ILE A 1 93  ? -4.761  1.554   -6.231  1.00 19.49 ? 89   ILE A O   1 
ATOM   579  C CB  . ILE A 1 93  ? -2.811  4.219   -5.443  1.00 18.15 ? 89   ILE A CB  1 
ATOM   580  C CG1 . ILE A 1 93  ? -1.288  4.514   -5.494  1.00 17.04 ? 89   ILE A CG1 1 
ATOM   581  C CG2 . ILE A 1 93  ? -3.112  3.491   -4.086  1.00 18.11 ? 89   ILE A CG2 1 
ATOM   582  C CD1 . ILE A 1 93  ? -0.356  3.327   -4.997  1.00 16.54 ? 89   ILE A CD1 1 
ATOM   583  N N   . ASN A 1 94  ? -5.744  3.608   -6.510  1.00 20.65 ? 90   ASN A N   1 
ATOM   584  C CA  . ASN A 1 94  ? -7.042  3.062   -6.181  1.00 20.78 ? 90   ASN A CA  1 
ATOM   585  C C   . ASN A 1 94  ? -7.454  2.078   -7.298  1.00 20.33 ? 90   ASN A C   1 
ATOM   586  O O   . ASN A 1 94  ? -8.148  1.103   -7.031  1.00 19.78 ? 90   ASN A O   1 
ATOM   587  C CB  . ASN A 1 94  ? -8.093  4.155   -6.085  1.00 21.26 ? 90   ASN A CB  1 
ATOM   588  C CG  . ASN A 1 94  ? -7.966  5.004   -4.832  1.00 24.09 ? 90   ASN A CG  1 
ATOM   589  O OD1 . ASN A 1 94  ? -7.464  4.587   -3.787  1.00 28.53 ? 90   ASN A OD1 1 
ATOM   590  N ND2 . ASN A 1 94  ? -8.504  6.181   -4.915  1.00 25.72 ? 90   ASN A ND2 1 
ATOM   591  N N   . GLY A 1 95  ? -7.071  2.354   -8.530  1.00 19.13 ? 91   GLY A N   1 
ATOM   592  C CA  . GLY A 1 95  ? -7.413  1.449   -9.660  1.00 21.48 ? 91   GLY A CA  1 
ATOM   593  C C   . GLY A 1 95  ? -6.650  0.109   -9.505  1.00 21.75 ? 91   GLY A C   1 
ATOM   594  O O   . GLY A 1 95  ? -7.201  -0.960  -9.802  1.00 22.68 ? 91   GLY A O   1 
ATOM   595  N N   . TYR A 1 96  ? -5.403  0.156   -9.003  1.00 21.64 ? 92   TYR A N   1 
ATOM   596  C CA  . TYR A 1 96  ? -4.598  -1.050  -8.820  1.00 19.39 ? 92   TYR A CA  1 
ATOM   597  C C   . TYR A 1 96  ? -5.165  -1.841  -7.661  1.00 19.93 ? 92   TYR A C   1 
ATOM   598  O O   . TYR A 1 96  ? -5.322  -3.064  -7.748  1.00 19.80 ? 92   TYR A O   1 
ATOM   599  C CB  . TYR A 1 96  ? -3.138  -0.677  -8.509  1.00 20.11 ? 92   TYR A CB  1 
ATOM   600  C CG  . TYR A 1 96  ? -2.397  0.038   -9.609  1.00 19.45 ? 92   TYR A CG  1 
ATOM   601  C CD1 . TYR A 1 96  ? -1.432  0.982   -9.309  1.00 19.49 ? 92   TYR A CD1 1 
ATOM   602  C CD2 . TYR A 1 96  ? -2.654  -0.228  -10.948 1.00 22.19 ? 92   TYR A CD2 1 
ATOM   603  C CE1 . TYR A 1 96  ? -0.699  1.646   -10.343 1.00 17.49 ? 92   TYR A CE1 1 
ATOM   604  C CE2 . TYR A 1 96  ? -1.939  0.435   -11.982 1.00 22.28 ? 92   TYR A CE2 1 
ATOM   605  C CZ  . TYR A 1 96  ? -0.950  1.339   -11.661 1.00 20.85 ? 92   TYR A CZ  1 
ATOM   606  O OH  . TYR A 1 96  ? -0.277  2.054   -12.655 1.00 22.44 ? 92   TYR A OH  1 
ATOM   607  N N   . ILE A 1 97  ? -5.534  -1.159  -6.578  1.00 18.04 ? 93   ILE A N   1 
ATOM   608  C CA  . ILE A 1 97  ? -6.225  -1.841  -5.485  1.00 19.50 ? 93   ILE A CA  1 
ATOM   609  C C   . ILE A 1 97  ? -7.472  -2.555  -6.013  1.00 19.78 ? 93   ILE A C   1 
ATOM   610  O O   . ILE A 1 97  ? -7.708  -3.694  -5.648  1.00 19.57 ? 93   ILE A O   1 
ATOM   611  C CB  . ILE A 1 97  ? -6.546  -0.868  -4.267  1.00 18.40 ? 93   ILE A CB  1 
ATOM   612  C CG1 . ILE A 1 97  ? -5.219  -0.435  -3.579  1.00 21.80 ? 93   ILE A CG1 1 
ATOM   613  C CG2 . ILE A 1 97  ? -7.580  -1.471  -3.187  1.00 20.01 ? 93   ILE A CG2 1 
ATOM   614  C CD1 . ILE A 1 97  ? -5.415  0.765   -2.585  1.00 22.48 ? 93   ILE A CD1 1 
ATOM   615  N N   . GLN A 1 98  ? -8.313  -1.883  -6.811  1.00 19.24 ? 94   GLN A N   1 
ATOM   616  C CA  . GLN A 1 98  ? -9.534  -2.526  -7.271  1.00 21.24 ? 94   GLN A CA  1 
ATOM   617  C C   . GLN A 1 98  ? -9.243  -3.797  -8.097  1.00 22.70 ? 94   GLN A C   1 
ATOM   618  O O   . GLN A 1 98  ? -9.924  -4.815  -7.992  1.00 24.32 ? 94   GLN A O   1 
ATOM   619  C CB  . GLN A 1 98  ? -10.316 -1.574  -8.213  1.00 21.24 ? 94   GLN A CB  1 
ATOM   620  C CG  . GLN A 1 98  ? -11.009 -0.481  -7.436  1.00 30.02 ? 94   GLN A CG  1 
ATOM   621  C CD  . GLN A 1 98  ? -11.851 0.390   -8.357  1.00 40.47 ? 94   GLN A CD  1 
ATOM   622  O OE1 . GLN A 1 98  ? -11.352 0.922   -9.337  1.00 42.63 ? 94   GLN A OE1 1 
ATOM   623  N NE2 . GLN A 1 98  ? -13.132 0.491   -8.066  1.00 41.49 ? 94   GLN A NE2 1 
ATOM   624  N N   . LYS A 1 99  ? -8.262  -3.703  -8.979  1.00 21.33 ? 95   LYS A N   1 
ATOM   625  C CA  . LYS A 1 99  ? -7.885  -4.873  -9.781  1.00 23.46 ? 95   LYS A CA  1 
ATOM   626  C C   . LYS A 1 99  ? -7.313  -6.004  -8.957  1.00 22.59 ? 95   LYS A C   1 
ATOM   627  O O   . LYS A 1 99  ? -7.598  -7.203  -9.245  1.00 23.21 ? 95   LYS A O   1 
ATOM   628  C CB  . LYS A 1 99  ? -6.921  -4.445  -10.873 1.00 23.23 ? 95   LYS A CB  1 
ATOM   629  C CG  . LYS A 1 99  ? -7.601  -3.897  -12.111 1.00 30.38 ? 95   LYS A CG  1 
ATOM   630  C CD  . LYS A 1 99  ? -6.496  -3.345  -13.004 1.00 40.18 ? 95   LYS A CD  1 
ATOM   631  C CE  . LYS A 1 99  ? -6.821  -3.494  -14.497 1.00 45.36 ? 95   LYS A CE  1 
ATOM   632  N NZ  . LYS A 1 99  ? -8.048  -2.730  -14.786 1.00 45.09 ? 95   LYS A NZ  1 
ATOM   633  N N   . ILE A 1 100 ? -6.554  -5.678  -7.909  1.00 22.31 ? 96   ILE A N   1 
ATOM   634  C CA  . ILE A 1 100 ? -6.006  -6.724  -7.059  1.00 20.76 ? 96   ILE A CA  1 
ATOM   635  C C   . ILE A 1 100 ? -7.154  -7.342  -6.253  1.00 22.15 ? 96   ILE A C   1 
ATOM   636  O O   . ILE A 1 100 ? -7.257  -8.592  -6.098  1.00 20.08 ? 96   ILE A O   1 
ATOM   637  C CB  . ILE A 1 100 ? -4.884  -6.145  -6.086  1.00 20.73 ? 96   ILE A CB  1 
ATOM   638  C CG1 . ILE A 1 100 ? -3.685  -5.644  -6.896  1.00 20.41 ? 96   ILE A CG1 1 
ATOM   639  C CG2 . ILE A 1 100 ? -4.592  -7.123  -4.945  1.00 21.68 ? 96   ILE A CG2 1 
ATOM   640  C CD1 . ILE A 1 100 ? -2.692  -4.623  -6.146  1.00 20.04 ? 96   ILE A CD1 1 
ATOM   641  N N   . LYS A 1 101 ? -8.045  -6.503  -5.716  1.00 19.71 ? 97   LYS A N   1 
ATOM   642  C CA  . LYS A 1 101 ? -9.080  -7.082  -4.876  1.00 20.98 ? 97   LYS A CA  1 
ATOM   643  C C   . LYS A 1 101 ? -10.083 -7.939  -5.670  1.00 20.62 ? 97   LYS A C   1 
ATOM   644  O O   . LYS A 1 101 ? -10.637 -8.866  -5.125  1.00 22.49 ? 97   LYS A O   1 
ATOM   645  C CB  . LYS A 1 101 ? -9.859  -5.973  -4.106  1.00 19.06 ? 97   LYS A CB  1 
ATOM   646  C CG  . LYS A 1 101 ? -9.010  -5.363  -2.939  1.00 19.83 ? 97   LYS A CG  1 
ATOM   647  C CD  . LYS A 1 101 ? -9.955  -4.554  -2.053  1.00 30.45 ? 97   LYS A CD  1 
ATOM   648  C CE  . LYS A 1 101 ? -9.420  -4.396  -0.620  1.00 29.62 ? 97   LYS A CE  1 
ATOM   649  N NZ  . LYS A 1 101 ? -10.485 -3.738  0.295   1.00 29.36 ? 97   LYS A NZ  1 
ATOM   650  N N   . SER A 1 102 ? -10.374 -7.523  -6.877  1.00 21.04 ? 98   SER A N   1 
ATOM   651  C CA  . SER A 1 102 ? -11.242 -8.263  -7.782  1.00 23.43 ? 98   SER A CA  1 
ATOM   652  C C   . SER A 1 102 ? -10.561 -9.575  -8.297  1.00 24.85 ? 98   SER A C   1 
ATOM   653  O O   . SER A 1 102 ? -11.257 -10.471 -8.845  1.00 23.55 ? 98   SER A O   1 
ATOM   654  C CB  . SER A 1 102 ? -11.666 -7.409  -8.964  1.00 22.35 ? 98   SER A CB  1 
ATOM   655  O OG  . SER A 1 102 ? -10.655 -7.259  -9.979  1.00 24.81 ? 98   SER A OG  1 
ATOM   656  N N   . GLY A 1 103 ? -9.237  -9.683  -8.127  1.00 24.06 ? 99   GLY A N   1 
ATOM   657  C CA  . GLY A 1 103 ? -8.511  -10.842 -8.722  1.00 25.51 ? 99   GLY A CA  1 
ATOM   658  C C   . GLY A 1 103 ? -8.292  -10.723 -10.216 1.00 26.15 ? 99   GLY A C   1 
ATOM   659  O O   . GLY A 1 103 ? -7.726  -11.628 -10.850 1.00 27.45 ? 99   GLY A O   1 
ATOM   660  N N   . GLU A 1 104 ? -8.667  -9.607  -10.807 1.00 25.81 ? 100  GLU A N   1 
ATOM   661  C CA  . GLU A 1 104 ? -8.376  -9.383  -12.157 1.00 28.85 ? 100  GLU A CA  1 
ATOM   662  C C   . GLU A 1 104 ? -6.819  -9.326  -12.418 1.00 30.47 ? 100  GLU A C   1 
ATOM   663  O O   . GLU A 1 104 ? -6.358  -9.802  -13.448 1.00 30.18 ? 100  GLU A O   1 
ATOM   664  C CB  . GLU A 1 104 ? -9.081  -8.118  -12.652 1.00 28.58 ? 100  GLU A CB  1 
ATOM   665  C CG  . GLU A 1 104 ? -8.548  -7.676  -14.021 1.00 38.48 ? 100  GLU A CG  1 
ATOM   666  C CD  . GLU A 1 104 ? -9.408  -6.581  -14.686 1.00 47.12 ? 100  GLU A CD  1 
ATOM   667  O OE1 . GLU A 1 104 ? -10.416 -6.150  -14.068 1.00 48.64 ? 100  GLU A OE1 1 
ATOM   668  O OE2 . GLU A 1 104 ? -9.062  -6.165  -15.831 1.00 52.30 ? 100  GLU A OE2 1 
ATOM   669  N N   . GLU A 1 105 ? -6.026  -8.742  -11.505 1.00 29.62 ? 101  GLU A N   1 
ATOM   670  C CA  . GLU A 1 105 ? -4.581  -8.677  -11.679 1.00 31.11 ? 101  GLU A CA  1 
ATOM   671  C C   . GLU A 1 105 ? -4.026  -9.112  -10.359 1.00 30.82 ? 101  GLU A C   1 
ATOM   672  O O   . GLU A 1 105 ? -4.680  -8.917  -9.334  1.00 31.89 ? 101  GLU A O   1 
ATOM   673  C CB  . GLU A 1 105 ? -4.096  -7.243  -11.987 1.00 31.76 ? 101  GLU A CB  1 
ATOM   674  C CG  . GLU A 1 105 ? -4.794  -6.537  -13.167 1.00 37.04 ? 101  GLU A CG  1 
ATOM   675  C CD  . GLU A 1 105 ? -4.391  -7.039  -14.566 1.00 43.07 ? 101  GLU A CD  1 
ATOM   676  O OE1 . GLU A 1 105 ? -4.953  -6.495  -15.583 1.00 49.05 ? 101  GLU A OE1 1 
ATOM   677  O OE2 . GLU A 1 105 ? -3.530  -7.937  -14.646 1.00 39.84 ? 101  GLU A OE2 1 
ATOM   678  N N   . ASP A 1 106 ? -2.852  -9.734  -10.321 1.00 28.18 ? 102  ASP A N   1 
ATOM   679  C CA  . ASP A 1 106 ? -2.301  -9.877  -9.003  1.00 27.94 ? 102  ASP A CA  1 
ATOM   680  C C   . ASP A 1 106 ? -1.318  -8.789  -8.603  1.00 24.82 ? 102  ASP A C   1 
ATOM   681  O O   . ASP A 1 106 ? -0.805  -8.030  -9.438  1.00 24.35 ? 102  ASP A O   1 
ATOM   682  C CB  . ASP A 1 106 ? -1.807  -11.289 -8.710  1.00 32.03 ? 102  ASP A CB  1 
ATOM   683  C CG  . ASP A 1 106 ? -0.786  -11.751 -9.658  1.00 35.79 ? 102  ASP A CG  1 
ATOM   684  O OD1 . ASP A 1 106 ? -0.886  -12.950 -10.054 1.00 47.20 ? 102  ASP A OD1 1 
ATOM   685  O OD2 . ASP A 1 106 ? 0.125   -10.968 -9.984  1.00 41.51 ? 102  ASP A OD2 1 
ATOM   686  N N   . PHE A 1 107 ? -1.100  -8.677  -7.314  1.00 23.38 ? 103  PHE A N   1 
ATOM   687  C CA  . PHE A 1 107 ? -0.233  -7.615  -6.777  1.00 23.16 ? 103  PHE A CA  1 
ATOM   688  C C   . PHE A 1 107 ? 1.154   -7.624  -7.476  1.00 22.52 ? 103  PHE A C   1 
ATOM   689  O O   . PHE A 1 107 ? 1.671   -6.598  -7.871  1.00 20.82 ? 103  PHE A O   1 
ATOM   690  C CB  . PHE A 1 107 ? -0.076  -7.824  -5.245  1.00 23.94 ? 103  PHE A CB  1 
ATOM   691  C CG  . PHE A 1 107 ? 0.912   -6.881  -4.614  1.00 26.03 ? 103  PHE A CG  1 
ATOM   692  C CD1 . PHE A 1 107 ? 0.481   -5.640  -4.146  1.00 27.81 ? 103  PHE A CD1 1 
ATOM   693  C CD2 . PHE A 1 107 ? 2.307   -7.206  -4.563  1.00 27.12 ? 103  PHE A CD2 1 
ATOM   694  C CE1 . PHE A 1 107 ? 1.416   -4.726  -3.615  1.00 27.34 ? 103  PHE A CE1 1 
ATOM   695  C CE2 . PHE A 1 107 ? 3.225   -6.262  -4.089  1.00 28.50 ? 103  PHE A CE2 1 
ATOM   696  C CZ  . PHE A 1 107 ? 2.749   -5.052  -3.599  1.00 26.03 ? 103  PHE A CZ  1 
ATOM   697  N N   . GLU A 1 108 ? 1.775   -8.813  -7.558  1.00 21.63 ? 104  GLU A N   1 
ATOM   698  C CA  . GLU A 1 108 ? 3.171   -8.977  -8.067  1.00 23.18 ? 104  GLU A CA  1 
ATOM   699  C C   . GLU A 1 108 ? 3.289   -8.444  -9.433  1.00 23.00 ? 104  GLU A C   1 
ATOM   700  O O   . GLU A 1 108 ? 4.280   -7.807  -9.774  1.00 22.75 ? 104  GLU A O   1 
ATOM   701  C CB  . GLU A 1 108 ? 3.550   -10.484 -8.078  1.00 22.20 ? 104  GLU A CB  1 
ATOM   702  C CG  . GLU A 1 108 ? 3.776   -11.010 -6.643  1.00 26.06 ? 104  GLU A CG  1 
ATOM   703  C CD  . GLU A 1 108 ? 2.495   -11.469 -5.895  1.00 31.02 ? 104  GLU A CD  1 
ATOM   704  O OE1 . GLU A 1 108 ? 1.300   -11.209 -6.301  1.00 28.80 ? 104  GLU A OE1 1 
ATOM   705  O OE2 . GLU A 1 108 ? 2.739   -12.098 -4.840  1.00 35.05 ? 104  GLU A OE2 1 
ATOM   706  N N   . SER A 1 109 ? 2.265   -8.706  -10.228 1.00 22.96 ? 105  SER A N   1 
ATOM   707  C CA  . SER A 1 109 ? 2.272   -8.305  -11.611 1.00 24.13 ? 105  SER A CA  1 
ATOM   708  C C   . SER A 1 109 ? 2.146   -6.793  -11.778 1.00 22.29 ? 105  SER A C   1 
ATOM   709  O O   . SER A 1 109 ? 2.841   -6.228  -12.582 1.00 20.64 ? 105  SER A O   1 
ATOM   710  C CB  . SER A 1 109 ? 1.168   -9.026  -12.381 1.00 24.87 ? 105  SER A CB  1 
ATOM   711  O OG  . SER A 1 109 ? 0.920   -8.410  -13.640 1.00 29.84 ? 105  SER A OG  1 
ATOM   712  N N   . LEU A 1 110 ? 1.246   -6.138  -11.016 1.00 19.94 ? 106  LEU A N   1 
ATOM   713  C CA  . LEU A 1 110 ? 1.144   -4.677  -11.099 1.00 19.15 ? 106  LEU A CA  1 
ATOM   714  C C   . LEU A 1 110 ? 2.363   -4.043  -10.490 1.00 17.45 ? 106  LEU A C   1 
ATOM   715  O O   . LEU A 1 110 ? 2.776   -2.993  -10.929 1.00 20.21 ? 106  LEU A O   1 
ATOM   716  C CB  . LEU A 1 110 ? -0.141  -4.178  -10.362 1.00 18.89 ? 106  LEU A CB  1 
ATOM   717  C CG  . LEU A 1 110 ? -1.451  -4.782  -10.899 1.00 21.75 ? 106  LEU A CG  1 
ATOM   718  C CD1 . LEU A 1 110 ? -2.703  -4.193  -10.107 1.00 20.87 ? 106  LEU A CD1 1 
ATOM   719  C CD2 . LEU A 1 110 ? -1.618  -4.451  -12.374 1.00 21.79 ? 106  LEU A CD2 1 
ATOM   720  N N   . ALA A 1 111 ? 2.964   -4.643  -9.461  1.00 18.74 ? 107  ALA A N   1 
ATOM   721  C CA  . ALA A 1 111 ? 4.180   -4.022  -8.921  1.00 19.24 ? 107  ALA A CA  1 
ATOM   722  C C   . ALA A 1 111 ? 5.317   -4.062  -9.954  1.00 20.07 ? 107  ALA A C   1 
ATOM   723  O O   . ALA A 1 111 ? 6.051   -3.048  -10.160 1.00 20.06 ? 107  ALA A O   1 
ATOM   724  C CB  . ALA A 1 111 ? 4.623   -4.681  -7.592  1.00 18.23 ? 107  ALA A CB  1 
ATOM   725  N N   . SER A 1 112 ? 5.525   -5.249  -10.555 1.00 19.35 ? 108  SER A N   1 
ATOM   726  C CA  . SER A 1 112 ? 6.567   -5.388  -11.560 1.00 19.42 ? 108  SER A CA  1 
ATOM   727  C C   . SER A 1 112 ? 6.455   -4.406  -12.672 1.00 20.02 ? 108  SER A C   1 
ATOM   728  O O   . SER A 1 112 ? 7.467   -3.827  -13.171 1.00 20.77 ? 108  SER A O   1 
ATOM   729  C CB  . SER A 1 112 ? 6.530   -6.838  -12.153 1.00 19.75 ? 108  SER A CB  1 
ATOM   730  O OG  . SER A 1 112 ? 6.744   -7.754  -11.060 1.00 25.29 ? 108  SER A OG  1 
ATOM   731  N N   . GLN A 1 113 ? 5.224   -4.221  -13.113 1.00 19.75 ? 109  GLN A N   1 
ATOM   732  C CA  . GLN A 1 113 ? 4.920   -3.332  -14.219 1.00 21.21 ? 109  GLN A CA  1 
ATOM   733  C C   . GLN A 1 113 ? 4.928   -1.870  -13.866 1.00 22.52 ? 109  GLN A C   1 
ATOM   734  O O   . GLN A 1 113 ? 5.381   -1.065  -14.661 1.00 22.36 ? 109  GLN A O   1 
ATOM   735  C CB  . GLN A 1 113 ? 3.508   -3.651  -14.722 1.00 22.34 ? 109  GLN A CB  1 
ATOM   736  C CG  . GLN A 1 113 ? 3.491   -4.997  -15.535 1.00 24.31 ? 109  GLN A CG  1 
ATOM   737  C CD  . GLN A 1 113 ? 2.119   -5.320  -16.025 1.00 26.98 ? 109  GLN A CD  1 
ATOM   738  O OE1 . GLN A 1 113 ? 1.411   -6.134  -15.428 1.00 29.98 ? 109  GLN A OE1 1 
ATOM   739  N NE2 . GLN A 1 113 ? 1.746   -4.717  -17.110 1.00 25.50 ? 109  GLN A NE2 1 
ATOM   740  N N   . PHE A 1 114 ? 4.292   -1.521  -12.738 1.00 20.09 ? 110  PHE A N   1 
ATOM   741  C CA  . PHE A 1 114 ? 3.926   -0.140  -12.510 1.00 19.93 ? 110  PHE A CA  1 
ATOM   742  C C   . PHE A 1 114 ? 4.522   0.516   -11.297 1.00 21.06 ? 110  PHE A C   1 
ATOM   743  O O   . PHE A 1 114 ? 4.312   1.722   -11.141 1.00 22.11 ? 110  PHE A O   1 
ATOM   744  C CB  . PHE A 1 114 ? 2.397   -0.002  -12.491 1.00 20.07 ? 110  PHE A CB  1 
ATOM   745  C CG  . PHE A 1 114 ? 1.739   -0.513  -13.747 1.00 20.70 ? 110  PHE A CG  1 
ATOM   746  C CD1 . PHE A 1 114 ? 0.813   -1.525  -13.709 1.00 21.07 ? 110  PHE A CD1 1 
ATOM   747  C CD2 . PHE A 1 114 ? 2.086   0.005   -14.984 1.00 22.13 ? 110  PHE A CD2 1 
ATOM   748  C CE1 . PHE A 1 114 ? 0.204   -2.022  -14.886 1.00 24.77 ? 110  PHE A CE1 1 
ATOM   749  C CE2 . PHE A 1 114 ? 1.524   -0.504  -16.149 1.00 21.13 ? 110  PHE A CE2 1 
ATOM   750  C CZ  . PHE A 1 114 ? 0.543   -1.500  -16.098 1.00 26.73 ? 110  PHE A CZ  1 
ATOM   751  N N   . SER A 1 115 ? 5.226   -0.225  -10.436 1.00 20.38 ? 111  SER A N   1 
ATOM   752  C CA  . SER A 1 115 ? 5.804   0.430   -9.263  1.00 21.17 ? 111  SER A CA  1 
ATOM   753  C C   . SER A 1 115 ? 6.974   1.355   -9.688  1.00 22.37 ? 111  SER A C   1 
ATOM   754  O O   . SER A 1 115 ? 7.840   0.969   -10.502 1.00 20.65 ? 111  SER A O   1 
ATOM   755  C CB  . SER A 1 115 ? 6.265   -0.554  -8.196  1.00 20.67 ? 111  SER A CB  1 
ATOM   756  O OG  . SER A 1 115 ? 6.925   0.126   -7.094  1.00 19.10 ? 111  SER A OG  1 
ATOM   757  N N   . ASP A 1 116 ? 6.981   2.573   -9.125  1.00 22.24 ? 112  ASP A N   1 
ATOM   758  C CA  . ASP A 1 116 ? 8.089   3.520   -9.323  1.00 22.81 ? 112  ASP A CA  1 
ATOM   759  C C   . ASP A 1 116 ? 9.244   3.255   -8.386  1.00 24.07 ? 112  ASP A C   1 
ATOM   760  O O   . ASP A 1 116 ? 10.219  4.027   -8.371  1.00 25.19 ? 112  ASP A O   1 
ATOM   761  C CB  . ASP A 1 116 ? 7.644   4.983   -9.130  1.00 21.95 ? 112  ASP A CB  1 
ATOM   762  C CG  . ASP A 1 116 ? 6.845   5.511   -10.272 1.00 20.90 ? 112  ASP A CG  1 
ATOM   763  O OD1 . ASP A 1 116 ? 7.288   5.362   -11.433 1.00 22.80 ? 112  ASP A OD1 1 
ATOM   764  O OD2 . ASP A 1 116 ? 5.745   6.098   -10.063 1.00 20.09 ? 112  ASP A OD2 1 
ATOM   765  N N   . CYS A 1 117 ? 9.174   2.174   -7.618  1.00 23.77 ? 113  CYS A N   1 
ATOM   766  C CA  . CYS A 1 117 ? 10.301  1.834   -6.783  1.00 23.43 ? 113  CYS A CA  1 
ATOM   767  C C   . CYS A 1 117 ? 11.252  0.878   -7.546  1.00 24.57 ? 113  CYS A C   1 
ATOM   768  O O   . CYS A 1 117 ? 10.795  0.042   -8.302  1.00 23.03 ? 113  CYS A O   1 
ATOM   769  C CB  . CYS A 1 117 ? 9.812   1.144   -5.503  1.00 20.97 ? 113  CYS A CB  1 
ATOM   770  S SG  . CYS A 1 117 ? 11.113  0.673   -4.355  1.00 24.53 ? 113  CYS A SG  1 
ATOM   771  N N   . SER A 1 118 ? 12.544  0.947   -7.257  1.00 24.76 ? 114  SER A N   1 
ATOM   772  C CA  . SER A 1 118 ? 13.472  -0.043  -7.821  1.00 26.10 ? 114  SER A CA  1 
ATOM   773  C C   . SER A 1 118 ? 13.201  -1.483  -7.431  1.00 25.19 ? 114  SER A C   1 
ATOM   774  O O   . SER A 1 118 ? 13.556  -2.382  -8.217  1.00 25.95 ? 114  SER A O   1 
ATOM   775  C CB  . SER A 1 118 ? 14.952  0.324   -7.625  1.00 27.63 ? 114  SER A CB  1 
ATOM   776  O OG  . SER A 1 118 ? 15.196  0.457   -6.258  1.00 33.43 ? 114  SER A OG  1 
ATOM   777  N N   . SER A 1 119 ? 12.487  -1.718  -6.308  1.00 22.70 ? 115  SER A N   1 
ATOM   778  C CA  . SER A 1 119 ? 12.050  -3.077  -5.970  1.00 21.41 ? 115  SER A CA  1 
ATOM   779  C C   . SER A 1 119 ? 11.042  -3.671  -6.954  1.00 21.04 ? 115  SER A C   1 
ATOM   780  O O   . SER A 1 119 ? 10.723  -4.866  -6.779  1.00 20.30 ? 115  SER A O   1 
ATOM   781  C CB  . SER A 1 119 ? 11.429  -3.089  -4.538  1.00 21.28 ? 115  SER A CB  1 
ATOM   782  O OG  . SER A 1 119 ? 10.301  -2.200  -4.576  1.00 19.58 ? 115  SER A OG  1 
ATOM   783  N N   . ALA A 1 120 ? 10.506  -2.896  -7.933  1.00 19.07 ? 116  ALA A N   1 
ATOM   784  C CA  . ALA A 1 120 ? 9.640   -3.394  -8.940  1.00 18.70 ? 116  ALA A CA  1 
ATOM   785  C C   . ALA A 1 120 ? 10.235  -4.670  -9.593  1.00 20.54 ? 116  ALA A C   1 
ATOM   786  O O   . ALA A 1 120 ? 9.494   -5.631  -9.859  1.00 19.35 ? 116  ALA A O   1 
ATOM   787  C CB  . ALA A 1 120 ? 9.411   -2.365  -10.061 1.00 19.89 ? 116  ALA A CB  1 
ATOM   788  N N   . LYS A 1 121 ? 11.556  -4.669  -9.801  1.00 19.76 ? 117  LYS A N   1 
ATOM   789  C CA  . LYS A 1 121 ? 12.172  -5.828  -10.499 1.00 21.68 ? 117  LYS A CA  1 
ATOM   790  C C   . LYS A 1 121 ? 12.182  -7.082  -9.613  1.00 21.17 ? 117  LYS A C   1 
ATOM   791  O O   . LYS A 1 121 ? 12.369  -8.217  -10.113 1.00 19.44 ? 117  LYS A O   1 
ATOM   792  C CB  . LYS A 1 121 ? 13.575  -5.422  -10.984 1.00 21.59 ? 117  LYS A CB  1 
ATOM   793  C CG  . LYS A 1 121 ? 14.536  -5.281  -9.810  1.00 27.75 ? 117  LYS A CG  1 
ATOM   794  C CD  . LYS A 1 121 ? 16.017  -4.958  -10.219 1.00 35.32 ? 117  LYS A CD  1 
ATOM   795  C CE  . LYS A 1 121 ? 16.583  -3.948  -9.227  1.00 39.29 ? 117  LYS A CE  1 
ATOM   796  N NZ  . LYS A 1 121 ? 16.443  -2.644  -9.882  1.00 40.94 ? 117  LYS A NZ  1 
ATOM   797  N N   . ALA A 1 122 ? 11.914  -6.911  -8.298  1.00 17.96 ? 118  ALA A N   1 
ATOM   798  C CA  . ALA A 1 122 ? 11.651  -8.075  -7.480  1.00 19.69 ? 118  ALA A CA  1 
ATOM   799  C C   . ALA A 1 122 ? 10.165  -8.287  -7.080  1.00 18.68 ? 118  ALA A C   1 
ATOM   800  O O   . ALA A 1 122 ? 9.896   -8.768  -5.976  1.00 19.23 ? 118  ALA A O   1 
ATOM   801  C CB  . ALA A 1 122 ? 12.582  -8.061  -6.221  1.00 20.43 ? 118  ALA A CB  1 
ATOM   802  N N   . ARG A 1 123 ? 9.225   -7.914  -7.968  1.00 19.10 ? 119  ARG A N   1 
ATOM   803  C CA  A ARG A 1 123 ? 7.775   -8.030  -7.719  0.50 19.32 ? 119  ARG A CA  1 
ATOM   804  C CA  B ARG A 1 123 ? 7.777   -8.045  -7.690  0.50 19.59 ? 119  ARG A CA  1 
ATOM   805  C C   . ARG A 1 123 ? 7.426   -7.199  -6.466  1.00 19.67 ? 119  ARG A C   1 
ATOM   806  O O   . ARG A 1 123 ? 6.478   -7.524  -5.743  1.00 18.54 ? 119  ARG A O   1 
ATOM   807  C CB  A ARG A 1 123 ? 7.311   -9.511  -7.603  0.50 19.09 ? 119  ARG A CB  1 
ATOM   808  C CB  B ARG A 1 123 ? 7.341   -9.519  -7.468  0.50 19.22 ? 119  ARG A CB  1 
ATOM   809  C CG  A ARG A 1 123 ? 7.665   -10.409 -8.874  0.50 19.51 ? 119  ARG A CG  1 
ATOM   810  C CG  B ARG A 1 123 ? 7.857   -10.465 -8.576  0.50 21.66 ? 119  ARG A CG  1 
ATOM   811  C CD  A ARG A 1 123 ? 7.644   -11.958 -8.520  0.50 18.22 ? 119  ARG A CD  1 
ATOM   812  C CD  B ARG A 1 123 ? 7.147   -11.854 -8.611  0.50 19.78 ? 119  ARG A CD  1 
ATOM   813  N NE  A ARG A 1 123 ? 8.291   -12.182 -7.237  0.50 16.64 ? 119  ARG A NE  1 
ATOM   814  N NE  B ARG A 1 123 ? 7.295   -12.370 -9.981  0.50 22.24 ? 119  ARG A NE  1 
ATOM   815  C CZ  A ARG A 1 123 ? 9.615   -12.237 -7.009  0.50 15.56 ? 119  ARG A CZ  1 
ATOM   816  C CZ  B ARG A 1 123 ? 6.521   -13.301 -10.537 0.50 22.87 ? 119  ARG A CZ  1 
ATOM   817  N NH1 A ARG A 1 123 ? 10.503  -12.135 -7.976  0.50 9.21  ? 119  ARG A NH1 1 
ATOM   818  N NH1 B ARG A 1 123 ? 5.528   -13.867 -9.829  0.50 23.49 ? 119  ARG A NH1 1 
ATOM   819  N NH2 A ARG A 1 123 ? 10.060  -12.374 -5.756  0.50 18.29 ? 119  ARG A NH2 1 
ATOM   820  N NH2 B ARG A 1 123 ? 6.727   -13.631 -11.801 0.50 16.65 ? 119  ARG A NH2 1 
ATOM   821  N N   . GLY A 1 124 ? 8.218   -6.135  -6.220  1.00 18.72 ? 120  GLY A N   1 
ATOM   822  C CA  . GLY A 1 124 ? 8.013   -5.208  -5.082  1.00 18.24 ? 120  GLY A CA  1 
ATOM   823  C C   . GLY A 1 124 ? 8.471   -5.689  -3.737  1.00 20.64 ? 120  GLY A C   1 
ATOM   824  O O   . GLY A 1 124 ? 8.293   -5.046  -2.719  1.00 20.35 ? 120  GLY A O   1 
ATOM   825  N N   . ASP A 1 125 ? 9.087   -6.851  -3.692  1.00 18.65 ? 121  ASP A N   1 
ATOM   826  C CA  . ASP A 1 125 ? 9.509   -7.432  -2.415  1.00 20.99 ? 121  ASP A CA  1 
ATOM   827  C C   . ASP A 1 125 ? 10.643  -6.630  -1.825  1.00 20.30 ? 121  ASP A C   1 
ATOM   828  O O   . ASP A 1 125 ? 11.650  -6.439  -2.456  1.00 21.71 ? 121  ASP A O   1 
ATOM   829  C CB  . ASP A 1 125 ? 9.950   -8.911  -2.610  1.00 21.61 ? 121  ASP A CB  1 
ATOM   830  C CG  . ASP A 1 125 ? 10.554  -9.523  -1.332  1.00 26.98 ? 121  ASP A CG  1 
ATOM   831  O OD1 . ASP A 1 125 ? 10.083  -9.310  -0.179  1.00 21.55 ? 121  ASP A OD1 1 
ATOM   832  O OD2 . ASP A 1 125 ? 11.529  -10.301 -1.486  1.00 27.89 ? 121  ASP A OD2 1 
ATOM   833  N N   . LEU A 1 126 ? 10.478  -6.232  -0.567  1.00 20.69 ? 122  LEU A N   1 
ATOM   834  C CA  . LEU A 1 126 ? 11.489  -5.470  0.198   1.00 21.09 ? 122  LEU A CA  1 
ATOM   835  C C   . LEU A 1 126 ? 12.289  -6.323  1.166   1.00 23.12 ? 122  LEU A C   1 
ATOM   836  O O   . LEU A 1 126 ? 13.210  -5.837  1.786   1.00 23.64 ? 122  LEU A O   1 
ATOM   837  C CB  . LEU A 1 126 ? 10.817  -4.335  0.994   1.00 20.51 ? 122  LEU A CB  1 
ATOM   838  C CG  . LEU A 1 126 ? 10.068  -3.312  0.109   1.00 19.16 ? 122  LEU A CG  1 
ATOM   839  C CD1 . LEU A 1 126 ? 9.382   -2.286  1.081   1.00 22.18 ? 122  LEU A CD1 1 
ATOM   840  C CD2 . LEU A 1 126 ? 10.989  -2.601  -0.903  1.00 22.83 ? 122  LEU A CD2 1 
ATOM   841  N N   . GLY A 1 127 ? 11.936  -7.590  1.322   1.00 23.88 ? 123  GLY A N   1 
ATOM   842  C CA  . GLY A 1 127 ? 12.571  -8.425  2.375   1.00 22.62 ? 123  GLY A CA  1 
ATOM   843  C C   . GLY A 1 127 ? 12.057  -8.046  3.766   1.00 26.01 ? 123  GLY A C   1 
ATOM   844  O O   . GLY A 1 127 ? 11.076  -7.257  3.917   1.00 23.70 ? 123  GLY A O   1 
ATOM   845  N N   . ALA A 1 128 ? 12.731  -8.572  4.796   1.00 24.72 ? 124  ALA A N   1 
ATOM   846  C CA  . ALA A 1 128 ? 12.242  -8.455  6.174   1.00 26.39 ? 124  ALA A CA  1 
ATOM   847  C C   . ALA A 1 128 ? 12.838  -7.189  6.773   1.00 26.46 ? 124  ALA A C   1 
ATOM   848  O O   . ALA A 1 128 ? 13.900  -6.794  6.403   1.00 28.10 ? 124  ALA A O   1 
ATOM   849  C CB  . ALA A 1 128 ? 12.587  -9.675  7.008   1.00 25.91 ? 124  ALA A CB  1 
ATOM   850  N N   . PHE A 1 129 ? 12.123  -6.522  7.664   1.00 28.04 ? 125  PHE A N   1 
ATOM   851  C CA  . PHE A 1 129 ? 12.689  -5.335  8.320   1.00 27.89 ? 125  PHE A CA  1 
ATOM   852  C C   . PHE A 1 129 ? 12.058  -5.260  9.715   1.00 27.62 ? 125  PHE A C   1 
ATOM   853  O O   . PHE A 1 129 ? 11.074  -5.928  10.033  1.00 28.93 ? 125  PHE A O   1 
ATOM   854  C CB  . PHE A 1 129 ? 12.491  -4.040  7.473   1.00 27.50 ? 125  PHE A CB  1 
ATOM   855  C CG  . PHE A 1 129 ? 11.036  -3.800  7.033   1.00 28.88 ? 125  PHE A CG  1 
ATOM   856  C CD1 . PHE A 1 129 ? 10.138  -3.024  7.837   1.00 29.43 ? 125  PHE A CD1 1 
ATOM   857  C CD2 . PHE A 1 129 ? 10.557  -4.386  5.854   1.00 25.54 ? 125  PHE A CD2 1 
ATOM   858  C CE1 . PHE A 1 129 ? 8.819   -2.812  7.438   1.00 28.67 ? 125  PHE A CE1 1 
ATOM   859  C CE2 . PHE A 1 129 ? 9.240   -4.218  5.418   1.00 26.89 ? 125  PHE A CE2 1 
ATOM   860  C CZ  . PHE A 1 129 ? 8.329   -3.410  6.200   1.00 24.74 ? 125  PHE A CZ  1 
ATOM   861  N N   . SER A 1 130 ? 12.651  -4.471  10.584  1.00 29.74 ? 126  SER A N   1 
ATOM   862  C CA  . SER A 1 130 ? 12.134  -4.366  11.935  1.00 30.95 ? 126  SER A CA  1 
ATOM   863  C C   . SER A 1 130 ? 11.746  -2.899  12.070  1.00 30.22 ? 126  SER A C   1 
ATOM   864  O O   . SER A 1 130 ? 12.019  -2.103  11.165  1.00 28.57 ? 126  SER A O   1 
ATOM   865  C CB  . SER A 1 130 ? 13.241  -4.763  12.906  1.00 33.39 ? 126  SER A CB  1 
ATOM   866  O OG  . SER A 1 130 ? 14.212  -3.765  12.798  1.00 36.63 ? 126  SER A OG  1 
ATOM   867  N N   . ARG A 1 131 ? 11.118  -2.514  13.182  1.00 31.12 ? 127  ARG A N   1 
ATOM   868  C CA  . ARG A 1 131 ? 10.855  -1.067  13.367  1.00 30.88 ? 127  ARG A CA  1 
ATOM   869  C C   . ARG A 1 131 ? 12.152  -0.281  13.489  1.00 31.42 ? 127  ARG A C   1 
ATOM   870  O O   . ARG A 1 131 ? 13.177  -0.826  13.900  1.00 31.89 ? 127  ARG A O   1 
ATOM   871  C CB  . ARG A 1 131 ? 9.938   -0.792  14.561  1.00 30.61 ? 127  ARG A CB  1 
ATOM   872  C CG  . ARG A 1 131 ? 8.539   -1.371  14.482  1.00 30.78 ? 127  ARG A CG  1 
ATOM   873  C CD  . ARG A 1 131 ? 7.736   -0.650  15.541  1.00 29.52 ? 127  ARG A CD  1 
ATOM   874  N NE  . ARG A 1 131 ? 6.326   -0.998  15.528  1.00 30.23 ? 127  ARG A NE  1 
ATOM   875  C CZ  . ARG A 1 131 ? 5.366   -0.321  14.894  1.00 26.43 ? 127  ARG A CZ  1 
ATOM   876  N NH1 . ARG A 1 131 ? 5.650   0.760   14.179  1.00 23.65 ? 127  ARG A NH1 1 
ATOM   877  N NH2 . ARG A 1 131 ? 4.118   -0.746  14.990  1.00 27.83 ? 127  ARG A NH2 1 
ATOM   878  N N   . GLY A 1 132 ? 12.101  1.002   13.155  1.00 30.76 ? 128  GLY A N   1 
ATOM   879  C CA  . GLY A 1 132 ? 13.280  1.863   13.164  1.00 30.83 ? 128  GLY A CA  1 
ATOM   880  C C   . GLY A 1 132 ? 14.004  1.951   11.810  1.00 33.30 ? 128  GLY A C   1 
ATOM   881  O O   . GLY A 1 132 ? 15.033  2.611   11.691  1.00 33.18 ? 128  GLY A O   1 
ATOM   882  N N   . GLN A 1 133 ? 13.486  1.311   10.757  1.00 33.57 ? 129  GLN A N   1 
ATOM   883  C CA  . GLN A 1 133 ? 14.183  1.338   9.447   1.00 34.14 ? 129  GLN A CA  1 
ATOM   884  C C   . GLN A 1 133 ? 13.460  2.112   8.359   1.00 35.38 ? 129  GLN A C   1 
ATOM   885  O O   . GLN A 1 133 ? 14.127  2.793   7.571   1.00 37.07 ? 129  GLN A O   1 
ATOM   886  C CB  . GLN A 1 133 ? 14.440  -0.101  8.920   1.00 35.81 ? 129  GLN A CB  1 
ATOM   887  C CG  . GLN A 1 133 ? 15.247  -1.010  9.847   1.00 35.67 ? 129  GLN A CG  1 
ATOM   888  C CD  . GLN A 1 133 ? 15.474  -2.414  9.223   1.00 37.60 ? 129  GLN A CD  1 
ATOM   889  O OE1 . GLN A 1 133 ? 15.251  -3.449  9.854   1.00 40.07 ? 129  GLN A OE1 1 
ATOM   890  N NE2 . GLN A 1 133 ? 15.864  -2.432  7.973   1.00 43.63 ? 129  GLN A NE2 1 
ATOM   891  N N   . MET A 1 134 ? 12.120  1.984   8.264   1.00 33.55 ? 130  MET A N   1 
ATOM   892  C CA  . MET A 1 134 ? 11.381  2.581   7.126   1.00 33.06 ? 130  MET A CA  1 
ATOM   893  C C   . MET A 1 134 ? 10.847  3.959   7.521   1.00 32.01 ? 130  MET A C   1 
ATOM   894  O O   . MET A 1 134 ? 10.862  4.288   8.695   1.00 30.28 ? 130  MET A O   1 
ATOM   895  C CB  . MET A 1 134 ? 10.201  1.632   6.712   1.00 32.79 ? 130  MET A CB  1 
ATOM   896  C CG  . MET A 1 134 ? 10.680  0.251   6.183   1.00 34.81 ? 130  MET A CG  1 
ATOM   897  S SD  . MET A 1 134 ? 11.732  0.457   4.669   1.00 38.47 ? 130  MET A SD  1 
ATOM   898  C CE  . MET A 1 134 ? 11.738  -1.236  4.068   1.00 41.93 ? 130  MET A CE  1 
ATOM   899  N N   . GLN A 1 135 ? 10.353  4.732   6.562   1.00 30.00 ? 131  GLN A N   1 
ATOM   900  C CA  . GLN A 1 135 ? 9.623   5.945   6.891   1.00 29.72 ? 131  GLN A CA  1 
ATOM   901  C C   . GLN A 1 135 ? 8.458   5.537   7.780   1.00 29.43 ? 131  GLN A C   1 
ATOM   902  O O   . GLN A 1 135 ? 7.828   4.462   7.654   1.00 28.02 ? 131  GLN A O   1 
ATOM   903  C CB  . GLN A 1 135 ? 9.071   6.583   5.605   1.00 31.83 ? 131  GLN A CB  1 
ATOM   904  C CG  . GLN A 1 135 ? 10.121  7.110   4.620   1.00 33.26 ? 131  GLN A CG  1 
ATOM   905  C CD  . GLN A 1 135 ? 9.687   6.944   3.129   1.00 38.80 ? 131  GLN A CD  1 
ATOM   906  O OE1 . GLN A 1 135 ? 9.882   7.839   2.323   1.00 41.27 ? 131  GLN A OE1 1 
ATOM   907  N NE2 . GLN A 1 135 ? 9.095   5.803   2.787   1.00 37.35 ? 131  GLN A NE2 1 
ATOM   908  N N   . LYS A 1 136 ? 8.090   6.420   8.690   1.00 29.12 ? 132  LYS A N   1 
ATOM   909  C CA  . LYS A 1 136 ? 7.179   5.990   9.717   1.00 26.04 ? 132  LYS A CA  1 
ATOM   910  C C   . LYS A 1 136 ? 5.734   5.569   9.275   1.00 24.85 ? 132  LYS A C   1 
ATOM   911  O O   . LYS A 1 136 ? 5.219   4.567   9.793   1.00 25.09 ? 132  LYS A O   1 
ATOM   912  C CB  . LYS A 1 136 ? 7.210   7.042   10.830  1.00 27.97 ? 132  LYS A CB  1 
ATOM   913  C CG  . LYS A 1 136 ? 6.562   6.577   12.006  1.00 27.23 ? 132  LYS A CG  1 
ATOM   914  C CD  . LYS A 1 136 ? 7.443   5.774   12.941  1.00 29.41 ? 132  LYS A CD  1 
ATOM   915  C CE  . LYS A 1 136 ? 6.375   4.796   13.531  1.00 35.52 ? 132  LYS A CE  1 
ATOM   916  N NZ  . LYS A 1 136 ? 6.038   4.333   14.988  1.00 38.30 ? 132  LYS A NZ  1 
ATOM   917  N N   . PRO A 1 137 ? 5.077   6.331   8.360   1.00 23.07 ? 133  PRO A N   1 
ATOM   918  C CA  . PRO A 1 137 ? 3.784   5.837   7.876   1.00 22.15 ? 133  PRO A CA  1 
ATOM   919  C C   . PRO A 1 137 ? 3.896   4.456   7.161   1.00 20.75 ? 133  PRO A C   1 
ATOM   920  O O   . PRO A 1 137 ? 3.021   3.659   7.335   1.00 21.10 ? 133  PRO A O   1 
ATOM   921  C CB  . PRO A 1 137 ? 3.343   6.907   6.869   1.00 21.86 ? 133  PRO A CB  1 
ATOM   922  C CG  . PRO A 1 137 ? 4.219   8.161   7.190   1.00 23.91 ? 133  PRO A CG  1 
ATOM   923  C CD  . PRO A 1 137 ? 5.509   7.528   7.602   1.00 23.32 ? 133  PRO A CD  1 
ATOM   924  N N   . PHE A 1 138 ? 4.970   4.206   6.427   1.00 21.57 ? 134  PHE A N   1 
ATOM   925  C CA  . PHE A 1 138 ? 5.184   2.882   5.827   1.00 20.14 ? 134  PHE A CA  1 
ATOM   926  C C   . PHE A 1 138 ? 5.372   1.811   6.934   1.00 19.98 ? 134  PHE A C   1 
ATOM   927  O O   . PHE A 1 138 ? 4.730   0.719   6.926   1.00 20.74 ? 134  PHE A O   1 
ATOM   928  C CB  . PHE A 1 138 ? 6.389   2.957   4.915   1.00 19.18 ? 134  PHE A CB  1 
ATOM   929  C CG  . PHE A 1 138 ? 6.570   1.719   4.071   1.00 19.21 ? 134  PHE A CG  1 
ATOM   930  C CD1 . PHE A 1 138 ? 6.041   1.674   2.769   1.00 16.88 ? 134  PHE A CD1 1 
ATOM   931  C CD2 . PHE A 1 138 ? 7.165   0.567   4.612   1.00 20.88 ? 134  PHE A CD2 1 
ATOM   932  C CE1 . PHE A 1 138 ? 6.199   0.493   1.964   1.00 20.18 ? 134  PHE A CE1 1 
ATOM   933  C CE2 . PHE A 1 138 ? 7.250   -0.621  3.810   1.00 22.69 ? 134  PHE A CE2 1 
ATOM   934  C CZ  . PHE A 1 138 ? 6.752   -0.636  2.518   1.00 18.71 ? 134  PHE A CZ  1 
ATOM   935  N N   . GLU A 1 139 ? 6.225   2.090   7.942   1.00 20.49 ? 135  GLU A N   1 
ATOM   936  C CA  . GLU A 1 139 ? 6.483   1.103   8.988   1.00 20.40 ? 135  GLU A CA  1 
ATOM   937  C C   . GLU A 1 139 ? 5.201   0.784   9.753   1.00 21.40 ? 135  GLU A C   1 
ATOM   938  O O   . GLU A 1 139 ? 4.863   -0.398  10.049  1.00 20.09 ? 135  GLU A O   1 
ATOM   939  C CB  . GLU A 1 139 ? 7.504   1.667   9.989   1.00 21.40 ? 135  GLU A CB  1 
ATOM   940  C CG  . GLU A 1 139 ? 7.730   0.781   11.216  1.00 22.39 ? 135  GLU A CG  1 
ATOM   941  C CD  . GLU A 1 139 ? 8.625   1.558   12.232  1.00 26.12 ? 135  GLU A CD  1 
ATOM   942  O OE1 . GLU A 1 139 ? 9.771   1.918   11.830  1.00 26.31 ? 135  GLU A OE1 1 
ATOM   943  O OE2 . GLU A 1 139 ? 8.093   1.917   13.306  1.00 28.17 ? 135  GLU A OE2 1 
ATOM   944  N N   . ASP A 1 140 ? 4.490   1.853   10.143  1.00 19.48 ? 136  ASP A N   1 
ATOM   945  C CA  . ASP A 1 140 ? 3.292   1.624   10.951  1.00 20.32 ? 136  ASP A CA  1 
ATOM   946  C C   . ASP A 1 140 ? 2.310   0.796   10.213  1.00 19.46 ? 136  ASP A C   1 
ATOM   947  O O   . ASP A 1 140 ? 1.726   -0.112  10.796  1.00 20.22 ? 136  ASP A O   1 
ATOM   948  C CB  . ASP A 1 140 ? 2.618   2.956   11.412  1.00 21.36 ? 136  ASP A CB  1 
ATOM   949  C CG  . ASP A 1 140 ? 3.401   3.679   12.527  1.00 26.26 ? 136  ASP A CG  1 
ATOM   950  O OD1 . ASP A 1 140 ? 4.257   3.058   13.208  1.00 24.73 ? 136  ASP A OD1 1 
ATOM   951  O OD2 . ASP A 1 140 ? 3.150   4.887   12.724  1.00 27.33 ? 136  ASP A OD2 1 
ATOM   952  N N   . ALA A 1 141 ? 2.076   1.100   8.931   1.00 20.36 ? 137  ALA A N   1 
ATOM   953  C CA  . ALA A 1 141 ? 1.126   0.286   8.155   1.00 19.37 ? 137  ALA A CA  1 
ATOM   954  C C   . ALA A 1 141 ? 1.632   -1.201  8.098   1.00 19.61 ? 137  ALA A C   1 
ATOM   955  O O   . ALA A 1 141 ? 0.868   -2.126  8.331   1.00 20.93 ? 137  ALA A O   1 
ATOM   956  C CB  . ALA A 1 141 ? 0.988   0.864   6.731   1.00 19.80 ? 137  ALA A CB  1 
ATOM   957  N N   . SER A 1 142 ? 2.924   -1.399  7.817   1.00 21.96 ? 138  SER A N   1 
ATOM   958  C CA  . SER A 1 142 ? 3.513   -2.733  7.648   1.00 20.70 ? 138  SER A CA  1 
ATOM   959  C C   . SER A 1 142 ? 3.301   -3.601  8.874   1.00 22.31 ? 138  SER A C   1 
ATOM   960  O O   . SER A 1 142 ? 2.795   -4.742  8.760   1.00 22.43 ? 138  SER A O   1 
ATOM   961  C CB  . SER A 1 142 ? 5.016   -2.613  7.321   1.00 19.45 ? 138  SER A CB  1 
ATOM   962  O OG  . SER A 1 142 ? 5.229   -2.003  6.065   1.00 19.28 ? 138  SER A OG  1 
ATOM   963  N N   . PHE A 1 143 ? 3.590   -3.045  10.056  1.00 23.41 ? 139  PHE A N   1 
ATOM   964  C CA  . PHE A 1 143 ? 3.397   -3.717  11.368  1.00 24.11 ? 139  PHE A CA  1 
ATOM   965  C C   . PHE A 1 143 ? 1.984   -3.857  11.894  1.00 25.45 ? 139  PHE A C   1 
ATOM   966  O O   . PHE A 1 143 ? 1.766   -4.654  12.807  1.00 27.16 ? 139  PHE A O   1 
ATOM   967  C CB  . PHE A 1 143 ? 4.307   -3.063  12.436  1.00 23.05 ? 139  PHE A CB  1 
ATOM   968  C CG  . PHE A 1 143 ? 5.749   -3.501  12.322  1.00 22.36 ? 139  PHE A CG  1 
ATOM   969  C CD1 . PHE A 1 143 ? 6.623   -2.814  11.517  1.00 21.85 ? 139  PHE A CD1 1 
ATOM   970  C CD2 . PHE A 1 143 ? 6.199   -4.635  13.020  1.00 24.61 ? 139  PHE A CD2 1 
ATOM   971  C CE1 . PHE A 1 143 ? 7.945   -3.210  11.380  1.00 24.26 ? 139  PHE A CE1 1 
ATOM   972  C CE2 . PHE A 1 143 ? 7.510   -5.045  12.897  1.00 25.94 ? 139  PHE A CE2 1 
ATOM   973  C CZ  . PHE A 1 143 ? 8.396   -4.332  12.060  1.00 24.94 ? 139  PHE A CZ  1 
ATOM   974  N N   . ALA A 1 144 ? 1.024   -3.136  11.287  1.00 24.54 ? 140  ALA A N   1 
ATOM   975  C CA  . ALA A 1 144 ? -0.390  -3.277  11.624  1.00 23.30 ? 140  ALA A CA  1 
ATOM   976  C C   . ALA A 1 144 ? -1.138  -4.280  10.728  1.00 23.62 ? 140  ALA A C   1 
ATOM   977  O O   . ALA A 1 144 ? -2.233  -4.736  11.060  1.00 24.64 ? 140  ALA A O   1 
ATOM   978  C CB  . ALA A 1 144 ? -1.086  -1.851  11.518  1.00 21.22 ? 140  ALA A CB  1 
ATOM   979  N N   . LEU A 1 145 ? -0.560  -4.607  9.562   1.00 23.19 ? 141  LEU A N   1 
ATOM   980  C CA  . LEU A 1 145 ? -1.141  -5.631  8.669   1.00 24.26 ? 141  LEU A CA  1 
ATOM   981  C C   . LEU A 1 145 ? -0.965  -6.990  9.231   1.00 24.55 ? 141  LEU A C   1 
ATOM   982  O O   . LEU A 1 145 ? 0.002   -7.223  9.979   1.00 26.98 ? 141  LEU A O   1 
ATOM   983  C CB  . LEU A 1 145 ? -0.486  -5.612  7.269   1.00 22.28 ? 141  LEU A CB  1 
ATOM   984  C CG  . LEU A 1 145 ? -0.650  -4.337  6.454   1.00 22.05 ? 141  LEU A CG  1 
ATOM   985  C CD1 . LEU A 1 145 ? 0.418   -4.306  5.311   1.00 14.72 ? 141  LEU A CD1 1 
ATOM   986  C CD2 . LEU A 1 145 ? -2.064  -4.261  5.862   1.00 19.24 ? 141  LEU A CD2 1 
ATOM   987  N N   . ARG A 1 146 ? -1.950  -7.843  8.938   1.00 27.05 ? 142  ARG A N   1 
ATOM   988  C CA  . ARG A 1 146 ? -1.895  -9.285  9.181   1.00 28.83 ? 142  ARG A CA  1 
ATOM   989  C C   . ARG A 1 146 ? -1.078  -9.957  8.027   1.00 27.30 ? 142  ARG A C   1 
ATOM   990  O O   . ARG A 1 146 ? -0.983  -9.426  6.915   1.00 23.75 ? 142  ARG A O   1 
ATOM   991  C CB  . ARG A 1 146 ? -3.333  -9.835  9.307   1.00 30.70 ? 142  ARG A CB  1 
ATOM   992  C CG  . ARG A 1 146 ? -4.004  -9.369  10.703  1.00 37.88 ? 142  ARG A CG  1 
ATOM   993  C CD  . ARG A 1 146 ? -5.528  -9.639  10.805  1.00 48.52 ? 142  ARG A CD  1 
ATOM   994  N NE  . ARG A 1 146 ? -6.341  -8.666  10.049  1.00 55.02 ? 142  ARG A NE  1 
ATOM   995  C CZ  . ARG A 1 146 ? -6.974  -8.923  8.890   1.00 57.25 ? 142  ARG A CZ  1 
ATOM   996  N NH1 . ARG A 1 146 ? -6.943  -10.152 8.343   1.00 59.79 ? 142  ARG A NH1 1 
ATOM   997  N NH2 . ARG A 1 146 ? -7.673  -7.959  8.285   1.00 54.04 ? 142  ARG A NH2 1 
ATOM   998  N N   . THR A 1 147 ? -0.430  -11.088 8.301   1.00 28.59 ? 143  THR A N   1 
ATOM   999  C CA  . THR A 1 147 ? 0.252   -11.812 7.206   1.00 28.28 ? 143  THR A CA  1 
ATOM   1000 C C   . THR A 1 147 ? -0.716  -12.027 6.089   1.00 27.64 ? 143  THR A C   1 
ATOM   1001 O O   . THR A 1 147 ? -1.836  -12.480 6.316   1.00 27.97 ? 143  THR A O   1 
ATOM   1002 C CB  . THR A 1 147 ? 0.770   -13.171 7.711   1.00 29.74 ? 143  THR A CB  1 
ATOM   1003 O OG1 . THR A 1 147 ? 1.660   -12.885 8.770   1.00 32.33 ? 143  THR A OG1 1 
ATOM   1004 C CG2 . THR A 1 147 ? 1.517   -13.904 6.623   1.00 30.50 ? 143  THR A CG2 1 
ATOM   1005 N N   . GLY A 1 148 ? -0.327  -11.685 4.861   1.00 25.46 ? 144  GLY A N   1 
ATOM   1006 C CA  . GLY A 1 148 ? -1.220  -11.871 3.710   1.00 24.29 ? 144  GLY A CA  1 
ATOM   1007 C C   . GLY A 1 148 ? -2.105  -10.683 3.379   1.00 24.17 ? 144  GLY A C   1 
ATOM   1008 O O   . GLY A 1 148 ? -2.668  -10.621 2.311   1.00 25.55 ? 144  GLY A O   1 
ATOM   1009 N N   . GLU A 1 149 ? -2.223  -9.749  4.329   1.00 23.65 ? 145  GLU A N   1 
ATOM   1010 C CA  . GLU A 1 149 ? -3.093  -8.571  4.202   1.00 22.76 ? 145  GLU A CA  1 
ATOM   1011 C C   . GLU A 1 149 ? -2.420  -7.436  3.462   1.00 22.11 ? 145  GLU A C   1 
ATOM   1012 O O   . GLU A 1 149 ? -1.200  -7.232  3.518   1.00 21.39 ? 145  GLU A O   1 
ATOM   1013 C CB  . GLU A 1 149 ? -3.546  -8.104  5.589   1.00 22.26 ? 145  GLU A CB  1 
ATOM   1014 C CG  . GLU A 1 149 ? -4.557  -6.963  5.461   1.00 26.20 ? 145  GLU A CG  1 
ATOM   1015 C CD  . GLU A 1 149 ? -5.063  -6.480  6.824   1.00 28.48 ? 145  GLU A CD  1 
ATOM   1016 O OE1 . GLU A 1 149 ? -4.466  -6.895  7.883   1.00 30.59 ? 145  GLU A OE1 1 
ATOM   1017 O OE2 . GLU A 1 149 ? -6.069  -5.696  6.822   1.00 27.46 ? 145  GLU A OE2 1 
ATOM   1018 N N   . MET A 1 150 ? -3.247  -6.709  2.726   1.00 21.23 ? 146  MET A N   1 
ATOM   1019 C CA  . MET A 1 150 ? -2.828  -5.646  1.880   1.00 21.18 ? 146  MET A CA  1 
ATOM   1020 C C   . MET A 1 150 ? -3.379  -4.335  2.475   1.00 19.80 ? 146  MET A C   1 
ATOM   1021 O O   . MET A 1 150 ? -4.518  -4.308  2.982   1.00 18.59 ? 146  MET A O   1 
ATOM   1022 C CB  . MET A 1 150 ? -3.411  -5.854  0.491   1.00 22.18 ? 146  MET A CB  1 
ATOM   1023 C CG  . MET A 1 150 ? -2.779  -4.867  -0.557  1.00 25.70 ? 146  MET A CG  1 
ATOM   1024 S SD  . MET A 1 150 ? -3.373  -5.131  -2.217  1.00 26.60 ? 146  MET A SD  1 
ATOM   1025 C CE  . MET A 1 150 ? -5.122  -4.621  -2.168  1.00 27.51 ? 146  MET A CE  1 
ATOM   1026 N N   . SER A 1 151 ? -2.569  -3.292  2.420   1.00 17.83 ? 147  SER A N   1 
ATOM   1027 C CA  . SER A 1 151 ? -2.997  -1.945  2.878   1.00 19.10 ? 147  SER A CA  1 
ATOM   1028 C C   . SER A 1 151 ? -3.938  -1.256  1.880   1.00 18.85 ? 147  SER A C   1 
ATOM   1029 O O   . SER A 1 151 ? -4.043  -1.664  0.707   1.00 17.24 ? 147  SER A O   1 
ATOM   1030 C CB  . SER A 1 151 ? -1.738  -1.097  3.109   1.00 16.51 ? 147  SER A CB  1 
ATOM   1031 O OG  . SER A 1 151 ? -1.252  -0.590  1.848   1.00 18.19 ? 147  SER A OG  1 
ATOM   1032 N N   . GLY A 1 152 ? -4.537  -0.103  2.272   1.00 18.99 ? 148  GLY A N   1 
ATOM   1033 C CA  . GLY A 1 152 ? -5.046  0.792   1.235   1.00 20.05 ? 148  GLY A CA  1 
ATOM   1034 C C   . GLY A 1 152 ? -3.904  1.751   0.905   1.00 21.07 ? 148  GLY A C   1 
ATOM   1035 O O   . GLY A 1 152 ? -2.681  1.464   1.152   1.00 18.44 ? 148  GLY A O   1 
ATOM   1036 N N   . PRO A 1 153 ? -4.254  2.907   0.360   1.00 21.50 ? 149  PRO A N   1 
ATOM   1037 C CA  . PRO A 1 153 ? -3.184  3.862   -0.052  1.00 21.14 ? 149  PRO A CA  1 
ATOM   1038 C C   . PRO A 1 153 ? -2.439  4.366   1.185   1.00 21.75 ? 149  PRO A C   1 
ATOM   1039 O O   . PRO A 1 153 ? -3.100  4.829   2.147   1.00 21.05 ? 149  PRO A O   1 
ATOM   1040 C CB  . PRO A 1 153 ? -3.961  5.049   -0.729  1.00 22.00 ? 149  PRO A CB  1 
ATOM   1041 C CG  . PRO A 1 153 ? -5.329  4.500   -0.993  1.00 25.25 ? 149  PRO A CG  1 
ATOM   1042 C CD  . PRO A 1 153 ? -5.618  3.354   -0.001  1.00 22.05 ? 149  PRO A CD  1 
ATOM   1043 N N   . VAL A 1 154 ? -1.103  4.334   1.169   1.00 19.75 ? 150  VAL A N   1 
ATOM   1044 C CA  . VAL A 1 154 ? -0.336  4.767   2.333   1.00 19.62 ? 150  VAL A CA  1 
ATOM   1045 C C   . VAL A 1 154 ? 0.567   5.870   1.796   1.00 19.96 ? 150  VAL A C   1 
ATOM   1046 O O   . VAL A 1 154 ? 1.297   5.697   0.795   1.00 20.38 ? 150  VAL A O   1 
ATOM   1047 C CB  . VAL A 1 154 ? 0.468   3.632   3.019   1.00 19.06 ? 150  VAL A CB  1 
ATOM   1048 C CG1 . VAL A 1 154 ? 1.521   4.155   4.006   1.00 17.88 ? 150  VAL A CG1 1 
ATOM   1049 C CG2 . VAL A 1 154 ? -0.440  2.572   3.628   1.00 17.96 ? 150  VAL A CG2 1 
ATOM   1050 N N   . PHE A 1 155 ? 0.539   7.024   2.462   1.00 20.41 ? 151  PHE A N   1 
ATOM   1051 C CA  . PHE A 1 155 ? 1.275   8.160   1.966   1.00 19.18 ? 151  PHE A CA  1 
ATOM   1052 C C   . PHE A 1 155 ? 2.585   8.362   2.662   1.00 19.93 ? 151  PHE A C   1 
ATOM   1053 O O   . PHE A 1 155 ? 2.653   8.366   3.915   1.00 22.15 ? 151  PHE A O   1 
ATOM   1054 C CB  . PHE A 1 155 ? 0.442   9.466   2.123   1.00 19.67 ? 151  PHE A CB  1 
ATOM   1055 C CG  . PHE A 1 155 ? -0.780  9.487   1.309   1.00 18.02 ? 151  PHE A CG  1 
ATOM   1056 C CD1 . PHE A 1 155 ? -1.876  8.687   1.654   1.00 21.63 ? 151  PHE A CD1 1 
ATOM   1057 C CD2 . PHE A 1 155 ? -0.877  10.316  0.220   1.00 17.92 ? 151  PHE A CD2 1 
ATOM   1058 C CE1 . PHE A 1 155 ? -3.048  8.708   0.895   1.00 19.56 ? 151  PHE A CE1 1 
ATOM   1059 C CE2 . PHE A 1 155 ? -2.047  10.335  -0.536  1.00 18.52 ? 151  PHE A CE2 1 
ATOM   1060 C CZ  . PHE A 1 155 ? -3.109  9.557   -0.205  1.00 18.07 ? 151  PHE A CZ  1 
ATOM   1061 N N   . THR A 1 156 ? 3.652   8.620   1.888   1.00 20.50 ? 152  THR A N   1 
ATOM   1062 C CA  . THR A 1 156 ? 4.935   9.004   2.530   1.00 20.53 ? 152  THR A CA  1 
ATOM   1063 C C   . THR A 1 156 ? 5.550   10.051  1.638   1.00 21.41 ? 152  THR A C   1 
ATOM   1064 O O   . THR A 1 156 ? 5.027   10.336  0.560   1.00 19.67 ? 152  THR A O   1 
ATOM   1065 C CB  . THR A 1 156 ? 5.967   7.802   2.557   1.00 22.71 ? 152  THR A CB  1 
ATOM   1066 O OG1 . THR A 1 156 ? 6.334   7.538   1.184   1.00 21.72 ? 152  THR A OG1 1 
ATOM   1067 C CG2 . THR A 1 156 ? 5.413   6.518   3.178   1.00 21.33 ? 152  THR A CG2 1 
ATOM   1068 N N   . ASP A 1 157 ? 6.741   10.569  2.000   1.00 23.58 ? 153  ASP A N   1 
ATOM   1069 C CA  . ASP A 1 157 ? 7.430   11.472  1.094   1.00 25.19 ? 153  ASP A CA  1 
ATOM   1070 C C   . ASP A 1 157 ? 7.959   10.805  -0.192  1.00 26.97 ? 153  ASP A C   1 
ATOM   1071 O O   . ASP A 1 157 ? 8.278   11.520  -1.173  1.00 27.24 ? 153  ASP A O   1 
ATOM   1072 C CB  . ASP A 1 157 ? 8.598   12.109  1.835   1.00 25.86 ? 153  ASP A CB  1 
ATOM   1073 C CG  . ASP A 1 157 ? 8.147   13.135  2.851   1.00 32.10 ? 153  ASP A CG  1 
ATOM   1074 O OD1 . ASP A 1 157 ? 6.958   13.496  2.882   1.00 32.98 ? 153  ASP A OD1 1 
ATOM   1075 O OD2 . ASP A 1 157 ? 8.997   13.603  3.603   1.00 37.50 ? 153  ASP A OD2 1 
ATOM   1076 N N   . SER A 1 158 ? 8.024   9.440   -0.230  1.00 24.35 ? 154  SER A N   1 
ATOM   1077 C CA  . SER A 1 158 ? 8.364   8.805   -1.503  1.00 23.24 ? 154  SER A CA  1 
ATOM   1078 C C   . SER A 1 158 ? 7.220   8.897   -2.488  1.00 21.31 ? 154  SER A C   1 
ATOM   1079 O O   . SER A 1 158 ? 7.422   8.975   -3.702  1.00 20.66 ? 154  SER A O   1 
ATOM   1080 C CB  . SER A 1 158 ? 8.676   7.331   -1.279  1.00 20.92 ? 154  SER A CB  1 
ATOM   1081 O OG  . SER A 1 158 ? 9.863   7.308   -0.580  1.00 24.35 ? 154  SER A OG  1 
ATOM   1082 N N   . GLY A 1 159 ? 6.000   8.817   -1.975  1.00 19.68 ? 155  GLY A N   1 
ATOM   1083 C CA  . GLY A 1 159 ? 4.834   8.863   -2.890  1.00 19.30 ? 155  GLY A CA  1 
ATOM   1084 C C   . GLY A 1 159 ? 3.706   8.104   -2.256  1.00 18.85 ? 155  GLY A C   1 
ATOM   1085 O O   . GLY A 1 159 ? 3.523   8.171   -1.031  1.00 21.46 ? 155  GLY A O   1 
ATOM   1086 N N   . ILE A 1 160 ? 2.899   7.426   -3.044  1.00 18.86 ? 156  ILE A N   1 
ATOM   1087 C CA  . ILE A 1 160 ? 1.757   6.683   -2.464  1.00 18.40 ? 156  ILE A CA  1 
ATOM   1088 C C   . ILE A 1 160 ? 2.001   5.192   -2.662  1.00 17.69 ? 156  ILE A C   1 
ATOM   1089 O O   . ILE A 1 160 ? 2.404   4.779   -3.769  1.00 19.33 ? 156  ILE A O   1 
ATOM   1090 C CB  . ILE A 1 160 ? 0.387   7.093   -3.089  1.00 16.72 ? 156  ILE A CB  1 
ATOM   1091 C CG1 . ILE A 1 160 ? 0.201   8.663   -3.027  1.00 18.69 ? 156  ILE A CG1 1 
ATOM   1092 C CG2 . ILE A 1 160 ? -0.761  6.405   -2.307  1.00 17.51 ? 156  ILE A CG2 1 
ATOM   1093 C CD1 . ILE A 1 160 ? -1.019  9.146   -3.809  1.00 17.82 ? 156  ILE A CD1 1 
ATOM   1094 N N   . HIS A 1 161 ? 1.703   4.407   -1.621  1.00 17.30 ? 157  HIS A N   1 
ATOM   1095 C CA  . HIS A 1 161 ? 2.039   2.964   -1.617  1.00 17.64 ? 157  HIS A CA  1 
ATOM   1096 C C   . HIS A 1 161 ? 0.826   2.061   -1.429  1.00 18.09 ? 157  HIS A C   1 
ATOM   1097 O O   . HIS A 1 161 ? -0.149  2.421   -0.709  1.00 15.36 ? 157  HIS A O   1 
ATOM   1098 C CB  . HIS A 1 161 ? 2.988   2.591   -0.447  1.00 16.14 ? 157  HIS A CB  1 
ATOM   1099 C CG  . HIS A 1 161 ? 4.207   3.435   -0.310  1.00 20.69 ? 157  HIS A CG  1 
ATOM   1100 N ND1 . HIS A 1 161 ? 5.457   2.937   -0.599  1.00 17.48 ? 157  HIS A ND1 1 
ATOM   1101 C CD2 . HIS A 1 161 ? 4.397   4.731   0.094   1.00 20.76 ? 157  HIS A CD2 1 
ATOM   1102 C CE1 . HIS A 1 161 ? 6.375   3.867   -0.336  1.00 23.03 ? 157  HIS A CE1 1 
ATOM   1103 N NE2 . HIS A 1 161 ? 5.757   4.965   0.072   1.00 20.42 ? 157  HIS A NE2 1 
ATOM   1104 N N   . ILE A 1 162 ? 0.933   0.853   -2.041  1.00 16.45 ? 158  ILE A N   1 
ATOM   1105 C CA  . ILE A 1 162 ? 0.157   -0.249  -1.621  1.00 17.73 ? 158  ILE A CA  1 
ATOM   1106 C C   . ILE A 1 162 ? 1.124   -1.223  -0.975  1.00 17.57 ? 158  ILE A C   1 
ATOM   1107 O O   . ILE A 1 162 ? 2.128   -1.596  -1.594  1.00 18.94 ? 158  ILE A O   1 
ATOM   1108 C CB  . ILE A 1 162 ? -0.512  -1.022  -2.796  1.00 18.98 ? 158  ILE A CB  1 
ATOM   1109 C CG1 . ILE A 1 162 ? -1.491  -0.111  -3.558  1.00 23.97 ? 158  ILE A CG1 1 
ATOM   1110 C CG2 . ILE A 1 162 ? -1.341  -2.159  -2.227  1.00 19.45 ? 158  ILE A CG2 1 
ATOM   1111 C CD1 . ILE A 1 162 ? -1.748  -0.540  -5.025  1.00 22.43 ? 158  ILE A CD1 1 
ATOM   1112 N N   . ILE A 1 163 ? 0.820   -1.641  0.250   1.00 16.29 ? 159  ILE A N   1 
ATOM   1113 C CA  . ILE A 1 163 ? 1.733   -2.576  0.980   1.00 18.83 ? 159  ILE A CA  1 
ATOM   1114 C C   . ILE A 1 163 ? 1.078   -3.916  1.141   1.00 19.14 ? 159  ILE A C   1 
ATOM   1115 O O   . ILE A 1 163 ? -0.059  -3.989  1.642   1.00 19.08 ? 159  ILE A O   1 
ATOM   1116 C CB  . ILE A 1 163 ? 2.147   -2.011  2.376   1.00 17.02 ? 159  ILE A CB  1 
ATOM   1117 C CG1 . ILE A 1 163 ? 2.514   -0.519  2.147   1.00 19.29 ? 159  ILE A CG1 1 
ATOM   1118 C CG2 . ILE A 1 163 ? 3.321   -2.829  3.009   1.00 14.57 ? 159  ILE A CG2 1 
ATOM   1119 C CD1 . ILE A 1 163 ? 2.876   0.347   3.507   1.00 14.71 ? 159  ILE A CD1 1 
ATOM   1120 N N   . LEU A 1 164 ? 1.843   -4.976  0.802   1.00 20.46 ? 160  LEU A N   1 
ATOM   1121 C CA  . LEU A 1 164 ? 1.382   -6.344  1.075   1.00 18.44 ? 160  LEU A CA  1 
ATOM   1122 C C   . LEU A 1 164 ? 2.277   -6.980  2.113   1.00 19.81 ? 160  LEU A C   1 
ATOM   1123 O O   . LEU A 1 164 ? 3.457   -7.082  1.932   1.00 19.17 ? 160  LEU A O   1 
ATOM   1124 C CB  . LEU A 1 164 ? 1.391   -7.141  -0.228  1.00 19.37 ? 160  LEU A CB  1 
ATOM   1125 C CG  . LEU A 1 164 ? 1.058   -8.636  -0.125  1.00 17.37 ? 160  LEU A CG  1 
ATOM   1126 C CD1 . LEU A 1 164 ? -0.438  -8.839  0.397   1.00 16.81 ? 160  LEU A CD1 1 
ATOM   1127 C CD2 . LEU A 1 164 ? 1.252   -9.292  -1.485  1.00 19.60 ? 160  LEU A CD2 1 
ATOM   1128 N N   . ARG A 1 165 ? 1.730   -7.376  3.249   1.00 18.33 ? 161  ARG A N   1 
ATOM   1129 C CA  . ARG A 1 165 ? 2.593   -8.014  4.222   1.00 20.67 ? 161  ARG A CA  1 
ATOM   1130 C C   . ARG A 1 165 ? 2.639   -9.524  3.900   1.00 20.39 ? 161  ARG A C   1 
ATOM   1131 O O   . ARG A 1 165 ? 1.578   -10.174 3.756   1.00 21.76 ? 161  ARG A O   1 
ATOM   1132 C CB  . ARG A 1 165 ? 2.123   -7.782  5.625   1.00 20.22 ? 161  ARG A CB  1 
ATOM   1133 C CG  . ARG A 1 165 ? 3.044   -8.548  6.598   1.00 26.14 ? 161  ARG A CG  1 
ATOM   1134 C CD  . ARG A 1 165 ? 2.544   -8.413  8.027   1.00 29.04 ? 161  ARG A CD  1 
ATOM   1135 N NE  . ARG A 1 165 ? 3.203   -9.406  8.842   1.00 30.29 ? 161  ARG A NE  1 
ATOM   1136 C CZ  . ARG A 1 165 ? 2.801   -9.825  10.062  1.00 34.64 ? 161  ARG A CZ  1 
ATOM   1137 N NH1 . ARG A 1 165 ? 1.742   -9.285  10.696  1.00 32.70 ? 161  ARG A NH1 1 
ATOM   1138 N NH2 . ARG A 1 165 ? 3.518   -10.767 10.685  1.00 29.14 ? 161  ARG A NH2 1 
ATOM   1139 N N   . THR A 1 166 ? 3.836   -10.033 3.696   1.00 22.67 ? 162  THR A N   1 
ATOM   1140 C CA  . THR A 1 166 ? 3.949   -11.449 3.222   1.00 23.42 ? 162  THR A CA  1 
ATOM   1141 C C   . THR A 1 166 ? 4.444   -12.384 4.341   1.00 25.43 ? 162  THR A C   1 
ATOM   1142 O O   . THR A 1 166 ? 4.214   -13.581 4.245   1.00 25.49 ? 162  THR A O   1 
ATOM   1143 C CB  . THR A 1 166 ? 4.865   -11.550 2.024   1.00 23.18 ? 162  THR A CB  1 
ATOM   1144 O OG1 . THR A 1 166 ? 6.183   -11.094 2.384   1.00 24.73 ? 162  THR A OG1 1 
ATOM   1145 C CG2 . THR A 1 166 ? 4.287   -10.749 0.800   1.00 22.73 ? 162  THR A CG2 1 
ATOM   1146 N N   . GLU A 1 167 ? 5.126   -11.858 5.352   1.00 25.07 ? 163  GLU A N   1 
ATOM   1147 C CA  . GLU A 1 167 ? 5.477   -12.663 6.550   1.00 29.15 ? 163  GLU A CA  1 
ATOM   1148 C C   . GLU A 1 167 ? 5.472   -11.806 7.754   1.00 29.68 ? 163  GLU A C   1 
ATOM   1149 O O   . GLU A 1 167 ? 5.593   -10.600 7.564   1.00 27.67 ? 163  GLU A O   1 
ATOM   1150 C CB  . GLU A 1 167 ? 6.924   -13.219 6.464   1.00 29.03 ? 163  GLU A CB  1 
ATOM   1151 C CG  . GLU A 1 167 ? 7.174   -14.036 5.193   1.00 33.32 ? 163  GLU A CG  1 
ATOM   1152 C CD  . GLU A 1 167 ? 8.661   -14.459 4.997   1.00 37.94 ? 163  GLU A CD  1 
ATOM   1153 O OE1 . GLU A 1 167 ? 9.538   -14.247 5.895   1.00 39.75 ? 163  GLU A OE1 1 
ATOM   1154 O OE2 . GLU A 1 167 ? 8.923   -14.979 3.901   1.00 35.10 ? 163  GLU A OE2 1 
ATOM   1155 O OXT . GLU A 1 167 ? 5.521   -12.327 8.898   1.00 30.08 ? 163  GLU A OXT 1 
HETATM 1156 C C36 . 12P B 2 .   ? -14.589 2.884   1.340   1.00 42.69 ? 1164 12P A C36 1 
HETATM 1157 C C35 . 12P B 2 .   ? -15.811 2.638   2.258   1.00 47.96 ? 1164 12P A C35 1 
HETATM 1158 O O34 . 12P B 2 .   ? -16.674 1.481   1.995   1.00 50.72 ? 1164 12P A O34 1 
HETATM 1159 C C33 . 12P B 2 .   ? -16.039 0.217   1.990   1.00 42.22 ? 1164 12P A C33 1 
HETATM 1160 C C32 . 12P B 2 .   ? -16.672 -1.008  2.665   1.00 41.96 ? 1164 12P A C32 1 
HETATM 1161 O O31 . 12P B 2 .   ? -16.321 -2.084  1.749   1.00 37.30 ? 1164 12P A O31 1 
HETATM 1162 C C30 . 12P B 2 .   ? -15.311 -3.086  2.016   1.00 35.32 ? 1164 12P A C30 1 
HETATM 1163 C C29 . 12P B 2 .   ? -14.909 -3.766  0.671   1.00 35.99 ? 1164 12P A C29 1 
HETATM 1164 O O28 . 12P B 2 .   ? -14.102 -2.901  -0.133  1.00 31.78 ? 1164 12P A O28 1 
HETATM 1165 C C27 . 12P B 2 .   ? -13.751 -3.273  -1.488  1.00 29.47 ? 1164 12P A C27 1 
HETATM 1166 C C26 . 12P B 2 .   ? -12.880 -2.147  -2.064  1.00 29.69 ? 1164 12P A C26 1 
HETATM 1167 O O25 . 12P B 2 .   ? -11.751 -1.823  -1.226  1.00 32.53 ? 1164 12P A O25 1 
HETATM 1168 C C24 . 12P B 2 .   ? -11.024 -0.687  -1.732  1.00 32.44 ? 1164 12P A C24 1 
HETATM 1169 C C23 . 12P B 2 .   ? -9.993  -0.140  -0.724  1.00 31.26 ? 1164 12P A C23 1 
HETATM 1170 O O22 . 12P B 2 .   ? -9.239  -1.242  -0.195  1.00 30.09 ? 1164 12P A O22 1 
HETATM 1171 C C21 . 12P B 2 .   ? -8.127  -1.039  0.718   1.00 29.44 ? 1164 12P A C21 1 
HETATM 1172 C C20 . 12P B 2 .   ? -8.007  -2.341  1.530   1.00 24.27 ? 1164 12P A C20 1 
HETATM 1173 C C20 . 4G8 C 3 .   ? 14.702  10.074  -0.169  1.00 51.37 ? 1165 4G8 A C20 1 
HETATM 1174 C C21 . 4G8 C 3 .   ? 14.600  10.401  1.196   1.00 52.67 ? 1165 4G8 A C21 1 
HETATM 1175 C C22 . 4G8 C 3 .   ? 13.361  10.212  1.846   1.00 53.46 ? 1165 4G8 A C22 1 
HETATM 1176 C C23 . 4G8 C 3 .   ? 12.247  9.717   1.138   1.00 52.24 ? 1165 4G8 A C23 1 
HETATM 1177 C C24 . 4G8 C 3 .   ? 12.351  9.391   -0.221  1.00 47.33 ? 1165 4G8 A C24 1 
HETATM 1178 C C19 . 4G8 C 3 .   ? 13.581  9.564   -0.878  1.00 48.48 ? 1165 4G8 A C19 1 
HETATM 1179 C C18 . 4G8 C 3 .   ? 13.704  9.201   -2.386  1.00 42.01 ? 1165 4G8 A C18 1 
HETATM 1180 N N17 . 4G8 C 3 .   ? 13.365  7.755   -2.465  1.00 38.60 ? 1165 4G8 A N17 1 
HETATM 1181 C C25 . 4G8 C 3 .   ? 14.252  6.856   -1.657  1.00 38.47 ? 1165 4G8 A C25 1 
HETATM 1182 C C26 . 4G8 C 3 .   ? 15.413  6.412   -2.582  1.00 42.65 ? 1165 4G8 A C26 1 
HETATM 1183 O O27 . 4G8 C 3 .   ? 15.770  7.076   -3.563  1.00 44.98 ? 1165 4G8 A O27 1 
HETATM 1184 O O28 . 4G8 C 3 .   ? 15.991  5.204   -2.359  1.00 47.24 ? 1165 4G8 A O28 1 
HETATM 1185 C C15 . 4G8 C 3 .   ? 12.305  7.317   -3.137  1.00 32.17 ? 1165 4G8 A C15 1 
HETATM 1186 O O16 . 4G8 C 3 .   ? 11.558  8.064   -3.750  1.00 33.31 ? 1165 4G8 A O16 1 
HETATM 1187 C C9  . 4G8 C 3 .   ? 11.972  5.772   -2.930  1.00 28.30 ? 1165 4G8 A C9  1 
HETATM 1188 N N8  . 4G8 C 3 .   ? 11.413  5.309   -1.787  1.00 25.34 ? 1165 4G8 A N8  1 
HETATM 1189 C C10 . 4G8 C 3 .   ? 12.222  4.690   -3.751  1.00 26.63 ? 1165 4G8 A C10 1 
HETATM 1190 C C12 . 4G8 C 3 .   ? 12.894  4.686   -5.135  1.00 31.60 ? 1165 4G8 A C12 1 
HETATM 1191 O O14 . 4G8 C 3 .   ? 13.119  5.760   -5.727  1.00 28.48 ? 1165 4G8 A O14 1 
HETATM 1192 O O13 . 4G8 C 3 .   ? 13.204  3.585   -5.631  1.00 25.54 ? 1165 4G8 A O13 1 
HETATM 1193 N N11 . 4G8 C 3 .   ? 11.797  3.590   -3.148  1.00 26.72 ? 1165 4G8 A N11 1 
HETATM 1194 C C1  . 4G8 C 3 .   ? 11.286  3.960   -1.929  1.00 25.46 ? 1165 4G8 A C1  1 
HETATM 1195 C C2  . 4G8 C 3 .   ? 10.763  3.128   -0.932  1.00 27.12 ? 1165 4G8 A C2  1 
HETATM 1196 C C3  . 4G8 C 3 .   ? 11.237  1.812   -0.822  1.00 23.61 ? 1165 4G8 A C3  1 
HETATM 1197 C C4  . 4G8 C 3 .   ? 10.756  0.984   0.183   1.00 24.87 ? 1165 4G8 A C4  1 
HETATM 1198 C C5  . 4G8 C 3 .   ? 9.807   1.428   1.127   1.00 22.89 ? 1165 4G8 A C5  1 
HETATM 1199 C C6  . 4G8 C 3 .   ? 9.359   2.769   1.011   1.00 22.77 ? 1165 4G8 A C6  1 
HETATM 1200 C C7  . 4G8 C 3 .   ? 9.825   3.613   0.018   1.00 23.30 ? 1165 4G8 A C7  1 
HETATM 1201 O O   . HOH D 4 .   ? -6.441  -3.007  19.063  1.00 53.50 ? 2001 HOH A O   1 
HETATM 1202 O O   . HOH D 4 .   ? -8.489  -1.707  17.250  1.00 51.37 ? 2002 HOH A O   1 
HETATM 1203 O O   . HOH D 4 .   ? -6.112  -6.746  12.508  1.00 50.05 ? 2003 HOH A O   1 
HETATM 1204 O O   . HOH D 4 .   ? -11.582 7.045   14.023  1.00 40.94 ? 2004 HOH A O   1 
HETATM 1205 O O   . HOH D 4 .   ? -16.379 6.234   11.147  1.00 61.97 ? 2005 HOH A O   1 
HETATM 1206 O O   . HOH D 4 .   ? -19.152 -8.487  0.076   1.00 33.51 ? 2006 HOH A O   1 
HETATM 1207 O O   . HOH D 4 .   ? -20.190 -0.297  -0.181  1.00 58.07 ? 2007 HOH A O   1 
HETATM 1208 O O   . HOH D 4 .   ? -19.307 -9.842  13.510  1.00 48.91 ? 2008 HOH A O   1 
HETATM 1209 O O   . HOH D 4 .   ? -18.552 4.648   2.643   1.00 47.06 ? 2009 HOH A O   1 
HETATM 1210 O O   . HOH D 4 .   ? -8.415  5.787   0.871   1.00 46.36 ? 2010 HOH A O   1 
HETATM 1211 O O   . HOH D 4 .   ? -21.621 1.459   -4.917  1.00 51.74 ? 2011 HOH A O   1 
HETATM 1212 O O   . HOH D 4 .   ? -12.745 2.638   -0.584  1.00 46.96 ? 2012 HOH A O   1 
HETATM 1213 O O   . HOH D 4 .   ? -10.234 -7.481  2.150   1.00 56.53 ? 2013 HOH A O   1 
HETATM 1214 O O   . HOH D 4 .   ? -8.941  -10.837 11.547  1.00 60.02 ? 2014 HOH A O   1 
HETATM 1215 O O   . HOH D 4 .   ? -28.986 -1.667  1.893   1.00 44.77 ? 2015 HOH A O   1 
HETATM 1216 O O   . HOH D 4 .   ? -20.966 -5.198  -1.067  1.00 30.73 ? 2016 HOH A O   1 
HETATM 1217 O O   . HOH D 4 .   ? -20.915 -7.355  4.866   1.00 43.52 ? 2017 HOH A O   1 
HETATM 1218 O O   . HOH D 4 .   ? -22.483 -3.244  0.280   1.00 43.05 ? 2018 HOH A O   1 
HETATM 1219 O O   . HOH D 4 .   ? -20.877 -6.797  0.577   1.00 41.06 ? 2019 HOH A O   1 
HETATM 1220 O O   . HOH D 4 .   ? -24.468 -4.365  8.952   1.00 41.24 ? 2020 HOH A O   1 
HETATM 1221 O O   . HOH D 4 .   ? -19.995 -6.389  7.596   1.00 37.19 ? 2021 HOH A O   1 
HETATM 1222 O O   . HOH D 4 .   ? -13.198 4.913   5.202   1.00 44.69 ? 2022 HOH A O   1 
HETATM 1223 O O   . HOH D 4 .   ? -14.194 4.838   7.335   1.00 46.05 ? 2023 HOH A O   1 
HETATM 1224 O O   . HOH D 4 .   ? -19.476 -7.613  11.762  1.00 44.48 ? 2024 HOH A O   1 
HETATM 1225 O O   . HOH D 4 .   ? -2.173  6.489   11.118  1.00 43.47 ? 2025 HOH A O   1 
HETATM 1226 O O   . HOH D 4 .   ? 0.480   4.594   8.445   1.00 21.75 ? 2026 HOH A O   1 
HETATM 1227 O O   . HOH D 4 .   ? -5.195  -3.409  7.992   1.00 24.86 ? 2027 HOH A O   1 
HETATM 1228 O O   . HOH D 4 .   ? -9.070  6.301   4.006   1.00 42.27 ? 2028 HOH A O   1 
HETATM 1229 O O   . HOH D 4 .   ? -9.901  1.944   2.577   1.00 30.30 ? 2029 HOH A O   1 
HETATM 1230 O O   . HOH D 4 .   ? -5.635  6.800   7.829   1.00 23.62 ? 2030 HOH A O   1 
HETATM 1231 O O   . HOH D 4 .   ? 14.527  13.736  -8.934  1.00 49.12 ? 2031 HOH A O   1 
HETATM 1232 O O   . HOH D 4 .   ? -13.650 -0.204  0.964   1.00 34.15 ? 2032 HOH A O   1 
HETATM 1233 O O   . HOH D 4 .   ? -10.135 -10.453 8.512   1.00 48.72 ? 2033 HOH A O   1 
HETATM 1234 O O   . HOH D 4 .   ? -9.631  -8.249  4.385   1.00 58.41 ? 2034 HOH A O   1 
HETATM 1235 O O   . HOH D 4 .   ? -14.226 -7.143  2.390   1.00 36.82 ? 2035 HOH A O   1 
HETATM 1236 O O   . HOH D 4 .   ? -16.361 -7.589  -0.657  1.00 57.75 ? 2036 HOH A O   1 
HETATM 1237 O O   . HOH D 4 .   ? -16.472 -11.541 1.942   1.00 44.34 ? 2037 HOH A O   1 
HETATM 1238 O O   . HOH D 4 .   ? -14.066 -8.814  4.290   1.00 34.15 ? 2038 HOH A O   1 
HETATM 1239 O O   . HOH D 4 .   ? -6.171  6.645   -13.410 1.00 45.43 ? 2039 HOH A O   1 
HETATM 1240 O O   . HOH D 4 .   ? -3.920  2.295   -14.648 1.00 43.32 ? 2040 HOH A O   1 
HETATM 1241 O O   . HOH D 4 .   ? -3.887  -2.039  -14.685 1.00 50.34 ? 2041 HOH A O   1 
HETATM 1242 O O   . HOH D 4 .   ? -7.721  -10.105 13.556  1.00 56.87 ? 2042 HOH A O   1 
HETATM 1243 O O   . HOH D 4 .   ? 0.046   -5.447  18.413  1.00 54.33 ? 2043 HOH A O   1 
HETATM 1244 O O   . HOH D 4 .   ? 10.513  -4.321  15.356  1.00 38.69 ? 2044 HOH A O   1 
HETATM 1245 O O   . HOH D 4 .   ? -14.192 -5.604  -11.858 1.00 41.88 ? 2045 HOH A O   1 
HETATM 1246 O O   . HOH D 4 .   ? 13.543  -11.765 9.556   1.00 61.34 ? 2046 HOH A O   1 
HETATM 1247 O O   . HOH D 4 .   ? 12.100  -2.678  -13.339 1.00 32.98 ? 2047 HOH A O   1 
HETATM 1248 O O   . HOH D 4 .   ? 13.074  4.399   2.187   1.00 49.46 ? 2048 HOH A O   1 
HETATM 1249 O O   . HOH D 4 .   ? 2.604   11.012  -1.053  1.00 29.02 ? 2049 HOH A O   1 
HETATM 1250 O O   . HOH D 4 .   ? 0.872   2.104   14.915  1.00 40.45 ? 2050 HOH A O   1 
HETATM 1251 O O   . HOH D 4 .   ? 0.218   -1.853  14.946  1.00 48.37 ? 2051 HOH A O   1 
HETATM 1252 O O   . HOH D 4 .   ? 7.046   14.807  -0.166  1.00 43.51 ? 2052 HOH A O   1 
HETATM 1253 O O   . HOH D 4 .   ? 9.192   17.060  -5.876  1.00 46.76 ? 2053 HOH A O   1 
HETATM 1254 O O   . HOH D 4 .   ? 16.355  11.533  -2.810  1.00 66.45 ? 2054 HOH A O   1 
HETATM 1255 O O   . HOH D 4 .   ? 16.630  10.984  -8.867  1.00 50.80 ? 2055 HOH A O   1 
HETATM 1256 O O   . HOH D 4 .   ? 15.363  6.611   -11.467 1.00 50.20 ? 2056 HOH A O   1 
HETATM 1257 O O   . HOH D 4 .   ? 12.309  14.724  -11.889 1.00 36.87 ? 2057 HOH A O   1 
HETATM 1258 O O   . HOH D 4 .   ? 5.046   -13.412 -1.716  1.00 46.58 ? 2058 HOH A O   1 
HETATM 1259 O O   . HOH D 4 .   ? 13.219  3.566   -9.717  1.00 34.37 ? 2059 HOH A O   1 
HETATM 1260 O O   . HOH D 4 .   ? 11.156  2.321   -18.456 1.00 47.95 ? 2060 HOH A O   1 
HETATM 1261 O O   . HOH D 4 .   ? 4.230   0.701   -19.123 1.00 43.95 ? 2061 HOH A O   1 
HETATM 1262 O O   . HOH D 4 .   ? 0.694   3.127   -16.586 1.00 57.02 ? 2062 HOH A O   1 
HETATM 1263 O O   . HOH D 4 .   ? 7.172   3.768   -18.274 1.00 50.17 ? 2063 HOH A O   1 
HETATM 1264 O O   . HOH D 4 .   ? 1.321   5.102   -14.970 1.00 35.37 ? 2064 HOH A O   1 
HETATM 1265 O O   . HOH D 4 .   ? 6.533   0.639   -17.145 1.00 47.27 ? 2065 HOH A O   1 
HETATM 1266 O O   . HOH D 4 .   ? 5.510   6.037   -16.354 1.00 46.89 ? 2066 HOH A O   1 
HETATM 1267 O O   . HOH D 4 .   ? 4.130   11.219  -14.397 1.00 29.59 ? 2067 HOH A O   1 
HETATM 1268 O O   . HOH D 4 .   ? 11.293  8.997   -19.230 1.00 38.62 ? 2068 HOH A O   1 
HETATM 1269 O O   . HOH D 4 .   ? 13.755  10.453  -20.331 1.00 43.48 ? 2069 HOH A O   1 
HETATM 1270 O O   . HOH D 4 .   ? 17.449  12.174  -15.092 1.00 48.10 ? 2070 HOH A O   1 
HETATM 1271 O O   . HOH D 4 .   ? 17.465  11.592  -20.795 1.00 38.91 ? 2071 HOH A O   1 
HETATM 1272 O O   . HOH D 4 .   ? 19.525  11.372  -17.812 1.00 42.40 ? 2072 HOH A O   1 
HETATM 1273 O O   . HOH D 4 .   ? 10.282  11.862  -18.450 1.00 27.85 ? 2073 HOH A O   1 
HETATM 1274 O O   . HOH D 4 .   ? 7.881   12.794  -17.831 1.00 49.51 ? 2074 HOH A O   1 
HETATM 1275 O O   . HOH D 4 .   ? 8.175   16.692  -11.424 1.00 44.30 ? 2075 HOH A O   1 
HETATM 1276 O O   . HOH D 4 .   ? 0.420   9.199   -14.684 1.00 38.16 ? 2076 HOH A O   1 
HETATM 1277 O O   . HOH D 4 .   ? -4.972  16.535  -10.358 1.00 48.30 ? 2077 HOH A O   1 
HETATM 1278 O O   . HOH D 4 .   ? -0.830  14.356  1.078   1.00 31.84 ? 2078 HOH A O   1 
HETATM 1279 O O   . HOH D 4 .   ? 0.957   16.995  -6.902  1.00 40.45 ? 2079 HOH A O   1 
HETATM 1280 O O   . HOH D 4 .   ? -7.817  10.621  -6.742  1.00 44.95 ? 2080 HOH A O   1 
HETATM 1281 O O   . HOH D 4 .   ? -2.901  16.728  -6.419  1.00 30.68 ? 2081 HOH A O   1 
HETATM 1282 O O   . HOH D 4 .   ? -4.866  14.326  -3.367  1.00 45.44 ? 2082 HOH A O   1 
HETATM 1283 O O   . HOH D 4 .   ? -4.560  9.085   -12.683 1.00 28.88 ? 2083 HOH A O   1 
HETATM 1284 O O   . HOH D 4 .   ? -6.820  4.147   -12.808 1.00 29.15 ? 2084 HOH A O   1 
HETATM 1285 O O   . HOH D 4 .   ? -9.209  5.183   -9.639  1.00 42.47 ? 2085 HOH A O   1 
HETATM 1286 O O   . HOH D 4 .   ? -4.975  2.242   -12.034 1.00 25.84 ? 2086 HOH A O   1 
HETATM 1287 O O   . HOH D 4 .   ? -8.540  6.743   -1.575  1.00 39.45 ? 2087 HOH A O   1 
HETATM 1288 O O   . HOH D 4 .   ? -9.801  1.130   -4.319  1.00 28.34 ? 2088 HOH A O   1 
HETATM 1289 O O   . HOH D 4 .   ? -8.503  2.402   -2.245  1.00 37.50 ? 2089 HOH A O   1 
HETATM 1290 O O   . HOH D 4 .   ? -10.007 6.937   -7.789  1.00 44.87 ? 2090 HOH A O   1 
HETATM 1291 O O   . HOH D 4 .   ? -5.626  -0.229  -12.815 1.00 36.44 ? 2091 HOH A O   1 
HETATM 1292 O O   . HOH D 4 .   ? -9.470  -0.881  -11.870 1.00 59.71 ? 2092 HOH A O   1 
HETATM 1293 O O   . HOH D 4 .   ? -1.306  2.042   -15.341 1.00 36.07 ? 2093 HOH A O   1 
HETATM 1294 O O   . HOH D 4 .   ? 1.188   4.113   -12.414 1.00 27.34 ? 2094 HOH A O   1 
HETATM 1295 O O   . HOH D 4 .   ? -15.058 1.784   -9.565  1.00 49.77 ? 2095 HOH A O   1 
HETATM 1296 O O   . HOH D 4 .   ? -5.363  -10.514 -6.253  1.00 24.05 ? 2096 HOH A O   1 
HETATM 1297 O O   . HOH D 4 .   ? -10.754 -9.056  -2.345  1.00 30.76 ? 2097 HOH A O   1 
HETATM 1298 O O   . HOH D 4 .   ? -11.984 -5.995  1.034   1.00 31.37 ? 2098 HOH A O   1 
HETATM 1299 O O   . HOH D 4 .   ? -11.151 -5.595  -11.830 1.00 38.79 ? 2099 HOH A O   1 
HETATM 1300 O O   . HOH D 4 .   ? -2.094  -9.431  -13.474 1.00 46.59 ? 2100 HOH A O   1 
HETATM 1301 O O   . HOH D 4 .   ? -1.680  -5.764  -15.830 1.00 52.85 ? 2101 HOH A O   1 
HETATM 1302 O O   . HOH D 4 .   ? 2.846   -11.810 -11.588 1.00 49.41 ? 2102 HOH A O   1 
HETATM 1303 O O   . HOH D 4 .   ? 0.020   -12.820 -13.288 1.00 49.49 ? 2103 HOH A O   1 
HETATM 1304 O O   . HOH D 4 .   ? 2.664   -10.065 -15.369 1.00 43.52 ? 2104 HOH A O   1 
HETATM 1305 O O   . HOH D 4 .   ? 9.484   -8.685  -11.076 1.00 28.71 ? 2105 HOH A O   1 
HETATM 1306 O O   . HOH D 4 .   ? 5.264   -10.439 -11.415 1.00 42.20 ? 2106 HOH A O   1 
HETATM 1307 O O   . HOH D 4 .   ? 9.869   -4.412  -13.323 1.00 23.88 ? 2107 HOH A O   1 
HETATM 1308 O O   . HOH D 4 .   ? 3.245   -3.094  -18.604 1.00 35.34 ? 2108 HOH A O   1 
HETATM 1309 O O   . HOH D 4 .   ? 0.791   -7.002  -19.088 1.00 49.03 ? 2109 HOH A O   1 
HETATM 1310 O O   . HOH D 4 .   ? 3.792   4.388   -11.311 1.00 26.09 ? 2110 HOH A O   1 
HETATM 1311 O O   . HOH D 4 .   ? 7.797   -2.061  -5.913  1.00 19.65 ? 2111 HOH A O   1 
HETATM 1312 O O   . HOH D 4 .   ? 5.971   6.498   -13.627 1.00 24.23 ? 2112 HOH A O   1 
HETATM 1313 O O   . HOH D 4 .   ? 13.126  -1.882  -10.913 1.00 47.75 ? 2113 HOH A O   1 
HETATM 1314 O O   . HOH D 4 .   ? 15.140  -0.595  -11.037 1.00 53.24 ? 2114 HOH A O   1 
HETATM 1315 O O   . HOH D 4 .   ? 12.377  -10.958 -10.032 1.00 21.37 ? 2115 HOH A O   1 
HETATM 1316 O O   . HOH D 4 .   ? 9.980   -11.604 -10.981 1.00 26.00 ? 2116 HOH A O   1 
HETATM 1317 O O   . HOH D 4 .   ? 6.207   -9.392  -4.029  1.00 25.04 ? 2117 HOH A O   1 
HETATM 1318 O O   . HOH D 4 .   ? 11.603  -12.484 -4.029  1.00 42.93 ? 2118 HOH A O   1 
HETATM 1319 O O   . HOH D 4 .   ? 14.002  -11.047 -3.073  1.00 42.57 ? 2119 HOH A O   1 
HETATM 1320 O O   . HOH D 4 .   ? 14.992  -6.151  3.983   1.00 36.65 ? 2120 HOH A O   1 
HETATM 1321 O O   . HOH D 4 .   ? 10.752  0.223   9.846   1.00 28.13 ? 2121 HOH A O   1 
HETATM 1322 O O   . HOH D 4 .   ? 11.016  4.227   11.343  1.00 35.61 ? 2122 HOH A O   1 
HETATM 1323 O O   . HOH D 4 .   ? 10.545  10.179  4.658   1.00 42.93 ? 2123 HOH A O   1 
HETATM 1324 O O   . HOH D 4 .   ? 10.037  3.708   4.009   1.00 36.64 ? 2124 HOH A O   1 
HETATM 1325 O O   . HOH D 4 .   ? 9.330   8.701   9.196   1.00 45.03 ? 2125 HOH A O   1 
HETATM 1326 O O   . HOH D 4 .   ? 1.718   -0.089  13.602  1.00 32.18 ? 2126 HOH A O   1 
HETATM 1327 O O   . HOH D 4 .   ? 0.541   4.423   14.405  1.00 46.93 ? 2127 HOH A O   1 
HETATM 1328 O O   . HOH D 4 .   ? -3.524  -4.533  13.415  1.00 31.26 ? 2128 HOH A O   1 
HETATM 1329 O O   . HOH D 4 .   ? -0.248  -7.106  12.935  1.00 44.10 ? 2129 HOH A O   1 
HETATM 1330 O O   . HOH D 4 .   ? -0.687  -12.228 11.016  1.00 34.81 ? 2130 HOH A O   1 
HETATM 1331 O O   . HOH D 4 .   ? -4.273  -9.396  0.816   1.00 37.11 ? 2131 HOH A O   1 
HETATM 1332 O O   . HOH D 4 .   ? -8.023  -5.789  5.393   1.00 38.39 ? 2132 HOH A O   1 
HETATM 1333 O O   . HOH D 4 .   ? -4.602  -5.446  10.081  1.00 24.09 ? 2133 HOH A O   1 
HETATM 1334 O O   . HOH D 4 .   ? -7.176  -4.905  2.509   1.00 30.42 ? 2134 HOH A O   1 
HETATM 1335 O O   . HOH D 4 .   ? 5.370   12.246  -1.687  1.00 42.20 ? 2135 HOH A O   1 
HETATM 1336 O O   . HOH D 4 .   ? 7.406   9.973   4.949   1.00 35.13 ? 2136 HOH A O   1 
HETATM 1337 O O   . HOH D 4 .   ? 5.070   12.214  3.929   1.00 35.68 ? 2137 HOH A O   1 
HETATM 1338 O O   . HOH D 4 .   ? 7.428   -9.803  0.308   1.00 24.25 ? 2138 HOH A O   1 
HETATM 1339 O O   . HOH D 4 .   ? 7.494   -12.379 -0.593  1.00 32.43 ? 2139 HOH A O   1 
HETATM 1340 O O   . HOH D 4 .   ? 7.231   -11.919 10.774  1.00 41.20 ? 2140 HOH A O   1 
HETATM 1341 O O   . HOH D 4 .   ? 9.903   -12.203 8.621   1.00 49.37 ? 2141 HOH A O   1 
HETATM 1342 O O   . HOH D 4 .   ? 4.255   -14.883 9.130   1.00 45.97 ? 2142 HOH A O   1 
HETATM 1343 O O   . HOH D 4 .   ? -16.766 -1.174  -1.122  1.00 42.90 ? 2143 HOH A O   1 
HETATM 1344 O O   . HOH D 4 .   ? 15.759  3.530   -5.806  1.00 43.89 ? 2144 HOH A O   1 
HETATM 1345 O O   . HOH D 4 .   ? 10.237  10.027  -4.227  1.00 23.91 ? 2145 HOH A O   1 
# 
loop_
_pdbx_poly_seq_scheme.asym_id 
_pdbx_poly_seq_scheme.entity_id 
_pdbx_poly_seq_scheme.seq_id 
_pdbx_poly_seq_scheme.mon_id 
_pdbx_poly_seq_scheme.ndb_seq_num 
_pdbx_poly_seq_scheme.pdb_seq_num 
_pdbx_poly_seq_scheme.auth_seq_num 
_pdbx_poly_seq_scheme.pdb_mon_id 
_pdbx_poly_seq_scheme.auth_mon_id 
_pdbx_poly_seq_scheme.pdb_strand_id 
_pdbx_poly_seq_scheme.pdb_ins_code 
_pdbx_poly_seq_scheme.hetero 
A 1 1   GLY 1   -3  ?   ?   ?   A . n 
A 1 2   SER 2   -2  ?   ?   ?   A . n 
A 1 3   HIS 3   -1  ?   ?   ?   A . n 
A 1 4   GLY 4   0   ?   ?   ?   A . n 
A 1 5   MET 5   1   ?   ?   ?   A . n 
A 1 6   ALA 6   2   ?   ?   ?   A . n 
A 1 7   ASP 7   3   ?   ?   ?   A . n 
A 1 8   GLU 8   4   ?   ?   ?   A . n 
A 1 9   GLU 9   5   ?   ?   ?   A . n 
A 1 10  LYS 10  6   ?   ?   ?   A . n 
A 1 11  LEU 11  7   7   LEU LEU A . n 
A 1 12  PRO 12  8   8   PRO PRO A . n 
A 1 13  PRO 13  9   9   PRO PRO A . n 
A 1 14  GLY 14  10  10  GLY GLY A . n 
A 1 15  TRP 15  11  11  TRP TRP A . n 
A 1 16  GLU 16  12  12  GLU GLU A . n 
A 1 17  LYS 17  13  13  LYS LYS A . n 
A 1 18  ALA 18  14  14  ALA ALA A . n 
A 1 19  MET 19  15  15  MET MET A . n 
A 1 20  SER 20  16  16  SER SER A . n 
A 1 21  ARG 21  17  17  ARG ARG A . n 
A 1 22  SER 22  18  18  SER SER A . n 
A 1 23  SER 23  19  19  SER SER A . n 
A 1 24  GLY 24  20  20  GLY GLY A . n 
A 1 25  ARG 25  21  21  ARG ARG A . n 
A 1 26  VAL 26  22  22  VAL VAL A . n 
A 1 27  TYR 27  23  23  TYR TYR A . n 
A 1 28  TYR 28  24  24  TYR TYR A . n 
A 1 29  PHE 29  25  25  PHE PHE A . n 
A 1 30  ASN 30  26  26  ASN ASN A . n 
A 1 31  HIS 31  27  27  HIS HIS A . n 
A 1 32  ILE 32  28  28  ILE ILE A . n 
A 1 33  THR 33  29  29  THR THR A . n 
A 1 34  ASN 34  30  30  ASN ASN A . n 
A 1 35  ALA 35  31  31  ALA ALA A . n 
A 1 36  SER 36  32  32  SER SER A . n 
A 1 37  GLN 37  33  33  GLN GLN A . n 
A 1 38  TRP 38  34  34  TRP TRP A . n 
A 1 39  GLU 39  35  35  GLU GLU A . n 
A 1 40  ARG 40  36  36  ARG ARG A . n 
A 1 41  PRO 41  37  37  PRO PRO A . n 
A 1 42  SER 42  38  ?   ?   ?   A . n 
A 1 43  GLY 43  39  ?   ?   ?   A . n 
A 1 44  ASN 44  40  ?   ?   ?   A . n 
A 1 45  SER 45  41  ?   ?   ?   A . n 
A 1 46  SER 46  42  ?   ?   ?   A . n 
A 1 47  SER 47  43  ?   ?   ?   A . n 
A 1 48  GLY 48  44  ?   ?   ?   A . n 
A 1 49  GLY 49  45  ?   ?   ?   A . n 
A 1 50  LYS 50  46  ?   ?   ?   A . n 
A 1 51  ASN 51  47  ?   ?   ?   A . n 
A 1 52  GLY 52  48  ?   ?   ?   A . n 
A 1 53  GLN 53  49  ?   ?   ?   A . n 
A 1 54  GLY 54  50  ?   ?   ?   A . n 
A 1 55  GLU 55  51  51  GLU GLU A . n 
A 1 56  PRO 56  52  52  PRO PRO A . n 
A 1 57  ALA 57  53  53  ALA ALA A . n 
A 1 58  ARG 58  54  54  ARG ARG A . n 
A 1 59  VAL 59  55  55  VAL VAL A . n 
A 1 60  ARG 60  56  56  ARG ARG A . n 
A 1 61  CYS 61  57  57  CYS CYS A . n 
A 1 62  SER 62  58  58  SER SER A . n 
A 1 63  HIS 63  59  59  HIS HIS A . n 
A 1 64  LEU 64  60  60  LEU LEU A . n 
A 1 65  LEU 65  61  61  LEU LEU A . n 
A 1 66  VAL 66  62  62  VAL VAL A . n 
A 1 67  LYS 67  63  63  LYS LYS A . n 
A 1 68  HIS 68  64  64  HIS HIS A . n 
A 1 69  SER 69  65  65  SER SER A . n 
A 1 70  GLN 70  66  66  GLN GLN A . n 
A 1 71  SER 71  67  67  SER SER A . n 
A 1 72  ARG 72  68  68  ARG ARG A . n 
A 1 73  ARG 73  69  69  ARG ARG A . n 
A 1 74  PRO 74  70  70  PRO PRO A . n 
A 1 75  SER 75  71  71  SER SER A . n 
A 1 76  SER 76  72  72  SER SER A . n 
A 1 77  TRP 77  73  73  TRP TRP A . n 
A 1 78  ARG 78  74  74  ARG ARG A . n 
A 1 79  GLN 79  75  75  GLN GLN A . n 
A 1 80  GLU 80  76  76  GLU GLU A . n 
A 1 81  LYS 81  77  77  LYS LYS A . n 
A 1 82  ILE 82  78  78  ILE ILE A . n 
A 1 83  THR 83  79  79  THR THR A . n 
A 1 84  ARG 84  80  80  ARG ARG A . n 
A 1 85  THR 85  81  81  THR THR A . n 
A 1 86  LYS 86  82  82  LYS LYS A . n 
A 1 87  GLU 87  83  83  GLU GLU A . n 
A 1 88  GLU 88  84  84  GLU GLU A . n 
A 1 89  ALA 89  85  85  ALA ALA A . n 
A 1 90  LEU 90  86  86  LEU LEU A . n 
A 1 91  GLU 91  87  87  GLU GLU A . n 
A 1 92  LEU 92  88  88  LEU LEU A . n 
A 1 93  ILE 93  89  89  ILE ILE A . n 
A 1 94  ASN 94  90  90  ASN ASN A . n 
A 1 95  GLY 95  91  91  GLY GLY A . n 
A 1 96  TYR 96  92  92  TYR TYR A . n 
A 1 97  ILE 97  93  93  ILE ILE A . n 
A 1 98  GLN 98  94  94  GLN GLN A . n 
A 1 99  LYS 99  95  95  LYS LYS A . n 
A 1 100 ILE 100 96  96  ILE ILE A . n 
A 1 101 LYS 101 97  97  LYS LYS A . n 
A 1 102 SER 102 98  98  SER SER A . n 
A 1 103 GLY 103 99  99  GLY GLY A . n 
A 1 104 GLU 104 100 100 GLU GLU A . n 
A 1 105 GLU 105 101 101 GLU GLU A . n 
A 1 106 ASP 106 102 102 ASP ASP A . n 
A 1 107 PHE 107 103 103 PHE PHE A . n 
A 1 108 GLU 108 104 104 GLU GLU A . n 
A 1 109 SER 109 105 105 SER SER A . n 
A 1 110 LEU 110 106 106 LEU LEU A . n 
A 1 111 ALA 111 107 107 ALA ALA A . n 
A 1 112 SER 112 108 108 SER SER A . n 
A 1 113 GLN 113 109 109 GLN GLN A . n 
A 1 114 PHE 114 110 110 PHE PHE A . n 
A 1 115 SER 115 111 111 SER SER A . n 
A 1 116 ASP 116 112 112 ASP ASP A . n 
A 1 117 CYS 117 113 113 CYS CYS A . n 
A 1 118 SER 118 114 114 SER SER A . n 
A 1 119 SER 119 115 115 SER SER A . n 
A 1 120 ALA 120 116 116 ALA ALA A . n 
A 1 121 LYS 121 117 117 LYS LYS A . n 
A 1 122 ALA 122 118 118 ALA ALA A . n 
A 1 123 ARG 123 119 119 ARG ARG A . n 
A 1 124 GLY 124 120 120 GLY GLY A . n 
A 1 125 ASP 125 121 121 ASP ASP A . n 
A 1 126 LEU 126 122 122 LEU LEU A . n 
A 1 127 GLY 127 123 123 GLY GLY A . n 
A 1 128 ALA 128 124 124 ALA ALA A . n 
A 1 129 PHE 129 125 125 PHE PHE A . n 
A 1 130 SER 130 126 126 SER SER A . n 
A 1 131 ARG 131 127 127 ARG ARG A . n 
A 1 132 GLY 132 128 128 GLY GLY A . n 
A 1 133 GLN 133 129 129 GLN GLN A . n 
A 1 134 MET 134 130 130 MET MET A . n 
A 1 135 GLN 135 131 131 GLN GLN A . n 
A 1 136 LYS 136 132 132 LYS LYS A . n 
A 1 137 PRO 137 133 133 PRO PRO A . n 
A 1 138 PHE 138 134 134 PHE PHE A . n 
A 1 139 GLU 139 135 135 GLU GLU A . n 
A 1 140 ASP 140 136 136 ASP ASP A . n 
A 1 141 ALA 141 137 137 ALA ALA A . n 
A 1 142 SER 142 138 138 SER SER A . n 
A 1 143 PHE 143 139 139 PHE PHE A . n 
A 1 144 ALA 144 140 140 ALA ALA A . n 
A 1 145 LEU 145 141 141 LEU LEU A . n 
A 1 146 ARG 146 142 142 ARG ARG A . n 
A 1 147 THR 147 143 143 THR THR A . n 
A 1 148 GLY 148 144 144 GLY GLY A . n 
A 1 149 GLU 149 145 145 GLU GLU A . n 
A 1 150 MET 150 146 146 MET MET A . n 
A 1 151 SER 151 147 147 SER SER A . n 
A 1 152 GLY 152 148 148 GLY GLY A . n 
A 1 153 PRO 153 149 149 PRO PRO A . n 
A 1 154 VAL 154 150 150 VAL VAL A . n 
A 1 155 PHE 155 151 151 PHE PHE A . n 
A 1 156 THR 156 152 152 THR THR A . n 
A 1 157 ASP 157 153 153 ASP ASP A . n 
A 1 158 SER 158 154 154 SER SER A . n 
A 1 159 GLY 159 155 155 GLY GLY A . n 
A 1 160 ILE 160 156 156 ILE ILE A . n 
A 1 161 HIS 161 157 157 HIS HIS A . n 
A 1 162 ILE 162 158 158 ILE ILE A . n 
A 1 163 ILE 163 159 159 ILE ILE A . n 
A 1 164 LEU 164 160 160 LEU LEU A . n 
A 1 165 ARG 165 161 161 ARG ARG A . n 
A 1 166 THR 166 162 162 THR THR A . n 
A 1 167 GLU 167 163 163 GLU GLU A . n 
# 
loop_
_pdbx_nonpoly_scheme.asym_id 
_pdbx_nonpoly_scheme.entity_id 
_pdbx_nonpoly_scheme.mon_id 
_pdbx_nonpoly_scheme.ndb_seq_num 
_pdbx_nonpoly_scheme.pdb_seq_num 
_pdbx_nonpoly_scheme.auth_seq_num 
_pdbx_nonpoly_scheme.pdb_mon_id 
_pdbx_nonpoly_scheme.auth_mon_id 
_pdbx_nonpoly_scheme.pdb_strand_id 
_pdbx_nonpoly_scheme.pdb_ins_code 
B 2 12P 1   1164 1164 12P 12P A . 
C 3 4G8 1   1165 1165 4G8 4G8 A . 
D 4 HOH 1   2001 2001 HOH HOH A . 
D 4 HOH 2   2002 2002 HOH HOH A . 
D 4 HOH 3   2003 2003 HOH HOH A . 
D 4 HOH 4   2004 2004 HOH HOH A . 
D 4 HOH 5   2005 2005 HOH HOH A . 
D 4 HOH 6   2006 2006 HOH HOH A . 
D 4 HOH 7   2007 2007 HOH HOH A . 
D 4 HOH 8   2008 2008 HOH HOH A . 
D 4 HOH 9   2009 2009 HOH HOH A . 
D 4 HOH 10  2010 2010 HOH HOH A . 
D 4 HOH 11  2011 2011 HOH HOH A . 
D 4 HOH 12  2012 2012 HOH HOH A . 
D 4 HOH 13  2013 2013 HOH HOH A . 
D 4 HOH 14  2014 2014 HOH HOH A . 
D 4 HOH 15  2015 2015 HOH HOH A . 
D 4 HOH 16  2016 2016 HOH HOH A . 
D 4 HOH 17  2017 2017 HOH HOH A . 
D 4 HOH 18  2018 2018 HOH HOH A . 
D 4 HOH 19  2019 2019 HOH HOH A . 
D 4 HOH 20  2020 2020 HOH HOH A . 
D 4 HOH 21  2021 2021 HOH HOH A . 
D 4 HOH 22  2022 2022 HOH HOH A . 
D 4 HOH 23  2023 2023 HOH HOH A . 
D 4 HOH 24  2024 2024 HOH HOH A . 
D 4 HOH 25  2025 2025 HOH HOH A . 
D 4 HOH 26  2026 2026 HOH HOH A . 
D 4 HOH 27  2027 2027 HOH HOH A . 
D 4 HOH 28  2028 2028 HOH HOH A . 
D 4 HOH 29  2029 2029 HOH HOH A . 
D 4 HOH 30  2030 2030 HOH HOH A . 
D 4 HOH 31  2031 2031 HOH HOH A . 
D 4 HOH 32  2032 2032 HOH HOH A . 
D 4 HOH 33  2033 2033 HOH HOH A . 
D 4 HOH 34  2034 2034 HOH HOH A . 
D 4 HOH 35  2035 2035 HOH HOH A . 
D 4 HOH 36  2036 2036 HOH HOH A . 
D 4 HOH 37  2037 2037 HOH HOH A . 
D 4 HOH 38  2038 2038 HOH HOH A . 
D 4 HOH 39  2039 2039 HOH HOH A . 
D 4 HOH 40  2040 2040 HOH HOH A . 
D 4 HOH 41  2041 2041 HOH HOH A . 
D 4 HOH 42  2042 2042 HOH HOH A . 
D 4 HOH 43  2043 2043 HOH HOH A . 
D 4 HOH 44  2044 2044 HOH HOH A . 
D 4 HOH 45  2045 2045 HOH HOH A . 
D 4 HOH 46  2046 2046 HOH HOH A . 
D 4 HOH 47  2047 2047 HOH HOH A . 
D 4 HOH 48  2048 2048 HOH HOH A . 
D 4 HOH 49  2049 2049 HOH HOH A . 
D 4 HOH 50  2050 2050 HOH HOH A . 
D 4 HOH 51  2051 2051 HOH HOH A . 
D 4 HOH 52  2052 2052 HOH HOH A . 
D 4 HOH 53  2053 2053 HOH HOH A . 
D 4 HOH 54  2054 2054 HOH HOH A . 
D 4 HOH 55  2055 2055 HOH HOH A . 
D 4 HOH 56  2056 2056 HOH HOH A . 
D 4 HOH 57  2057 2057 HOH HOH A . 
D 4 HOH 58  2058 2058 HOH HOH A . 
D 4 HOH 59  2059 2059 HOH HOH A . 
D 4 HOH 60  2060 2060 HOH HOH A . 
D 4 HOH 61  2061 2061 HOH HOH A . 
D 4 HOH 62  2062 2062 HOH HOH A . 
D 4 HOH 63  2063 2063 HOH HOH A . 
D 4 HOH 64  2064 2064 HOH HOH A . 
D 4 HOH 65  2065 2065 HOH HOH A . 
D 4 HOH 66  2066 2066 HOH HOH A . 
D 4 HOH 67  2067 2067 HOH HOH A . 
D 4 HOH 68  2068 2068 HOH HOH A . 
D 4 HOH 69  2069 2069 HOH HOH A . 
D 4 HOH 70  2070 2070 HOH HOH A . 
D 4 HOH 71  2071 2071 HOH HOH A . 
D 4 HOH 72  2072 2072 HOH HOH A . 
D 4 HOH 73  2073 2073 HOH HOH A . 
D 4 HOH 74  2074 2074 HOH HOH A . 
D 4 HOH 75  2075 2075 HOH HOH A . 
D 4 HOH 76  2076 2076 HOH HOH A . 
D 4 HOH 77  2077 2077 HOH HOH A . 
D 4 HOH 78  2078 2078 HOH HOH A . 
D 4 HOH 79  2079 2079 HOH HOH A . 
D 4 HOH 80  2080 2080 HOH HOH A . 
D 4 HOH 81  2081 2081 HOH HOH A . 
D 4 HOH 82  2082 2082 HOH HOH A . 
D 4 HOH 83  2083 2083 HOH HOH A . 
D 4 HOH 84  2084 2084 HOH HOH A . 
D 4 HOH 85  2085 2085 HOH HOH A . 
D 4 HOH 86  2086 2086 HOH HOH A . 
D 4 HOH 87  2087 2087 HOH HOH A . 
D 4 HOH 88  2088 2088 HOH HOH A . 
D 4 HOH 89  2089 2089 HOH HOH A . 
D 4 HOH 90  2090 2090 HOH HOH A . 
D 4 HOH 91  2091 2091 HOH HOH A . 
D 4 HOH 92  2092 2092 HOH HOH A . 
D 4 HOH 93  2093 2093 HOH HOH A . 
D 4 HOH 94  2094 2094 HOH HOH A . 
D 4 HOH 95  2095 2095 HOH HOH A . 
D 4 HOH 96  2096 2096 HOH HOH A . 
D 4 HOH 97  2097 2097 HOH HOH A . 
D 4 HOH 98  2098 2098 HOH HOH A . 
D 4 HOH 99  2099 2099 HOH HOH A . 
D 4 HOH 100 2100 2100 HOH HOH A . 
D 4 HOH 101 2101 2101 HOH HOH A . 
D 4 HOH 102 2102 2102 HOH HOH A . 
D 4 HOH 103 2103 2103 HOH HOH A . 
D 4 HOH 104 2104 2104 HOH HOH A . 
D 4 HOH 105 2105 2105 HOH HOH A . 
D 4 HOH 106 2106 2106 HOH HOH A . 
D 4 HOH 107 2107 2107 HOH HOH A . 
D 4 HOH 108 2108 2108 HOH HOH A . 
D 4 HOH 109 2109 2109 HOH HOH A . 
D 4 HOH 110 2110 2110 HOH HOH A . 
D 4 HOH 111 2111 2111 HOH HOH A . 
D 4 HOH 112 2112 2112 HOH HOH A . 
D 4 HOH 113 2113 2113 HOH HOH A . 
D 4 HOH 114 2114 2114 HOH HOH A . 
D 4 HOH 115 2115 2115 HOH HOH A . 
D 4 HOH 116 2116 2116 HOH HOH A . 
D 4 HOH 117 2117 2117 HOH HOH A . 
D 4 HOH 118 2118 2118 HOH HOH A . 
D 4 HOH 119 2119 2119 HOH HOH A . 
D 4 HOH 120 2120 2120 HOH HOH A . 
D 4 HOH 121 2121 2121 HOH HOH A . 
D 4 HOH 122 2122 2122 HOH HOH A . 
D 4 HOH 123 2123 2123 HOH HOH A . 
D 4 HOH 124 2124 2124 HOH HOH A . 
D 4 HOH 125 2125 2125 HOH HOH A . 
D 4 HOH 126 2126 2126 HOH HOH A . 
D 4 HOH 127 2127 2127 HOH HOH A . 
D 4 HOH 128 2128 2128 HOH HOH A . 
D 4 HOH 129 2129 2129 HOH HOH A . 
D 4 HOH 130 2130 2130 HOH HOH A . 
D 4 HOH 131 2131 2131 HOH HOH A . 
D 4 HOH 132 2132 2132 HOH HOH A . 
D 4 HOH 133 2133 2133 HOH HOH A . 
D 4 HOH 134 2134 2134 HOH HOH A . 
D 4 HOH 135 2135 2135 HOH HOH A . 
D 4 HOH 136 2136 2136 HOH HOH A . 
D 4 HOH 137 2137 2137 HOH HOH A . 
D 4 HOH 138 2138 2138 HOH HOH A . 
D 4 HOH 139 2139 2139 HOH HOH A . 
D 4 HOH 140 2140 2140 HOH HOH A . 
D 4 HOH 141 2141 2141 HOH HOH A . 
D 4 HOH 142 2142 2142 HOH HOH A . 
D 4 HOH 143 2143 2143 HOH HOH A . 
D 4 HOH 144 2144 2144 HOH HOH A . 
D 4 HOH 145 2145 2145 HOH HOH A . 
# 
_pdbx_struct_assembly.id                   1 
_pdbx_struct_assembly.details              author_and_software_defined_assembly 
_pdbx_struct_assembly.method_details       PISA 
_pdbx_struct_assembly.oligomeric_details   monomeric 
_pdbx_struct_assembly.oligomeric_count     1 
# 
_pdbx_struct_assembly_gen.assembly_id       1 
_pdbx_struct_assembly_gen.oper_expression   1 
_pdbx_struct_assembly_gen.asym_id_list      A,B,C,D 
# 
_pdbx_struct_oper_list.id                   1 
_pdbx_struct_oper_list.type                 'identity operation' 
_pdbx_struct_oper_list.name                 1_555 
_pdbx_struct_oper_list.symmetry_operation   x,y,z 
_pdbx_struct_oper_list.matrix[1][1]         1.0000000000 
_pdbx_struct_oper_list.matrix[1][2]         0.0000000000 
_pdbx_struct_oper_list.matrix[1][3]         0.0000000000 
_pdbx_struct_oper_list.vector[1]            0.0000000000 
_pdbx_struct_oper_list.matrix[2][1]         0.0000000000 
_pdbx_struct_oper_list.matrix[2][2]         1.0000000000 
_pdbx_struct_oper_list.matrix[2][3]         0.0000000000 
_pdbx_struct_oper_list.vector[2]            0.0000000000 
_pdbx_struct_oper_list.matrix[3][1]         0.0000000000 
_pdbx_struct_oper_list.matrix[3][2]         0.0000000000 
_pdbx_struct_oper_list.matrix[3][3]         1.0000000000 
_pdbx_struct_oper_list.vector[3]            0.0000000000 
# 
loop_
_pdbx_audit_revision_history.ordinal 
_pdbx_audit_revision_history.data_content_type 
_pdbx_audit_revision_history.major_revision 
_pdbx_audit_revision_history.minor_revision 
_pdbx_audit_revision_history.revision_date 
1 'Structure model' 1 0 2011-01-12 
2 'Structure model' 1 1 2011-05-08 
3 'Structure model' 1 2 2011-07-13 
4 'Structure model' 1 3 2019-01-30 
5 'Structure model' 1 4 2019-02-06 
6 'Structure model' 1 5 2023-12-20 
# 
_pdbx_audit_revision_details.ordinal             1 
_pdbx_audit_revision_details.revision_ordinal    1 
_pdbx_audit_revision_details.data_content_type   'Structure model' 
_pdbx_audit_revision_details.provider            repository 
_pdbx_audit_revision_details.type                'Initial release' 
_pdbx_audit_revision_details.description         ? 
_pdbx_audit_revision_details.details             ? 
# 
loop_
_pdbx_audit_revision_group.ordinal 
_pdbx_audit_revision_group.revision_ordinal 
_pdbx_audit_revision_group.data_content_type 
_pdbx_audit_revision_group.group 
1  2 'Structure model' 'Version format compliance' 
2  3 'Structure model' 'Version format compliance' 
3  4 'Structure model' 'Data collection'           
4  4 'Structure model' 'Experimental preparation'  
5  4 'Structure model' Other                       
6  5 'Structure model' 'Data collection'           
7  5 'Structure model' 'Experimental preparation'  
8  6 'Structure model' 'Data collection'           
9  6 'Structure model' 'Database references'       
10 6 'Structure model' 'Derived calculations'      
11 6 'Structure model' Other                       
12 6 'Structure model' 'Refinement description'    
# 
loop_
_pdbx_audit_revision_category.ordinal 
_pdbx_audit_revision_category.revision_ordinal 
_pdbx_audit_revision_category.data_content_type 
_pdbx_audit_revision_category.category 
1  4 'Structure model' exptl_crystal_grow            
2  4 'Structure model' pdbx_database_proc            
3  4 'Structure model' pdbx_database_status          
4  5 'Structure model' exptl_crystal_grow            
5  6 'Structure model' chem_comp_atom                
6  6 'Structure model' chem_comp_bond                
7  6 'Structure model' database_2                    
8  6 'Structure model' pdbx_database_status          
9  6 'Structure model' pdbx_initial_refinement_model 
10 6 'Structure model' struct_site                   
# 
loop_
_pdbx_audit_revision_item.ordinal 
_pdbx_audit_revision_item.revision_ordinal 
_pdbx_audit_revision_item.data_content_type 
_pdbx_audit_revision_item.item 
1 4 'Structure model' '_exptl_crystal_grow.method'                  
2 4 'Structure model' '_pdbx_database_status.recvd_author_approval' 
3 5 'Structure model' '_exptl_crystal_grow.temp'                    
4 6 'Structure model' '_database_2.pdbx_DOI'                        
5 6 'Structure model' '_database_2.pdbx_database_accession'         
6 6 'Structure model' '_pdbx_database_status.status_code_sf'        
7 6 'Structure model' '_struct_site.pdbx_auth_asym_id'              
8 6 'Structure model' '_struct_site.pdbx_auth_comp_id'              
9 6 'Structure model' '_struct_site.pdbx_auth_seq_id'               
# 
loop_
_software.name 
_software.classification 
_software.version 
_software.citation_id 
_software.pdbx_ordinal 
_software.date 
_software.type 
_software.location 
_software.language 
REFMAC refinement       5.5.0109 ? 1 ? ? ? ? 
d*TREK 'data reduction' .        ? 2 ? ? ? ? 
d*TREK 'data scaling'   .        ? 3 ? ? ? ? 
AMoRE  phasing          .        ? 4 ? ? ? ? 
# 
_pdbx_entry_details.entry_id                 2XP9 
_pdbx_entry_details.compound_details         'ENGINEERED RESIDUE IN CHAIN A, ARG  14 TO ALA' 
_pdbx_entry_details.source_details           ? 
_pdbx_entry_details.nonpolymer_details       ? 
_pdbx_entry_details.sequence_details         ? 
_pdbx_entry_details.has_ligand_of_interest   ? 
# 
_pdbx_validate_close_contact.id               1 
_pdbx_validate_close_contact.PDB_model_num    1 
_pdbx_validate_close_contact.auth_atom_id_1   NH2 
_pdbx_validate_close_contact.auth_asym_id_1   A 
_pdbx_validate_close_contact.auth_comp_id_1   ARG 
_pdbx_validate_close_contact.auth_seq_id_1    21 
_pdbx_validate_close_contact.PDB_ins_code_1   ? 
_pdbx_validate_close_contact.label_alt_id_1   ? 
_pdbx_validate_close_contact.auth_atom_id_2   O 
_pdbx_validate_close_contact.auth_asym_id_2   A 
_pdbx_validate_close_contact.auth_comp_id_2   HOH 
_pdbx_validate_close_contact.auth_seq_id_2    2018 
_pdbx_validate_close_contact.PDB_ins_code_2   ? 
_pdbx_validate_close_contact.label_alt_id_2   ? 
_pdbx_validate_close_contact.dist             1.92 
# 
_pdbx_validate_rmsd_bond.id                        1 
_pdbx_validate_rmsd_bond.PDB_model_num             1 
_pdbx_validate_rmsd_bond.auth_atom_id_1            CD 
_pdbx_validate_rmsd_bond.auth_asym_id_1            A 
_pdbx_validate_rmsd_bond.auth_comp_id_1            GLU 
_pdbx_validate_rmsd_bond.auth_seq_id_1             35 
_pdbx_validate_rmsd_bond.PDB_ins_code_1            ? 
_pdbx_validate_rmsd_bond.label_alt_id_1            ? 
_pdbx_validate_rmsd_bond.auth_atom_id_2            OE2 
_pdbx_validate_rmsd_bond.auth_asym_id_2            A 
_pdbx_validate_rmsd_bond.auth_comp_id_2            GLU 
_pdbx_validate_rmsd_bond.auth_seq_id_2             35 
_pdbx_validate_rmsd_bond.PDB_ins_code_2            ? 
_pdbx_validate_rmsd_bond.label_alt_id_2            ? 
_pdbx_validate_rmsd_bond.bond_value                1.352 
_pdbx_validate_rmsd_bond.bond_target_value         1.252 
_pdbx_validate_rmsd_bond.bond_deviation            0.100 
_pdbx_validate_rmsd_bond.bond_standard_deviation   0.011 
_pdbx_validate_rmsd_bond.linker_flag               N 
# 
_pdbx_validate_rmsd_angle.id                         1 
_pdbx_validate_rmsd_angle.PDB_model_num              1 
_pdbx_validate_rmsd_angle.auth_atom_id_1             CD 
_pdbx_validate_rmsd_angle.auth_asym_id_1             A 
_pdbx_validate_rmsd_angle.auth_comp_id_1             LYS 
_pdbx_validate_rmsd_angle.auth_seq_id_1              132 
_pdbx_validate_rmsd_angle.PDB_ins_code_1             ? 
_pdbx_validate_rmsd_angle.label_alt_id_1             ? 
_pdbx_validate_rmsd_angle.auth_atom_id_2             CE 
_pdbx_validate_rmsd_angle.auth_asym_id_2             A 
_pdbx_validate_rmsd_angle.auth_comp_id_2             LYS 
_pdbx_validate_rmsd_angle.auth_seq_id_2              132 
_pdbx_validate_rmsd_angle.PDB_ins_code_2             ? 
_pdbx_validate_rmsd_angle.label_alt_id_2             ? 
_pdbx_validate_rmsd_angle.auth_atom_id_3             NZ 
_pdbx_validate_rmsd_angle.auth_asym_id_3             A 
_pdbx_validate_rmsd_angle.auth_comp_id_3             LYS 
_pdbx_validate_rmsd_angle.auth_seq_id_3              132 
_pdbx_validate_rmsd_angle.PDB_ins_code_3             ? 
_pdbx_validate_rmsd_angle.label_alt_id_3             ? 
_pdbx_validate_rmsd_angle.angle_value                133.08 
_pdbx_validate_rmsd_angle.angle_target_value         111.70 
_pdbx_validate_rmsd_angle.angle_deviation            21.38 
_pdbx_validate_rmsd_angle.angle_standard_deviation   2.30 
_pdbx_validate_rmsd_angle.linker_flag                N 
# 
_pdbx_validate_torsion.id              1 
_pdbx_validate_torsion.PDB_model_num   1 
_pdbx_validate_torsion.auth_comp_id    PRO 
_pdbx_validate_torsion.auth_asym_id    A 
_pdbx_validate_torsion.auth_seq_id     8 
_pdbx_validate_torsion.PDB_ins_code    ? 
_pdbx_validate_torsion.label_alt_id    ? 
_pdbx_validate_torsion.phi             -57.89 
_pdbx_validate_torsion.psi             170.29 
# 
loop_
_pdbx_unobs_or_zero_occ_atoms.id 
_pdbx_unobs_or_zero_occ_atoms.PDB_model_num 
_pdbx_unobs_or_zero_occ_atoms.polymer_flag 
_pdbx_unobs_or_zero_occ_atoms.occupancy_flag 
_pdbx_unobs_or_zero_occ_atoms.auth_asym_id 
_pdbx_unobs_or_zero_occ_atoms.auth_comp_id 
_pdbx_unobs_or_zero_occ_atoms.auth_seq_id 
_pdbx_unobs_or_zero_occ_atoms.PDB_ins_code 
_pdbx_unobs_or_zero_occ_atoms.auth_atom_id 
_pdbx_unobs_or_zero_occ_atoms.label_alt_id 
_pdbx_unobs_or_zero_occ_atoms.label_asym_id 
_pdbx_unobs_or_zero_occ_atoms.label_comp_id 
_pdbx_unobs_or_zero_occ_atoms.label_seq_id 
_pdbx_unobs_or_zero_occ_atoms.label_atom_id 
1  1 Y 1 A GLU 87   ? CD  ? A GLU 91 CD  
2  1 Y 1 A GLU 87   ? OE1 ? A GLU 91 OE1 
3  1 Y 1 A GLU 87   ? OE2 ? A GLU 91 OE2 
4  1 N 1 A 12P 1164 ? O37 ? B 12P 1  O37 
5  1 N 1 A 12P 1164 ? O19 ? B 12P 1  O19 
6  1 N 1 A 12P 1164 ? C18 ? B 12P 1  C18 
7  1 N 1 A 12P 1164 ? C17 ? B 12P 1  C17 
8  1 N 1 A 12P 1164 ? O16 ? B 12P 1  O16 
9  1 N 1 A 12P 1164 ? C15 ? B 12P 1  C15 
10 1 N 1 A 12P 1164 ? C14 ? B 12P 1  C14 
11 1 N 1 A 12P 1164 ? O13 ? B 12P 1  O13 
12 1 N 1 A 12P 1164 ? C12 ? B 12P 1  C12 
13 1 N 1 A 12P 1164 ? C11 ? B 12P 1  C11 
14 1 N 1 A 12P 1164 ? O10 ? B 12P 1  O10 
15 1 N 1 A 12P 1164 ? C9  ? B 12P 1  C9  
16 1 N 1 A 12P 1164 ? C8  ? B 12P 1  C8  
17 1 N 1 A 12P 1164 ? O7  ? B 12P 1  O7  
18 1 N 1 A 12P 1164 ? C6  ? B 12P 1  C6  
19 1 N 1 A 12P 1164 ? C5  ? B 12P 1  C5  
20 1 N 1 A 12P 1164 ? O4  ? B 12P 1  O4  
21 1 N 1 A 12P 1164 ? C3  ? B 12P 1  C3  
22 1 N 1 A 12P 1164 ? C2  ? B 12P 1  C2  
23 1 N 1 A 12P 1164 ? O1  ? B 12P 1  O1  
# 
loop_
_pdbx_unobs_or_zero_occ_residues.id 
_pdbx_unobs_or_zero_occ_residues.PDB_model_num 
_pdbx_unobs_or_zero_occ_residues.polymer_flag 
_pdbx_unobs_or_zero_occ_residues.occupancy_flag 
_pdbx_unobs_or_zero_occ_residues.auth_asym_id 
_pdbx_unobs_or_zero_occ_residues.auth_comp_id 
_pdbx_unobs_or_zero_occ_residues.auth_seq_id 
_pdbx_unobs_or_zero_occ_residues.PDB_ins_code 
_pdbx_unobs_or_zero_occ_residues.label_asym_id 
_pdbx_unobs_or_zero_occ_residues.label_comp_id 
_pdbx_unobs_or_zero_occ_residues.label_seq_id 
1  1 Y 1 A GLY -3 ? A GLY 1  
2  1 Y 1 A SER -2 ? A SER 2  
3  1 Y 1 A HIS -1 ? A HIS 3  
4  1 Y 1 A GLY 0  ? A GLY 4  
5  1 Y 1 A MET 1  ? A MET 5  
6  1 Y 1 A ALA 2  ? A ALA 6  
7  1 Y 1 A ASP 3  ? A ASP 7  
8  1 Y 1 A GLU 4  ? A GLU 8  
9  1 Y 1 A GLU 5  ? A GLU 9  
10 1 Y 1 A LYS 6  ? A LYS 10 
11 1 Y 1 A SER 38 ? A SER 42 
12 1 Y 1 A GLY 39 ? A GLY 43 
13 1 Y 1 A ASN 40 ? A ASN 44 
14 1 Y 1 A SER 41 ? A SER 45 
15 1 Y 1 A SER 42 ? A SER 46 
16 1 Y 1 A SER 43 ? A SER 47 
17 1 Y 1 A GLY 44 ? A GLY 48 
18 1 Y 1 A GLY 45 ? A GLY 49 
19 1 Y 1 A LYS 46 ? A LYS 50 
20 1 Y 1 A ASN 47 ? A ASN 51 
21 1 Y 1 A GLY 48 ? A GLY 52 
22 1 Y 1 A GLN 49 ? A GLN 53 
23 1 Y 1 A GLY 50 ? A GLY 54 
# 
loop_
_chem_comp_atom.comp_id 
_chem_comp_atom.atom_id 
_chem_comp_atom.type_symbol 
_chem_comp_atom.pdbx_aromatic_flag 
_chem_comp_atom.pdbx_stereo_config 
_chem_comp_atom.pdbx_ordinal 
12P O37  O N N 1   
12P C36  C N N 2   
12P C35  C N N 3   
12P O34  O N N 4   
12P C33  C N N 5   
12P C32  C N N 6   
12P O31  O N N 7   
12P C30  C N N 8   
12P C29  C N N 9   
12P O28  O N N 10  
12P C27  C N N 11  
12P C26  C N N 12  
12P O25  O N N 13  
12P C24  C N N 14  
12P C23  C N N 15  
12P O22  O N N 16  
12P C21  C N N 17  
12P C20  C N N 18  
12P O19  O N N 19  
12P C18  C N N 20  
12P C17  C N N 21  
12P O16  O N N 22  
12P C15  C N N 23  
12P C14  C N N 24  
12P O13  O N N 25  
12P C12  C N N 26  
12P C11  C N N 27  
12P O10  O N N 28  
12P C9   C N N 29  
12P C8   C N N 30  
12P O7   O N N 31  
12P C6   C N N 32  
12P C5   C N N 33  
12P O4   O N N 34  
12P C3   C N N 35  
12P C2   C N N 36  
12P O1   O N N 37  
12P H37  H N N 38  
12P H361 H N N 39  
12P H362 H N N 40  
12P H351 H N N 41  
12P H352 H N N 42  
12P H331 H N N 43  
12P H332 H N N 44  
12P H321 H N N 45  
12P H322 H N N 46  
12P H301 H N N 47  
12P H302 H N N 48  
12P H291 H N N 49  
12P H292 H N N 50  
12P H271 H N N 51  
12P H272 H N N 52  
12P H261 H N N 53  
12P H262 H N N 54  
12P H241 H N N 55  
12P H242 H N N 56  
12P H231 H N N 57  
12P H232 H N N 58  
12P H211 H N N 59  
12P H212 H N N 60  
12P H201 H N N 61  
12P H202 H N N 62  
12P H181 H N N 63  
12P H182 H N N 64  
12P H171 H N N 65  
12P H172 H N N 66  
12P H151 H N N 67  
12P H152 H N N 68  
12P H141 H N N 69  
12P H142 H N N 70  
12P H121 H N N 71  
12P H122 H N N 72  
12P H111 H N N 73  
12P H112 H N N 74  
12P H91  H N N 75  
12P H92  H N N 76  
12P H81  H N N 77  
12P H82  H N N 78  
12P H61  H N N 79  
12P H62  H N N 80  
12P H51  H N N 81  
12P H52  H N N 82  
12P H31  H N N 83  
12P H32  H N N 84  
12P H21  H N N 85  
12P H22  H N N 86  
12P HO1  H N N 87  
4G8 C20  C Y N 88  
4G8 C21  C Y N 89  
4G8 C22  C Y N 90  
4G8 C23  C Y N 91  
4G8 C24  C Y N 92  
4G8 C19  C Y N 93  
4G8 C18  C N N 94  
4G8 N17  N N N 95  
4G8 C25  C N N 96  
4G8 C26  C N N 97  
4G8 O27  O N N 98  
4G8 O28  O N N 99  
4G8 C15  C N N 100 
4G8 O16  O N N 101 
4G8 C9   C Y N 102 
4G8 N8   N Y N 103 
4G8 C10  C Y N 104 
4G8 C12  C N N 105 
4G8 O14  O N N 106 
4G8 O13  O N N 107 
4G8 N11  N Y N 108 
4G8 C1   C Y N 109 
4G8 C2   C Y N 110 
4G8 C3   C Y N 111 
4G8 C4   C Y N 112 
4G8 C5   C Y N 113 
4G8 C6   C Y N 114 
4G8 C7   C Y N 115 
4G8 H20  H N N 116 
4G8 H21  H N N 117 
4G8 H22  H N N 118 
4G8 H23  H N N 119 
4G8 H24  H N N 120 
4G8 H181 H N N 121 
4G8 H182 H N N 122 
4G8 H251 H N N 123 
4G8 H252 H N N 124 
4G8 H28  H N N 125 
4G8 H11  H N N 126 
4G8 H13  H N N 127 
4G8 H3   H N N 128 
4G8 H7   H N N 129 
4G8 H4   H N N 130 
4G8 H5   H N N 131 
4G8 H6   H N N 132 
ALA N    N N N 133 
ALA CA   C N S 134 
ALA C    C N N 135 
ALA O    O N N 136 
ALA CB   C N N 137 
ALA OXT  O N N 138 
ALA H    H N N 139 
ALA H2   H N N 140 
ALA HA   H N N 141 
ALA HB1  H N N 142 
ALA HB2  H N N 143 
ALA HB3  H N N 144 
ALA HXT  H N N 145 
ARG N    N N N 146 
ARG CA   C N S 147 
ARG C    C N N 148 
ARG O    O N N 149 
ARG CB   C N N 150 
ARG CG   C N N 151 
ARG CD   C N N 152 
ARG NE   N N N 153 
ARG CZ   C N N 154 
ARG NH1  N N N 155 
ARG NH2  N N N 156 
ARG OXT  O N N 157 
ARG H    H N N 158 
ARG H2   H N N 159 
ARG HA   H N N 160 
ARG HB2  H N N 161 
ARG HB3  H N N 162 
ARG HG2  H N N 163 
ARG HG3  H N N 164 
ARG HD2  H N N 165 
ARG HD3  H N N 166 
ARG HE   H N N 167 
ARG HH11 H N N 168 
ARG HH12 H N N 169 
ARG HH21 H N N 170 
ARG HH22 H N N 171 
ARG HXT  H N N 172 
ASN N    N N N 173 
ASN CA   C N S 174 
ASN C    C N N 175 
ASN O    O N N 176 
ASN CB   C N N 177 
ASN CG   C N N 178 
ASN OD1  O N N 179 
ASN ND2  N N N 180 
ASN OXT  O N N 181 
ASN H    H N N 182 
ASN H2   H N N 183 
ASN HA   H N N 184 
ASN HB2  H N N 185 
ASN HB3  H N N 186 
ASN HD21 H N N 187 
ASN HD22 H N N 188 
ASN HXT  H N N 189 
ASP N    N N N 190 
ASP CA   C N S 191 
ASP C    C N N 192 
ASP O    O N N 193 
ASP CB   C N N 194 
ASP CG   C N N 195 
ASP OD1  O N N 196 
ASP OD2  O N N 197 
ASP OXT  O N N 198 
ASP H    H N N 199 
ASP H2   H N N 200 
ASP HA   H N N 201 
ASP HB2  H N N 202 
ASP HB3  H N N 203 
ASP HD2  H N N 204 
ASP HXT  H N N 205 
CYS N    N N N 206 
CYS CA   C N R 207 
CYS C    C N N 208 
CYS O    O N N 209 
CYS CB   C N N 210 
CYS SG   S N N 211 
CYS OXT  O N N 212 
CYS H    H N N 213 
CYS H2   H N N 214 
CYS HA   H N N 215 
CYS HB2  H N N 216 
CYS HB3  H N N 217 
CYS HG   H N N 218 
CYS HXT  H N N 219 
GLN N    N N N 220 
GLN CA   C N S 221 
GLN C    C N N 222 
GLN O    O N N 223 
GLN CB   C N N 224 
GLN CG   C N N 225 
GLN CD   C N N 226 
GLN OE1  O N N 227 
GLN NE2  N N N 228 
GLN OXT  O N N 229 
GLN H    H N N 230 
GLN H2   H N N 231 
GLN HA   H N N 232 
GLN HB2  H N N 233 
GLN HB3  H N N 234 
GLN HG2  H N N 235 
GLN HG3  H N N 236 
GLN HE21 H N N 237 
GLN HE22 H N N 238 
GLN HXT  H N N 239 
GLU N    N N N 240 
GLU CA   C N S 241 
GLU C    C N N 242 
GLU O    O N N 243 
GLU CB   C N N 244 
GLU CG   C N N 245 
GLU CD   C N N 246 
GLU OE1  O N N 247 
GLU OE2  O N N 248 
GLU OXT  O N N 249 
GLU H    H N N 250 
GLU H2   H N N 251 
GLU HA   H N N 252 
GLU HB2  H N N 253 
GLU HB3  H N N 254 
GLU HG2  H N N 255 
GLU HG3  H N N 256 
GLU HE2  H N N 257 
GLU HXT  H N N 258 
GLY N    N N N 259 
GLY CA   C N N 260 
GLY C    C N N 261 
GLY O    O N N 262 
GLY OXT  O N N 263 
GLY H    H N N 264 
GLY H2   H N N 265 
GLY HA2  H N N 266 
GLY HA3  H N N 267 
GLY HXT  H N N 268 
HIS N    N N N 269 
HIS CA   C N S 270 
HIS C    C N N 271 
HIS O    O N N 272 
HIS CB   C N N 273 
HIS CG   C Y N 274 
HIS ND1  N Y N 275 
HIS CD2  C Y N 276 
HIS CE1  C Y N 277 
HIS NE2  N Y N 278 
HIS OXT  O N N 279 
HIS H    H N N 280 
HIS H2   H N N 281 
HIS HA   H N N 282 
HIS HB2  H N N 283 
HIS HB3  H N N 284 
HIS HD1  H N N 285 
HIS HD2  H N N 286 
HIS HE1  H N N 287 
HIS HE2  H N N 288 
HIS HXT  H N N 289 
HOH O    O N N 290 
HOH H1   H N N 291 
HOH H2   H N N 292 
ILE N    N N N 293 
ILE CA   C N S 294 
ILE C    C N N 295 
ILE O    O N N 296 
ILE CB   C N S 297 
ILE CG1  C N N 298 
ILE CG2  C N N 299 
ILE CD1  C N N 300 
ILE OXT  O N N 301 
ILE H    H N N 302 
ILE H2   H N N 303 
ILE HA   H N N 304 
ILE HB   H N N 305 
ILE HG12 H N N 306 
ILE HG13 H N N 307 
ILE HG21 H N N 308 
ILE HG22 H N N 309 
ILE HG23 H N N 310 
ILE HD11 H N N 311 
ILE HD12 H N N 312 
ILE HD13 H N N 313 
ILE HXT  H N N 314 
LEU N    N N N 315 
LEU CA   C N S 316 
LEU C    C N N 317 
LEU O    O N N 318 
LEU CB   C N N 319 
LEU CG   C N N 320 
LEU CD1  C N N 321 
LEU CD2  C N N 322 
LEU OXT  O N N 323 
LEU H    H N N 324 
LEU H2   H N N 325 
LEU HA   H N N 326 
LEU HB2  H N N 327 
LEU HB3  H N N 328 
LEU HG   H N N 329 
LEU HD11 H N N 330 
LEU HD12 H N N 331 
LEU HD13 H N N 332 
LEU HD21 H N N 333 
LEU HD22 H N N 334 
LEU HD23 H N N 335 
LEU HXT  H N N 336 
LYS N    N N N 337 
LYS CA   C N S 338 
LYS C    C N N 339 
LYS O    O N N 340 
LYS CB   C N N 341 
LYS CG   C N N 342 
LYS CD   C N N 343 
LYS CE   C N N 344 
LYS NZ   N N N 345 
LYS OXT  O N N 346 
LYS H    H N N 347 
LYS H2   H N N 348 
LYS HA   H N N 349 
LYS HB2  H N N 350 
LYS HB3  H N N 351 
LYS HG2  H N N 352 
LYS HG3  H N N 353 
LYS HD2  H N N 354 
LYS HD3  H N N 355 
LYS HE2  H N N 356 
LYS HE3  H N N 357 
LYS HZ1  H N N 358 
LYS HZ2  H N N 359 
LYS HZ3  H N N 360 
LYS HXT  H N N 361 
MET N    N N N 362 
MET CA   C N S 363 
MET C    C N N 364 
MET O    O N N 365 
MET CB   C N N 366 
MET CG   C N N 367 
MET SD   S N N 368 
MET CE   C N N 369 
MET OXT  O N N 370 
MET H    H N N 371 
MET H2   H N N 372 
MET HA   H N N 373 
MET HB2  H N N 374 
MET HB3  H N N 375 
MET HG2  H N N 376 
MET HG3  H N N 377 
MET HE1  H N N 378 
MET HE2  H N N 379 
MET HE3  H N N 380 
MET HXT  H N N 381 
PHE N    N N N 382 
PHE CA   C N S 383 
PHE C    C N N 384 
PHE O    O N N 385 
PHE CB   C N N 386 
PHE CG   C Y N 387 
PHE CD1  C Y N 388 
PHE CD2  C Y N 389 
PHE CE1  C Y N 390 
PHE CE2  C Y N 391 
PHE CZ   C Y N 392 
PHE OXT  O N N 393 
PHE H    H N N 394 
PHE H2   H N N 395 
PHE HA   H N N 396 
PHE HB2  H N N 397 
PHE HB3  H N N 398 
PHE HD1  H N N 399 
PHE HD2  H N N 400 
PHE HE1  H N N 401 
PHE HE2  H N N 402 
PHE HZ   H N N 403 
PHE HXT  H N N 404 
PRO N    N N N 405 
PRO CA   C N S 406 
PRO C    C N N 407 
PRO O    O N N 408 
PRO CB   C N N 409 
PRO CG   C N N 410 
PRO CD   C N N 411 
PRO OXT  O N N 412 
PRO H    H N N 413 
PRO HA   H N N 414 
PRO HB2  H N N 415 
PRO HB3  H N N 416 
PRO HG2  H N N 417 
PRO HG3  H N N 418 
PRO HD2  H N N 419 
PRO HD3  H N N 420 
PRO HXT  H N N 421 
SER N    N N N 422 
SER CA   C N S 423 
SER C    C N N 424 
SER O    O N N 425 
SER CB   C N N 426 
SER OG   O N N 427 
SER OXT  O N N 428 
SER H    H N N 429 
SER H2   H N N 430 
SER HA   H N N 431 
SER HB2  H N N 432 
SER HB3  H N N 433 
SER HG   H N N 434 
SER HXT  H N N 435 
THR N    N N N 436 
THR CA   C N S 437 
THR C    C N N 438 
THR O    O N N 439 
THR CB   C N R 440 
THR OG1  O N N 441 
THR CG2  C N N 442 
THR OXT  O N N 443 
THR H    H N N 444 
THR H2   H N N 445 
THR HA   H N N 446 
THR HB   H N N 447 
THR HG1  H N N 448 
THR HG21 H N N 449 
THR HG22 H N N 450 
THR HG23 H N N 451 
THR HXT  H N N 452 
TRP N    N N N 453 
TRP CA   C N S 454 
TRP C    C N N 455 
TRP O    O N N 456 
TRP CB   C N N 457 
TRP CG   C Y N 458 
TRP CD1  C Y N 459 
TRP CD2  C Y N 460 
TRP NE1  N Y N 461 
TRP CE2  C Y N 462 
TRP CE3  C Y N 463 
TRP CZ2  C Y N 464 
TRP CZ3  C Y N 465 
TRP CH2  C Y N 466 
TRP OXT  O N N 467 
TRP H    H N N 468 
TRP H2   H N N 469 
TRP HA   H N N 470 
TRP HB2  H N N 471 
TRP HB3  H N N 472 
TRP HD1  H N N 473 
TRP HE1  H N N 474 
TRP HE3  H N N 475 
TRP HZ2  H N N 476 
TRP HZ3  H N N 477 
TRP HH2  H N N 478 
TRP HXT  H N N 479 
TYR N    N N N 480 
TYR CA   C N S 481 
TYR C    C N N 482 
TYR O    O N N 483 
TYR CB   C N N 484 
TYR CG   C Y N 485 
TYR CD1  C Y N 486 
TYR CD2  C Y N 487 
TYR CE1  C Y N 488 
TYR CE2  C Y N 489 
TYR CZ   C Y N 490 
TYR OH   O N N 491 
TYR OXT  O N N 492 
TYR H    H N N 493 
TYR H2   H N N 494 
TYR HA   H N N 495 
TYR HB2  H N N 496 
TYR HB3  H N N 497 
TYR HD1  H N N 498 
TYR HD2  H N N 499 
TYR HE1  H N N 500 
TYR HE2  H N N 501 
TYR HH   H N N 502 
TYR HXT  H N N 503 
VAL N    N N N 504 
VAL CA   C N S 505 
VAL C    C N N 506 
VAL O    O N N 507 
VAL CB   C N N 508 
VAL CG1  C N N 509 
VAL CG2  C N N 510 
VAL OXT  O N N 511 
VAL H    H N N 512 
VAL H2   H N N 513 
VAL HA   H N N 514 
VAL HB   H N N 515 
VAL HG11 H N N 516 
VAL HG12 H N N 517 
VAL HG13 H N N 518 
VAL HG21 H N N 519 
VAL HG22 H N N 520 
VAL HG23 H N N 521 
VAL HXT  H N N 522 
# 
loop_
_chem_comp_bond.comp_id 
_chem_comp_bond.atom_id_1 
_chem_comp_bond.atom_id_2 
_chem_comp_bond.value_order 
_chem_comp_bond.pdbx_aromatic_flag 
_chem_comp_bond.pdbx_stereo_config 
_chem_comp_bond.pdbx_ordinal 
12P O37 C36  sing N N 1   
12P O37 H37  sing N N 2   
12P C36 C35  sing N N 3   
12P C36 H361 sing N N 4   
12P C36 H362 sing N N 5   
12P C35 O34  sing N N 6   
12P C35 H351 sing N N 7   
12P C35 H352 sing N N 8   
12P O34 C33  sing N N 9   
12P C33 C32  sing N N 10  
12P C33 H331 sing N N 11  
12P C33 H332 sing N N 12  
12P C32 O31  sing N N 13  
12P C32 H321 sing N N 14  
12P C32 H322 sing N N 15  
12P O31 C30  sing N N 16  
12P C30 C29  sing N N 17  
12P C30 H301 sing N N 18  
12P C30 H302 sing N N 19  
12P C29 O28  sing N N 20  
12P C29 H291 sing N N 21  
12P C29 H292 sing N N 22  
12P O28 C27  sing N N 23  
12P C27 C26  sing N N 24  
12P C27 H271 sing N N 25  
12P C27 H272 sing N N 26  
12P C26 O25  sing N N 27  
12P C26 H261 sing N N 28  
12P C26 H262 sing N N 29  
12P O25 C24  sing N N 30  
12P C24 C23  sing N N 31  
12P C24 H241 sing N N 32  
12P C24 H242 sing N N 33  
12P C23 O22  sing N N 34  
12P C23 H231 sing N N 35  
12P C23 H232 sing N N 36  
12P O22 C21  sing N N 37  
12P C21 C20  sing N N 38  
12P C21 H211 sing N N 39  
12P C21 H212 sing N N 40  
12P C20 O19  sing N N 41  
12P C20 H201 sing N N 42  
12P C20 H202 sing N N 43  
12P O19 C18  sing N N 44  
12P C18 C17  sing N N 45  
12P C18 H181 sing N N 46  
12P C18 H182 sing N N 47  
12P C17 O16  sing N N 48  
12P C17 H171 sing N N 49  
12P C17 H172 sing N N 50  
12P O16 C15  sing N N 51  
12P C15 C14  sing N N 52  
12P C15 H151 sing N N 53  
12P C15 H152 sing N N 54  
12P C14 O13  sing N N 55  
12P C14 H141 sing N N 56  
12P C14 H142 sing N N 57  
12P O13 C12  sing N N 58  
12P C12 C11  sing N N 59  
12P C12 H121 sing N N 60  
12P C12 H122 sing N N 61  
12P C11 O10  sing N N 62  
12P C11 H111 sing N N 63  
12P C11 H112 sing N N 64  
12P O10 C9   sing N N 65  
12P C9  C8   sing N N 66  
12P C9  H91  sing N N 67  
12P C9  H92  sing N N 68  
12P C8  O7   sing N N 69  
12P C8  H81  sing N N 70  
12P C8  H82  sing N N 71  
12P O7  C6   sing N N 72  
12P C6  C5   sing N N 73  
12P C6  H61  sing N N 74  
12P C6  H62  sing N N 75  
12P C5  O4   sing N N 76  
12P C5  H51  sing N N 77  
12P C5  H52  sing N N 78  
12P O4  C3   sing N N 79  
12P C3  C2   sing N N 80  
12P C3  H31  sing N N 81  
12P C3  H32  sing N N 82  
12P C2  O1   sing N N 83  
12P C2  H21  sing N N 84  
12P C2  H22  sing N N 85  
12P O1  HO1  sing N N 86  
4G8 C20 C21  sing Y N 87  
4G8 C20 C19  doub Y N 88  
4G8 C21 C22  doub Y N 89  
4G8 C22 C23  sing Y N 90  
4G8 C23 C24  doub Y N 91  
4G8 C24 C19  sing Y N 92  
4G8 C19 C18  sing N N 93  
4G8 C18 N17  sing N N 94  
4G8 N17 C25  sing N N 95  
4G8 N17 C15  sing N N 96  
4G8 C25 C26  sing N N 97  
4G8 C26 O27  doub N N 98  
4G8 C26 O28  sing N N 99  
4G8 C15 O16  doub N N 100 
4G8 C15 C9   sing N N 101 
4G8 C9  N8   sing Y N 102 
4G8 C9  C10  doub Y N 103 
4G8 N8  C1   doub Y N 104 
4G8 C10 C12  sing N N 105 
4G8 C10 N11  sing Y N 106 
4G8 C12 O14  doub N N 107 
4G8 C12 O13  sing N N 108 
4G8 N11 C1   sing Y N 109 
4G8 C1  C2   sing Y N 110 
4G8 C2  C3   sing Y N 111 
4G8 C2  C7   doub Y N 112 
4G8 C3  C4   doub Y N 113 
4G8 C4  C5   sing Y N 114 
4G8 C5  C6   doub Y N 115 
4G8 C6  C7   sing Y N 116 
4G8 C20 H20  sing N N 117 
4G8 C21 H21  sing N N 118 
4G8 C22 H22  sing N N 119 
4G8 C23 H23  sing N N 120 
4G8 C24 H24  sing N N 121 
4G8 C18 H181 sing N N 122 
4G8 C18 H182 sing N N 123 
4G8 C25 H251 sing N N 124 
4G8 C25 H252 sing N N 125 
4G8 O28 H28  sing N N 126 
4G8 N11 H11  sing N N 127 
4G8 O13 H13  sing N N 128 
4G8 C3  H3   sing N N 129 
4G8 C7  H7   sing N N 130 
4G8 C4  H4   sing N N 131 
4G8 C5  H5   sing N N 132 
4G8 C6  H6   sing N N 133 
ALA N   CA   sing N N 134 
ALA N   H    sing N N 135 
ALA N   H2   sing N N 136 
ALA CA  C    sing N N 137 
ALA CA  CB   sing N N 138 
ALA CA  HA   sing N N 139 
ALA C   O    doub N N 140 
ALA C   OXT  sing N N 141 
ALA CB  HB1  sing N N 142 
ALA CB  HB2  sing N N 143 
ALA CB  HB3  sing N N 144 
ALA OXT HXT  sing N N 145 
ARG N   CA   sing N N 146 
ARG N   H    sing N N 147 
ARG N   H2   sing N N 148 
ARG CA  C    sing N N 149 
ARG CA  CB   sing N N 150 
ARG CA  HA   sing N N 151 
ARG C   O    doub N N 152 
ARG C   OXT  sing N N 153 
ARG CB  CG   sing N N 154 
ARG CB  HB2  sing N N 155 
ARG CB  HB3  sing N N 156 
ARG CG  CD   sing N N 157 
ARG CG  HG2  sing N N 158 
ARG CG  HG3  sing N N 159 
ARG CD  NE   sing N N 160 
ARG CD  HD2  sing N N 161 
ARG CD  HD3  sing N N 162 
ARG NE  CZ   sing N N 163 
ARG NE  HE   sing N N 164 
ARG CZ  NH1  sing N N 165 
ARG CZ  NH2  doub N N 166 
ARG NH1 HH11 sing N N 167 
ARG NH1 HH12 sing N N 168 
ARG NH2 HH21 sing N N 169 
ARG NH2 HH22 sing N N 170 
ARG OXT HXT  sing N N 171 
ASN N   CA   sing N N 172 
ASN N   H    sing N N 173 
ASN N   H2   sing N N 174 
ASN CA  C    sing N N 175 
ASN CA  CB   sing N N 176 
ASN CA  HA   sing N N 177 
ASN C   O    doub N N 178 
ASN C   OXT  sing N N 179 
ASN CB  CG   sing N N 180 
ASN CB  HB2  sing N N 181 
ASN CB  HB3  sing N N 182 
ASN CG  OD1  doub N N 183 
ASN CG  ND2  sing N N 184 
ASN ND2 HD21 sing N N 185 
ASN ND2 HD22 sing N N 186 
ASN OXT HXT  sing N N 187 
ASP N   CA   sing N N 188 
ASP N   H    sing N N 189 
ASP N   H2   sing N N 190 
ASP CA  C    sing N N 191 
ASP CA  CB   sing N N 192 
ASP CA  HA   sing N N 193 
ASP C   O    doub N N 194 
ASP C   OXT  sing N N 195 
ASP CB  CG   sing N N 196 
ASP CB  HB2  sing N N 197 
ASP CB  HB3  sing N N 198 
ASP CG  OD1  doub N N 199 
ASP CG  OD2  sing N N 200 
ASP OD2 HD2  sing N N 201 
ASP OXT HXT  sing N N 202 
CYS N   CA   sing N N 203 
CYS N   H    sing N N 204 
CYS N   H2   sing N N 205 
CYS CA  C    sing N N 206 
CYS CA  CB   sing N N 207 
CYS CA  HA   sing N N 208 
CYS C   O    doub N N 209 
CYS C   OXT  sing N N 210 
CYS CB  SG   sing N N 211 
CYS CB  HB2  sing N N 212 
CYS CB  HB3  sing N N 213 
CYS SG  HG   sing N N 214 
CYS OXT HXT  sing N N 215 
GLN N   CA   sing N N 216 
GLN N   H    sing N N 217 
GLN N   H2   sing N N 218 
GLN CA  C    sing N N 219 
GLN CA  CB   sing N N 220 
GLN CA  HA   sing N N 221 
GLN C   O    doub N N 222 
GLN C   OXT  sing N N 223 
GLN CB  CG   sing N N 224 
GLN CB  HB2  sing N N 225 
GLN CB  HB3  sing N N 226 
GLN CG  CD   sing N N 227 
GLN CG  HG2  sing N N 228 
GLN CG  HG3  sing N N 229 
GLN CD  OE1  doub N N 230 
GLN CD  NE2  sing N N 231 
GLN NE2 HE21 sing N N 232 
GLN NE2 HE22 sing N N 233 
GLN OXT HXT  sing N N 234 
GLU N   CA   sing N N 235 
GLU N   H    sing N N 236 
GLU N   H2   sing N N 237 
GLU CA  C    sing N N 238 
GLU CA  CB   sing N N 239 
GLU CA  HA   sing N N 240 
GLU C   O    doub N N 241 
GLU C   OXT  sing N N 242 
GLU CB  CG   sing N N 243 
GLU CB  HB2  sing N N 244 
GLU CB  HB3  sing N N 245 
GLU CG  CD   sing N N 246 
GLU CG  HG2  sing N N 247 
GLU CG  HG3  sing N N 248 
GLU CD  OE1  doub N N 249 
GLU CD  OE2  sing N N 250 
GLU OE2 HE2  sing N N 251 
GLU OXT HXT  sing N N 252 
GLY N   CA   sing N N 253 
GLY N   H    sing N N 254 
GLY N   H2   sing N N 255 
GLY CA  C    sing N N 256 
GLY CA  HA2  sing N N 257 
GLY CA  HA3  sing N N 258 
GLY C   O    doub N N 259 
GLY C   OXT  sing N N 260 
GLY OXT HXT  sing N N 261 
HIS N   CA   sing N N 262 
HIS N   H    sing N N 263 
HIS N   H2   sing N N 264 
HIS CA  C    sing N N 265 
HIS CA  CB   sing N N 266 
HIS CA  HA   sing N N 267 
HIS C   O    doub N N 268 
HIS C   OXT  sing N N 269 
HIS CB  CG   sing N N 270 
HIS CB  HB2  sing N N 271 
HIS CB  HB3  sing N N 272 
HIS CG  ND1  sing Y N 273 
HIS CG  CD2  doub Y N 274 
HIS ND1 CE1  doub Y N 275 
HIS ND1 HD1  sing N N 276 
HIS CD2 NE2  sing Y N 277 
HIS CD2 HD2  sing N N 278 
HIS CE1 NE2  sing Y N 279 
HIS CE1 HE1  sing N N 280 
HIS NE2 HE2  sing N N 281 
HIS OXT HXT  sing N N 282 
HOH O   H1   sing N N 283 
HOH O   H2   sing N N 284 
ILE N   CA   sing N N 285 
ILE N   H    sing N N 286 
ILE N   H2   sing N N 287 
ILE CA  C    sing N N 288 
ILE CA  CB   sing N N 289 
ILE CA  HA   sing N N 290 
ILE C   O    doub N N 291 
ILE C   OXT  sing N N 292 
ILE CB  CG1  sing N N 293 
ILE CB  CG2  sing N N 294 
ILE CB  HB   sing N N 295 
ILE CG1 CD1  sing N N 296 
ILE CG1 HG12 sing N N 297 
ILE CG1 HG13 sing N N 298 
ILE CG2 HG21 sing N N 299 
ILE CG2 HG22 sing N N 300 
ILE CG2 HG23 sing N N 301 
ILE CD1 HD11 sing N N 302 
ILE CD1 HD12 sing N N 303 
ILE CD1 HD13 sing N N 304 
ILE OXT HXT  sing N N 305 
LEU N   CA   sing N N 306 
LEU N   H    sing N N 307 
LEU N   H2   sing N N 308 
LEU CA  C    sing N N 309 
LEU CA  CB   sing N N 310 
LEU CA  HA   sing N N 311 
LEU C   O    doub N N 312 
LEU C   OXT  sing N N 313 
LEU CB  CG   sing N N 314 
LEU CB  HB2  sing N N 315 
LEU CB  HB3  sing N N 316 
LEU CG  CD1  sing N N 317 
LEU CG  CD2  sing N N 318 
LEU CG  HG   sing N N 319 
LEU CD1 HD11 sing N N 320 
LEU CD1 HD12 sing N N 321 
LEU CD1 HD13 sing N N 322 
LEU CD2 HD21 sing N N 323 
LEU CD2 HD22 sing N N 324 
LEU CD2 HD23 sing N N 325 
LEU OXT HXT  sing N N 326 
LYS N   CA   sing N N 327 
LYS N   H    sing N N 328 
LYS N   H2   sing N N 329 
LYS CA  C    sing N N 330 
LYS CA  CB   sing N N 331 
LYS CA  HA   sing N N 332 
LYS C   O    doub N N 333 
LYS C   OXT  sing N N 334 
LYS CB  CG   sing N N 335 
LYS CB  HB2  sing N N 336 
LYS CB  HB3  sing N N 337 
LYS CG  CD   sing N N 338 
LYS CG  HG2  sing N N 339 
LYS CG  HG3  sing N N 340 
LYS CD  CE   sing N N 341 
LYS CD  HD2  sing N N 342 
LYS CD  HD3  sing N N 343 
LYS CE  NZ   sing N N 344 
LYS CE  HE2  sing N N 345 
LYS CE  HE3  sing N N 346 
LYS NZ  HZ1  sing N N 347 
LYS NZ  HZ2  sing N N 348 
LYS NZ  HZ3  sing N N 349 
LYS OXT HXT  sing N N 350 
MET N   CA   sing N N 351 
MET N   H    sing N N 352 
MET N   H2   sing N N 353 
MET CA  C    sing N N 354 
MET CA  CB   sing N N 355 
MET CA  HA   sing N N 356 
MET C   O    doub N N 357 
MET C   OXT  sing N N 358 
MET CB  CG   sing N N 359 
MET CB  HB2  sing N N 360 
MET CB  HB3  sing N N 361 
MET CG  SD   sing N N 362 
MET CG  HG2  sing N N 363 
MET CG  HG3  sing N N 364 
MET SD  CE   sing N N 365 
MET CE  HE1  sing N N 366 
MET CE  HE2  sing N N 367 
MET CE  HE3  sing N N 368 
MET OXT HXT  sing N N 369 
PHE N   CA   sing N N 370 
PHE N   H    sing N N 371 
PHE N   H2   sing N N 372 
PHE CA  C    sing N N 373 
PHE CA  CB   sing N N 374 
PHE CA  HA   sing N N 375 
PHE C   O    doub N N 376 
PHE C   OXT  sing N N 377 
PHE CB  CG   sing N N 378 
PHE CB  HB2  sing N N 379 
PHE CB  HB3  sing N N 380 
PHE CG  CD1  doub Y N 381 
PHE CG  CD2  sing Y N 382 
PHE CD1 CE1  sing Y N 383 
PHE CD1 HD1  sing N N 384 
PHE CD2 CE2  doub Y N 385 
PHE CD2 HD2  sing N N 386 
PHE CE1 CZ   doub Y N 387 
PHE CE1 HE1  sing N N 388 
PHE CE2 CZ   sing Y N 389 
PHE CE2 HE2  sing N N 390 
PHE CZ  HZ   sing N N 391 
PHE OXT HXT  sing N N 392 
PRO N   CA   sing N N 393 
PRO N   CD   sing N N 394 
PRO N   H    sing N N 395 
PRO CA  C    sing N N 396 
PRO CA  CB   sing N N 397 
PRO CA  HA   sing N N 398 
PRO C   O    doub N N 399 
PRO C   OXT  sing N N 400 
PRO CB  CG   sing N N 401 
PRO CB  HB2  sing N N 402 
PRO CB  HB3  sing N N 403 
PRO CG  CD   sing N N 404 
PRO CG  HG2  sing N N 405 
PRO CG  HG3  sing N N 406 
PRO CD  HD2  sing N N 407 
PRO CD  HD3  sing N N 408 
PRO OXT HXT  sing N N 409 
SER N   CA   sing N N 410 
SER N   H    sing N N 411 
SER N   H2   sing N N 412 
SER CA  C    sing N N 413 
SER CA  CB   sing N N 414 
SER CA  HA   sing N N 415 
SER C   O    doub N N 416 
SER C   OXT  sing N N 417 
SER CB  OG   sing N N 418 
SER CB  HB2  sing N N 419 
SER CB  HB3  sing N N 420 
SER OG  HG   sing N N 421 
SER OXT HXT  sing N N 422 
THR N   CA   sing N N 423 
THR N   H    sing N N 424 
THR N   H2   sing N N 425 
THR CA  C    sing N N 426 
THR CA  CB   sing N N 427 
THR CA  HA   sing N N 428 
THR C   O    doub N N 429 
THR C   OXT  sing N N 430 
THR CB  OG1  sing N N 431 
THR CB  CG2  sing N N 432 
THR CB  HB   sing N N 433 
THR OG1 HG1  sing N N 434 
THR CG2 HG21 sing N N 435 
THR CG2 HG22 sing N N 436 
THR CG2 HG23 sing N N 437 
THR OXT HXT  sing N N 438 
TRP N   CA   sing N N 439 
TRP N   H    sing N N 440 
TRP N   H2   sing N N 441 
TRP CA  C    sing N N 442 
TRP CA  CB   sing N N 443 
TRP CA  HA   sing N N 444 
TRP C   O    doub N N 445 
TRP C   OXT  sing N N 446 
TRP CB  CG   sing N N 447 
TRP CB  HB2  sing N N 448 
TRP CB  HB3  sing N N 449 
TRP CG  CD1  doub Y N 450 
TRP CG  CD2  sing Y N 451 
TRP CD1 NE1  sing Y N 452 
TRP CD1 HD1  sing N N 453 
TRP CD2 CE2  doub Y N 454 
TRP CD2 CE3  sing Y N 455 
TRP NE1 CE2  sing Y N 456 
TRP NE1 HE1  sing N N 457 
TRP CE2 CZ2  sing Y N 458 
TRP CE3 CZ3  doub Y N 459 
TRP CE3 HE3  sing N N 460 
TRP CZ2 CH2  doub Y N 461 
TRP CZ2 HZ2  sing N N 462 
TRP CZ3 CH2  sing Y N 463 
TRP CZ3 HZ3  sing N N 464 
TRP CH2 HH2  sing N N 465 
TRP OXT HXT  sing N N 466 
TYR N   CA   sing N N 467 
TYR N   H    sing N N 468 
TYR N   H2   sing N N 469 
TYR CA  C    sing N N 470 
TYR CA  CB   sing N N 471 
TYR CA  HA   sing N N 472 
TYR C   O    doub N N 473 
TYR C   OXT  sing N N 474 
TYR CB  CG   sing N N 475 
TYR CB  HB2  sing N N 476 
TYR CB  HB3  sing N N 477 
TYR CG  CD1  doub Y N 478 
TYR CG  CD2  sing Y N 479 
TYR CD1 CE1  sing Y N 480 
TYR CD1 HD1  sing N N 481 
TYR CD2 CE2  doub Y N 482 
TYR CD2 HD2  sing N N 483 
TYR CE1 CZ   doub Y N 484 
TYR CE1 HE1  sing N N 485 
TYR CE2 CZ   sing Y N 486 
TYR CE2 HE2  sing N N 487 
TYR CZ  OH   sing N N 488 
TYR OH  HH   sing N N 489 
TYR OXT HXT  sing N N 490 
VAL N   CA   sing N N 491 
VAL N   H    sing N N 492 
VAL N   H2   sing N N 493 
VAL CA  C    sing N N 494 
VAL CA  CB   sing N N 495 
VAL CA  HA   sing N N 496 
VAL C   O    doub N N 497 
VAL C   OXT  sing N N 498 
VAL CB  CG1  sing N N 499 
VAL CB  CG2  sing N N 500 
VAL CB  HB   sing N N 501 
VAL CG1 HG11 sing N N 502 
VAL CG1 HG12 sing N N 503 
VAL CG1 HG13 sing N N 504 
VAL CG2 HG21 sing N N 505 
VAL CG2 HG22 sing N N 506 
VAL CG2 HG23 sing N N 507 
VAL OXT HXT  sing N N 508 
# 
loop_
_pdbx_entity_nonpoly.entity_id 
_pdbx_entity_nonpoly.name 
_pdbx_entity_nonpoly.comp_id 
2 'DODECAETHYLENE GLYCOL'                                                      12P 
3 '4-[BENZYL(CARBOXYMETHYL)CARBAMOYL]-2-PHENYL-1H-IMIDAZOLE-5-CARBOXYLIC ACID' 4G8 
4 water                                                                        HOH 
# 
_pdbx_initial_refinement_model.id               1 
_pdbx_initial_refinement_model.entity_id_list   ? 
_pdbx_initial_refinement_model.type             'experimental model' 
_pdbx_initial_refinement_model.source_name      PDB 
_pdbx_initial_refinement_model.accession_code   3KCE 
_pdbx_initial_refinement_model.details          'PDB ENTRY 3KCE' 
# 
